data_6F2V
#
_entry.id   6F2V
#
_cell.length_a   74.918
_cell.length_b   125.327
_cell.length_c   112.248
_cell.angle_alpha   90.00
_cell.angle_beta   96.91
_cell.angle_gamma   90.00
#
_symmetry.space_group_name_H-M   'P 1 21 1'
#
loop_
_entity.id
_entity.type
_entity.pdbx_description
1 polymer 'Ectonucleotide pyrophosphatase/phosphodiesterase family member 3'
2 branched 2-acetamido-2-deoxy-beta-D-glucopyranose-(1-4)-2-acetamido-2-deoxy-beta-D-glucopyranose
3 branched beta-D-mannopyranose-(1-4)-2-acetamido-2-deoxy-beta-D-glucopyranose-(1-4)-2-acetamido-2-deoxy-beta-D-glucopyranose
4 non-polymer 'ADENOSINE MONOPHOSPHATE'
5 non-polymer 'ZINC ION'
6 non-polymer 'CALCIUM ION'
7 non-polymer 2-acetamido-2-deoxy-beta-D-glucopyranose
8 water water
#
_entity_poly.entity_id   1
_entity_poly.type   'polypeptide(L)'
_entity_poly.pdbx_seq_one_letter_code
;AETGWVTEACASSQEPQCPEGFDQPPVILFSMDGFRAEYLQTWSTLLPNINKLKTCGLHSKYMRAVYPTKTFPNHYTIVT
GLYPESHGIIDNNMYDVYLNKNFSLSSVEKSNPAWWSGQPIWLTAMYQGLKAASYYWPGSDVAVNGSFPNIYRNYSNSVP
YESRIATLLQWLDLPKAERPSFYTIYVEEPDSAGHKSGPVSAGVIKALQLVDDAFGMLMEGLKQRNLHNCVNIIVLADHG
MDQTSCDRVEYMTDYFPEINFYMYQGPAPRIRTRNIPQDFFTFNSEEIVRDLSCRKSDQHFKPYLTPDLPKRLHYAKNVR
IDKVHLMVDRQWLAYRNKGSSNCEGGTHGYNNEFKSMEAIFLAHGPSFKEKTVIEPFENIEVYNLLCDLLHIQPAPNNGS
HGSLNHLLKAPFYQPSHAEELSKSAGCGFTTPLPKDSLNCSCLALQTSGQEEQVNQRLNLNRGEVSATEKTNLPFGRPRV
IQKNKDHCLLYHREYVSGFGKAMKMPMWSSYTVPKPGDTSSLPPTVPDCLRADVRVDPSESQKCSFYLADQNIDHGFLYP
PAIKGNNESQYDALITSNLVPMYKEFKKMWDYFHKVLLIKYAIERNGVNVVSGPIFDYNYDGHFDAPDEITNYVAGTDVP
VPTHYFVVLTSCKNKTHTPDSCPGWLDVLPFVVPHRPTNVESCPENKAEDLWVEERFKAHIARVRDVELLTGLDFYQEKT
QPVSEILQLKTYLPTFETIIGTKHHHHHH
;
_entity_poly.pdbx_strand_id   A,B
#
# COMPACT_ATOMS: atom_id res chain seq x y z
N TRP A 5 -11.53 -32.52 -21.27
CA TRP A 5 -10.36 -32.53 -20.38
C TRP A 5 -10.56 -31.64 -19.16
N VAL A 6 -11.01 -30.39 -19.37
CA VAL A 6 -11.21 -29.38 -18.33
C VAL A 6 -12.25 -29.83 -17.27
N THR A 7 -13.28 -30.60 -17.68
CA THR A 7 -14.32 -31.12 -16.79
C THR A 7 -13.93 -32.48 -16.19
N GLU A 8 -13.03 -33.21 -16.87
CA GLU A 8 -12.53 -34.54 -16.49
C GLU A 8 -11.73 -34.49 -15.17
N ALA A 9 -11.73 -35.61 -14.42
CA ALA A 9 -11.02 -35.76 -13.16
C ALA A 9 -9.51 -35.88 -13.36
N CYS A 10 -8.72 -35.73 -12.27
CA CYS A 10 -7.25 -35.86 -12.28
C CYS A 10 -6.88 -37.32 -12.56
N ALA A 11 -5.74 -37.53 -13.24
CA ALA A 11 -5.24 -38.87 -13.55
C ALA A 11 -4.54 -39.50 -12.34
N PRO A 16 1.17 -42.22 -16.33
CA PRO A 16 2.15 -42.76 -17.28
C PRO A 16 1.54 -43.43 -18.51
N GLN A 17 0.27 -43.09 -18.83
CA GLN A 17 -0.42 -43.66 -19.99
C GLN A 17 0.06 -43.01 -21.28
N CYS A 18 1.01 -43.69 -21.96
CA CYS A 18 1.57 -43.28 -23.23
C CYS A 18 1.12 -44.26 -24.32
N PRO A 19 0.65 -43.79 -25.49
CA PRO A 19 0.22 -44.72 -26.54
C PRO A 19 1.40 -45.37 -27.28
N GLU A 20 1.10 -46.27 -28.24
CA GLU A 20 2.11 -46.98 -29.05
C GLU A 20 3.05 -46.03 -29.78
N GLY A 21 4.34 -46.32 -29.70
CA GLY A 21 5.38 -45.51 -30.31
C GLY A 21 6.07 -44.60 -29.32
N PHE A 22 5.29 -43.99 -28.41
CA PHE A 22 5.76 -43.08 -27.38
C PHE A 22 6.42 -43.83 -26.21
N ASP A 23 7.66 -44.30 -26.42
CA ASP A 23 8.42 -45.03 -25.40
C ASP A 23 8.88 -44.09 -24.30
N GLN A 24 9.39 -42.91 -24.68
CA GLN A 24 9.82 -41.84 -23.78
C GLN A 24 8.77 -40.73 -23.79
N PRO A 25 8.46 -40.11 -22.63
CA PRO A 25 7.44 -39.04 -22.63
C PRO A 25 7.93 -37.76 -23.32
N PRO A 26 7.11 -37.13 -24.20
CA PRO A 26 7.57 -35.88 -24.84
C PRO A 26 7.56 -34.73 -23.84
N VAL A 27 8.46 -33.75 -24.01
CA VAL A 27 8.56 -32.61 -23.11
C VAL A 27 8.10 -31.34 -23.81
N ILE A 28 7.09 -30.64 -23.24
CA ILE A 28 6.60 -29.36 -23.76
C ILE A 28 6.86 -28.26 -22.74
N LEU A 29 7.60 -27.23 -23.14
CA LEU A 29 7.94 -26.07 -22.32
C LEU A 29 7.11 -24.89 -22.84
N PHE A 30 6.04 -24.54 -22.11
CA PHE A 30 5.08 -23.49 -22.43
C PHE A 30 5.37 -22.22 -21.63
N SER A 31 5.64 -21.10 -22.33
CA SER A 31 5.86 -19.82 -21.67
C SER A 31 4.75 -18.84 -21.96
N MET A 32 4.26 -18.20 -20.89
CA MET A 32 3.23 -17.17 -20.92
C MET A 32 3.94 -15.93 -20.36
N ASP A 33 4.42 -15.05 -21.26
CA ASP A 33 5.19 -13.85 -20.93
C ASP A 33 4.50 -12.96 -19.91
N GLY A 34 5.24 -12.57 -18.88
CA GLY A 34 4.77 -11.67 -17.82
C GLY A 34 3.68 -12.21 -16.92
N PHE A 35 3.54 -13.54 -16.83
CA PHE A 35 2.54 -14.18 -15.96
C PHE A 35 3.11 -14.24 -14.55
N ARG A 36 2.84 -13.21 -13.73
CA ARG A 36 3.35 -13.16 -12.36
C ARG A 36 2.67 -14.19 -11.45
N ALA A 37 3.39 -14.63 -10.40
CA ALA A 37 2.95 -15.63 -9.42
C ALA A 37 1.63 -15.25 -8.74
N GLU A 38 1.41 -13.93 -8.55
CA GLU A 38 0.24 -13.31 -7.95
C GLU A 38 -1.03 -13.60 -8.78
N TYR A 39 -0.92 -13.62 -10.13
CA TYR A 39 -2.04 -13.90 -11.04
C TYR A 39 -2.63 -15.27 -10.79
N LEU A 40 -1.76 -16.26 -10.49
CA LEU A 40 -2.18 -17.63 -10.21
C LEU A 40 -2.86 -17.73 -8.84
N GLN A 41 -2.26 -17.15 -7.80
CA GLN A 41 -2.81 -17.18 -6.43
C GLN A 41 -4.17 -16.49 -6.28
N THR A 42 -4.45 -15.48 -7.11
CA THR A 42 -5.69 -14.71 -7.02
C THR A 42 -6.74 -15.06 -8.09
N TRP A 43 -6.33 -15.16 -9.36
CA TRP A 43 -7.26 -15.36 -10.47
C TRP A 43 -7.33 -16.79 -11.05
N SER A 44 -6.72 -17.81 -10.40
CA SER A 44 -6.73 -19.20 -10.88
C SER A 44 -8.13 -19.76 -11.15
N THR A 45 -9.09 -19.52 -10.23
CA THR A 45 -10.48 -20.04 -10.35
C THR A 45 -11.24 -19.44 -11.56
N LEU A 46 -10.74 -18.32 -12.12
CA LEU A 46 -11.31 -17.67 -13.30
C LEU A 46 -10.72 -18.30 -14.58
N LEU A 47 -9.66 -19.11 -14.43
CA LEU A 47 -8.93 -19.78 -15.51
C LEU A 47 -9.08 -21.31 -15.31
N PRO A 48 -10.18 -21.93 -15.82
CA PRO A 48 -10.43 -23.37 -15.55
C PRO A 48 -9.38 -24.37 -16.04
N ASN A 49 -8.71 -24.09 -17.17
CA ASN A 49 -7.70 -25.01 -17.72
C ASN A 49 -6.40 -24.99 -16.92
N ILE A 50 -5.91 -23.79 -16.55
CA ILE A 50 -4.71 -23.60 -15.74
C ILE A 50 -5.00 -24.04 -14.29
N ASN A 51 -6.27 -23.87 -13.82
CA ASN A 51 -6.68 -24.29 -12.48
C ASN A 51 -6.68 -25.81 -12.34
N LYS A 52 -7.02 -26.55 -13.43
CA LYS A 52 -6.98 -28.02 -13.42
C LYS A 52 -5.53 -28.48 -13.32
N LEU A 53 -4.62 -27.82 -14.06
CA LEU A 53 -3.18 -28.06 -14.05
C LEU A 53 -2.62 -27.82 -12.63
N LYS A 54 -3.10 -26.75 -11.95
CA LYS A 54 -2.72 -26.39 -10.58
C LYS A 54 -3.23 -27.44 -9.58
N THR A 55 -4.48 -27.93 -9.77
CA THR A 55 -5.12 -28.93 -8.91
C THR A 55 -4.51 -30.33 -9.06
N CYS A 56 -4.41 -30.84 -10.30
CA CYS A 56 -3.94 -32.19 -10.62
C CYS A 56 -2.42 -32.34 -10.59
N GLY A 57 -1.71 -31.37 -11.14
CA GLY A 57 -0.26 -31.42 -11.23
C GLY A 57 0.50 -30.79 -10.09
N LEU A 58 1.75 -30.45 -10.38
CA LEU A 58 2.71 -29.83 -9.47
C LEU A 58 2.82 -28.33 -9.79
N HIS A 59 3.07 -27.52 -8.76
CA HIS A 59 3.29 -26.07 -8.89
C HIS A 59 4.09 -25.52 -7.72
N SER A 60 4.96 -24.54 -8.00
CA SER A 60 5.72 -23.87 -6.95
C SER A 60 4.96 -22.61 -6.55
N LYS A 61 5.16 -22.14 -5.30
CA LYS A 61 4.54 -20.91 -4.79
C LYS A 61 4.89 -19.75 -5.73
N TYR A 62 6.14 -19.78 -6.26
CA TYR A 62 6.69 -18.87 -7.26
C TYR A 62 8.03 -19.37 -7.80
N MET A 63 8.37 -18.96 -9.03
CA MET A 63 9.66 -19.26 -9.63
C MET A 63 10.41 -17.94 -9.72
N ARG A 64 11.58 -17.87 -9.07
CA ARG A 64 12.40 -16.67 -9.07
C ARG A 64 13.08 -16.50 -10.42
N ALA A 65 12.84 -15.35 -11.03
CA ALA A 65 13.43 -14.97 -12.31
C ALA A 65 14.87 -14.52 -12.08
N VAL A 66 15.58 -14.21 -13.15
CA VAL A 66 16.95 -13.74 -13.10
C VAL A 66 16.97 -12.22 -13.37
N TYR A 67 17.94 -11.51 -12.77
CA TYR A 67 18.05 -10.05 -12.94
C TYR A 67 18.86 -9.69 -14.20
N PRO A 68 18.40 -8.75 -15.08
CA PRO A 68 17.12 -8.02 -15.02
C PRO A 68 15.93 -8.87 -15.44
N THR A 69 14.77 -8.66 -14.79
CA THR A 69 13.56 -9.45 -15.02
C THR A 69 12.87 -9.04 -16.35
N LYS A 70 13.58 -9.27 -17.47
CA LYS A 70 13.16 -8.98 -18.86
C LYS A 70 12.99 -10.29 -19.63
N THR A 71 12.32 -10.26 -20.81
CA THR A 71 11.99 -11.40 -21.67
C THR A 71 13.21 -12.19 -22.18
N PHE A 72 14.08 -11.57 -22.99
CA PHE A 72 15.23 -12.23 -23.60
C PHE A 72 16.25 -12.78 -22.57
N PRO A 73 16.69 -12.05 -21.51
CA PRO A 73 17.61 -12.65 -20.55
C PRO A 73 17.04 -13.86 -19.81
N ASN A 74 15.77 -13.79 -19.40
CA ASN A 74 15.10 -14.85 -18.66
C ASN A 74 14.75 -16.07 -19.46
N HIS A 75 14.18 -15.90 -20.67
CA HIS A 75 13.83 -17.03 -21.54
C HIS A 75 15.06 -17.82 -21.95
N TYR A 76 16.19 -17.12 -22.20
CA TYR A 76 17.42 -17.77 -22.57
C TYR A 76 18.09 -18.44 -21.36
N THR A 77 17.83 -17.92 -20.13
CA THR A 77 18.32 -18.51 -18.87
C THR A 77 17.61 -19.84 -18.62
N ILE A 78 16.28 -19.89 -18.86
CA ILE A 78 15.44 -21.09 -18.67
C ILE A 78 15.97 -22.26 -19.51
N VAL A 79 16.33 -22.01 -20.78
CA VAL A 79 16.81 -23.03 -21.72
C VAL A 79 18.33 -23.32 -21.62
N THR A 80 19.12 -22.51 -20.88
CA THR A 80 20.57 -22.76 -20.76
C THR A 80 21.05 -23.11 -19.35
N GLY A 81 20.31 -22.65 -18.35
CA GLY A 81 20.67 -22.80 -16.94
C GLY A 81 21.79 -21.88 -16.54
N LEU A 82 22.02 -20.83 -17.35
CA LEU A 82 23.10 -19.84 -17.16
C LEU A 82 22.57 -18.47 -16.78
N TYR A 83 23.39 -17.70 -16.04
CA TYR A 83 23.08 -16.32 -15.67
C TYR A 83 23.32 -15.47 -16.92
N PRO A 84 22.55 -14.38 -17.16
CA PRO A 84 22.79 -13.53 -18.35
C PRO A 84 24.24 -13.15 -18.63
N GLU A 85 25.07 -12.97 -17.57
CA GLU A 85 26.50 -12.65 -17.71
C GLU A 85 27.31 -13.73 -18.43
N SER A 86 26.87 -15.01 -18.31
CA SER A 86 27.51 -16.15 -18.94
C SER A 86 26.95 -16.46 -20.33
N HIS A 87 25.60 -16.43 -20.50
CA HIS A 87 25.01 -16.72 -21.81
C HIS A 87 25.03 -15.52 -22.78
N GLY A 88 25.33 -14.33 -22.27
CA GLY A 88 25.50 -13.12 -23.07
C GLY A 88 24.29 -12.22 -23.28
N ILE A 89 23.07 -12.77 -23.17
CA ILE A 89 21.84 -11.99 -23.34
C ILE A 89 21.52 -11.31 -22.00
N ILE A 90 22.19 -10.18 -21.75
CA ILE A 90 22.10 -9.44 -20.48
C ILE A 90 20.89 -8.50 -20.43
N ASP A 91 20.29 -8.17 -21.59
CA ASP A 91 19.13 -7.29 -21.71
C ASP A 91 18.47 -7.47 -23.08
N ASN A 92 17.28 -6.87 -23.29
CA ASN A 92 16.58 -6.89 -24.58
C ASN A 92 17.29 -5.92 -25.51
N ASN A 93 17.89 -4.86 -24.94
CA ASN A 93 18.66 -3.82 -25.64
C ASN A 93 20.05 -3.74 -25.02
N MET A 94 21.09 -4.01 -25.82
CA MET A 94 22.50 -4.00 -25.37
C MET A 94 23.48 -3.67 -26.48
N TYR A 95 24.74 -3.39 -26.09
CA TYR A 95 25.83 -3.06 -27.02
C TYR A 95 27.11 -3.81 -26.65
N ASP A 96 27.72 -4.45 -27.66
CA ASP A 96 29.00 -5.16 -27.52
C ASP A 96 30.06 -4.26 -28.16
N VAL A 97 31.10 -3.92 -27.38
CA VAL A 97 32.20 -3.05 -27.81
C VAL A 97 33.08 -3.71 -28.88
N TYR A 98 33.42 -5.01 -28.71
CA TYR A 98 34.28 -5.77 -29.64
C TYR A 98 33.62 -6.02 -30.99
N LEU A 99 32.31 -6.34 -30.98
CA LEU A 99 31.53 -6.56 -32.19
C LEU A 99 31.16 -5.23 -32.86
N ASN A 100 31.05 -4.15 -32.04
CA ASN A 100 30.64 -2.78 -32.44
C ASN A 100 29.28 -2.84 -33.16
N LYS A 101 28.32 -3.53 -32.52
CA LYS A 101 26.96 -3.72 -33.01
C LYS A 101 25.97 -3.54 -31.87
N ASN A 102 24.76 -3.06 -32.18
CA ASN A 102 23.68 -2.84 -31.23
C ASN A 102 22.65 -3.95 -31.33
N PHE A 103 22.25 -4.50 -30.18
CA PHE A 103 21.24 -5.56 -30.08
C PHE A 103 19.94 -4.94 -29.59
N SER A 104 18.82 -5.31 -30.24
CA SER A 104 17.45 -4.89 -29.92
C SER A 104 16.44 -5.90 -30.48
N LEU A 105 15.17 -5.82 -30.04
CA LEU A 105 14.11 -6.72 -30.51
C LEU A 105 13.63 -6.35 -31.92
N SER A 106 13.79 -5.07 -32.30
CA SER A 106 13.37 -4.52 -33.59
C SER A 106 14.54 -4.37 -34.59
N SER A 107 15.67 -5.06 -34.31
CA SER A 107 16.87 -5.04 -35.14
C SER A 107 17.14 -6.43 -35.74
N VAL A 108 17.97 -6.47 -36.81
CA VAL A 108 18.35 -7.70 -37.50
C VAL A 108 19.45 -8.44 -36.69
N GLU A 109 20.18 -7.69 -35.83
CA GLU A 109 21.27 -8.19 -34.98
C GLU A 109 20.88 -9.25 -33.95
N LYS A 110 19.57 -9.40 -33.66
CA LYS A 110 19.05 -10.42 -32.74
C LYS A 110 19.26 -11.85 -33.26
N SER A 111 19.36 -12.00 -34.60
CA SER A 111 19.56 -13.26 -35.31
C SER A 111 21.04 -13.62 -35.49
N ASN A 112 21.96 -12.71 -35.08
CA ASN A 112 23.40 -12.94 -35.15
C ASN A 112 23.81 -13.89 -34.01
N PRO A 113 24.37 -15.09 -34.33
CA PRO A 113 24.73 -16.05 -33.27
C PRO A 113 25.87 -15.64 -32.34
N ALA A 114 26.62 -14.58 -32.69
CA ALA A 114 27.75 -14.04 -31.91
C ALA A 114 27.32 -13.57 -30.50
N TRP A 115 26.05 -13.17 -30.35
CA TRP A 115 25.46 -12.70 -29.09
C TRP A 115 25.06 -13.87 -28.17
N TRP A 116 24.74 -15.03 -28.75
CA TRP A 116 24.21 -16.19 -28.03
C TRP A 116 25.27 -17.22 -27.65
N SER A 117 25.67 -17.22 -26.36
CA SER A 117 26.64 -18.16 -25.79
C SER A 117 25.90 -19.26 -25.04
N GLY A 118 26.63 -20.31 -24.65
CA GLY A 118 26.04 -21.43 -23.93
C GLY A 118 25.34 -22.43 -24.83
N GLN A 119 24.72 -23.45 -24.22
CA GLN A 119 24.05 -24.51 -24.96
C GLN A 119 22.57 -24.64 -24.58
N PRO A 120 21.64 -24.08 -25.39
CA PRO A 120 20.20 -24.23 -25.09
C PRO A 120 19.75 -25.69 -25.17
N ILE A 121 18.75 -26.06 -24.35
CA ILE A 121 18.19 -27.40 -24.18
C ILE A 121 17.84 -28.10 -25.52
N TRP A 122 17.42 -27.34 -26.56
CA TRP A 122 17.14 -27.95 -27.87
C TRP A 122 18.41 -28.49 -28.51
N LEU A 123 19.55 -27.76 -28.39
CA LEU A 123 20.85 -28.20 -28.90
C LEU A 123 21.36 -29.42 -28.14
N THR A 124 21.18 -29.43 -26.79
CA THR A 124 21.58 -30.52 -25.90
C THR A 124 20.89 -31.83 -26.29
N ALA A 125 19.58 -31.76 -26.59
CA ALA A 125 18.79 -32.91 -27.03
C ALA A 125 19.23 -33.36 -28.42
N MET A 126 19.49 -32.40 -29.34
CA MET A 126 19.92 -32.67 -30.72
C MET A 126 21.30 -33.30 -30.80
N TYR A 127 22.22 -32.88 -29.91
CA TYR A 127 23.59 -33.42 -29.85
C TYR A 127 23.59 -34.83 -29.25
N GLN A 128 22.52 -35.19 -28.51
CA GLN A 128 22.41 -36.48 -27.84
C GLN A 128 21.35 -37.42 -28.47
N GLY A 129 21.16 -37.29 -29.79
CA GLY A 129 20.29 -38.15 -30.58
C GLY A 129 18.79 -37.94 -30.56
N LEU A 130 18.30 -36.82 -29.98
CA LEU A 130 16.87 -36.53 -29.93
C LEU A 130 16.50 -35.36 -30.84
N LYS A 131 15.24 -35.34 -31.32
CA LYS A 131 14.75 -34.26 -32.18
C LYS A 131 14.06 -33.17 -31.34
N ALA A 132 14.23 -31.89 -31.73
CA ALA A 132 13.65 -30.76 -31.01
C ALA A 132 12.92 -29.77 -31.91
N ALA A 133 11.70 -29.40 -31.52
CA ALA A 133 10.83 -28.45 -32.23
C ALA A 133 10.51 -27.25 -31.37
N SER A 134 10.20 -26.10 -32.01
CA SER A 134 9.87 -24.88 -31.27
C SER A 134 8.94 -23.94 -32.03
N TYR A 135 7.83 -23.53 -31.38
CA TYR A 135 6.93 -22.54 -31.94
C TYR A 135 7.15 -21.30 -31.09
N TYR A 136 8.24 -20.57 -31.44
CA TYR A 136 8.78 -19.38 -30.78
C TYR A 136 9.44 -19.73 -29.45
N TRP A 137 10.42 -18.89 -29.07
CA TRP A 137 11.25 -18.87 -27.85
C TRP A 137 12.50 -18.10 -28.18
N PRO A 138 12.87 -17.04 -27.42
CA PRO A 138 14.11 -16.30 -27.74
C PRO A 138 15.30 -17.23 -27.93
N GLY A 139 15.92 -17.14 -29.10
CA GLY A 139 17.05 -17.96 -29.49
C GLY A 139 16.71 -19.15 -30.36
N SER A 140 15.42 -19.54 -30.43
CA SER A 140 14.99 -20.69 -31.23
C SER A 140 14.98 -20.40 -32.73
N ASP A 141 14.81 -19.12 -33.13
CA ASP A 141 14.89 -18.72 -34.53
C ASP A 141 16.27 -18.11 -34.85
N VAL A 142 17.28 -18.49 -34.03
CA VAL A 142 18.68 -18.07 -34.14
C VAL A 142 19.53 -19.34 -34.29
N ALA A 143 20.51 -19.33 -35.21
CA ALA A 143 21.42 -20.45 -35.44
C ALA A 143 22.52 -20.49 -34.36
N VAL A 144 22.11 -20.72 -33.10
CA VAL A 144 22.99 -20.79 -31.92
C VAL A 144 24.00 -21.93 -32.11
N ASN A 145 25.31 -21.60 -32.04
CA ASN A 145 26.44 -22.53 -32.23
C ASN A 145 26.37 -23.21 -33.62
N GLY A 146 25.95 -22.43 -34.62
CA GLY A 146 25.81 -22.86 -36.01
C GLY A 146 24.66 -23.83 -36.28
N SER A 147 23.67 -23.91 -35.38
CA SER A 147 22.53 -24.82 -35.54
C SER A 147 21.19 -24.28 -35.04
N PHE A 148 20.13 -24.59 -35.80
CA PHE A 148 18.73 -24.25 -35.50
C PHE A 148 18.03 -25.52 -34.98
N PRO A 149 16.89 -25.44 -34.25
CA PRO A 149 16.17 -26.67 -33.87
C PRO A 149 15.64 -27.38 -35.11
N ASN A 150 15.44 -28.72 -35.07
CA ASN A 150 14.94 -29.52 -36.19
C ASN A 150 13.76 -28.85 -36.88
N ILE A 151 12.80 -28.35 -36.08
CA ILE A 151 11.64 -27.59 -36.55
C ILE A 151 11.56 -26.31 -35.72
N TYR A 152 11.54 -25.16 -36.39
CA TYR A 152 11.45 -23.85 -35.73
C TYR A 152 10.56 -22.91 -36.53
N ARG A 153 10.16 -21.80 -35.90
CA ARG A 153 9.33 -20.78 -36.55
C ARG A 153 9.94 -19.41 -36.34
N ASN A 154 10.16 -18.65 -37.43
CA ASN A 154 10.66 -17.27 -37.37
C ASN A 154 9.59 -16.46 -36.65
N TYR A 155 10.01 -15.69 -35.64
CA TYR A 155 9.12 -14.92 -34.78
C TYR A 155 8.16 -13.99 -35.53
N SER A 156 6.87 -14.07 -35.17
CA SER A 156 5.74 -13.32 -35.69
C SER A 156 4.72 -13.22 -34.53
N ASN A 157 4.73 -12.07 -33.83
CA ASN A 157 3.96 -11.79 -32.61
C ASN A 157 2.42 -11.86 -32.71
N SER A 158 1.85 -11.67 -33.90
CA SER A 158 0.40 -11.63 -34.06
C SER A 158 -0.27 -12.94 -34.54
N VAL A 159 0.52 -14.02 -34.76
CA VAL A 159 -0.03 -15.31 -35.17
C VAL A 159 -0.97 -15.84 -34.06
N PRO A 160 -2.27 -16.07 -34.37
CA PRO A 160 -3.21 -16.54 -33.33
C PRO A 160 -2.74 -17.79 -32.60
N TYR A 161 -2.98 -17.83 -31.27
CA TYR A 161 -2.57 -18.91 -30.38
C TYR A 161 -3.04 -20.29 -30.85
N GLU A 162 -4.26 -20.37 -31.45
CA GLU A 162 -4.80 -21.61 -31.98
C GLU A 162 -3.90 -22.19 -33.06
N SER A 163 -3.37 -21.33 -33.96
CA SER A 163 -2.47 -21.73 -35.05
C SER A 163 -1.13 -22.25 -34.51
N ARG A 164 -0.63 -21.65 -33.42
CA ARG A 164 0.62 -22.05 -32.75
C ARG A 164 0.43 -23.46 -32.16
N ILE A 165 -0.70 -23.67 -31.44
CA ILE A 165 -1.10 -24.93 -30.82
C ILE A 165 -1.30 -26.03 -31.88
N ALA A 166 -2.05 -25.71 -32.95
CA ALA A 166 -2.37 -26.63 -34.06
C ALA A 166 -1.12 -27.18 -34.77
N THR A 167 -0.09 -26.33 -34.98
CA THR A 167 1.17 -26.71 -35.62
C THR A 167 1.97 -27.62 -34.69
N LEU A 168 1.92 -27.36 -33.36
CA LEU A 168 2.61 -28.16 -32.35
C LEU A 168 1.98 -29.56 -32.26
N LEU A 169 0.64 -29.64 -32.43
CA LEU A 169 -0.11 -30.90 -32.42
C LEU A 169 0.19 -31.72 -33.67
N GLN A 170 0.49 -31.05 -34.81
CA GLN A 170 0.88 -31.68 -36.08
C GLN A 170 2.24 -32.35 -35.91
N TRP A 171 3.15 -31.71 -35.14
CA TRP A 171 4.50 -32.21 -34.85
C TRP A 171 4.44 -33.48 -33.98
N LEU A 172 3.43 -33.59 -33.11
CA LEU A 172 3.22 -34.75 -32.25
C LEU A 172 2.55 -35.90 -33.01
N ASP A 173 1.95 -35.58 -34.17
CA ASP A 173 1.29 -36.54 -35.07
C ASP A 173 2.29 -37.12 -36.10
N LEU A 174 3.50 -36.53 -36.17
CA LEU A 174 4.58 -36.94 -37.08
C LEU A 174 5.09 -38.37 -36.77
N PRO A 175 5.59 -39.14 -37.78
CA PRO A 175 6.11 -40.49 -37.48
C PRO A 175 7.30 -40.44 -36.52
N LYS A 176 7.42 -41.45 -35.64
CA LYS A 176 8.45 -41.60 -34.59
C LYS A 176 9.86 -41.13 -35.00
N ALA A 177 10.30 -41.46 -36.23
CA ALA A 177 11.62 -41.09 -36.77
C ALA A 177 11.78 -39.58 -36.94
N GLU A 178 10.71 -38.88 -37.37
CA GLU A 178 10.70 -37.42 -37.58
C GLU A 178 10.25 -36.66 -36.34
N ARG A 179 9.38 -37.27 -35.52
CA ARG A 179 8.75 -36.71 -34.33
C ARG A 179 9.73 -36.22 -33.25
N PRO A 180 9.66 -34.92 -32.88
CA PRO A 180 10.54 -34.39 -31.84
C PRO A 180 10.16 -34.84 -30.43
N SER A 181 11.16 -34.88 -29.54
CA SER A 181 11.00 -35.28 -28.13
C SER A 181 10.83 -34.04 -27.25
N PHE A 182 11.42 -32.90 -27.66
CA PHE A 182 11.35 -31.64 -26.93
C PHE A 182 10.65 -30.56 -27.74
N TYR A 183 9.78 -29.79 -27.09
CA TYR A 183 9.00 -28.71 -27.68
C TYR A 183 8.98 -27.46 -26.83
N THR A 184 9.03 -26.29 -27.48
CA THR A 184 8.85 -24.99 -26.81
C THR A 184 7.67 -24.30 -27.49
N ILE A 185 6.90 -23.54 -26.70
CA ILE A 185 5.78 -22.75 -27.18
C ILE A 185 5.71 -21.48 -26.34
N TYR A 186 5.79 -20.32 -27.02
CA TYR A 186 5.79 -19.01 -26.39
C TYR A 186 4.54 -18.21 -26.74
N VAL A 187 4.03 -17.47 -25.75
CA VAL A 187 2.86 -16.61 -25.83
C VAL A 187 3.21 -15.23 -25.22
N GLU A 188 2.77 -14.14 -25.88
CA GLU A 188 3.04 -12.75 -25.49
C GLU A 188 2.24 -12.25 -24.28
N GLU A 189 1.08 -12.87 -24.01
CA GLU A 189 0.22 -12.47 -22.89
C GLU A 189 0.47 -13.29 -21.60
N PRO A 190 0.20 -12.76 -20.38
CA PRO A 190 -0.42 -11.46 -20.05
C PRO A 190 0.55 -10.26 -19.92
N ASP A 191 1.74 -10.32 -20.54
CA ASP A 191 2.74 -9.25 -20.49
C ASP A 191 2.28 -7.97 -21.21
N SER A 192 1.77 -8.11 -22.45
CA SER A 192 1.29 -7.00 -23.28
C SER A 192 0.20 -6.19 -22.56
N ALA A 193 -0.77 -6.88 -21.93
CA ALA A 193 -1.86 -6.28 -21.17
C ALA A 193 -1.35 -5.61 -19.89
N GLY A 194 -0.32 -6.20 -19.29
CA GLY A 194 0.33 -5.70 -18.08
C GLY A 194 1.00 -4.36 -18.32
N HIS A 195 1.64 -4.20 -19.49
CA HIS A 195 2.28 -2.96 -19.90
C HIS A 195 1.25 -1.88 -20.20
N LYS A 196 0.10 -2.27 -20.80
CA LYS A 196 -0.97 -1.37 -21.19
C LYS A 196 -1.77 -0.79 -20.03
N SER A 197 -2.26 -1.64 -19.12
CA SER A 197 -3.16 -1.21 -18.04
C SER A 197 -2.73 -1.55 -16.59
N GLY A 198 -1.58 -2.19 -16.41
CA GLY A 198 -1.08 -2.54 -15.07
C GLY A 198 -1.40 -3.97 -14.65
N PRO A 199 -0.72 -4.48 -13.58
CA PRO A 199 -0.96 -5.87 -13.14
C PRO A 199 -2.36 -6.16 -12.58
N VAL A 200 -3.05 -5.15 -12.02
CA VAL A 200 -4.40 -5.35 -11.50
C VAL A 200 -5.35 -4.45 -12.31
N SER A 201 -5.87 -5.03 -13.42
CA SER A 201 -6.73 -4.38 -14.40
C SER A 201 -7.61 -5.39 -15.15
N ALA A 202 -8.62 -4.90 -15.90
CA ALA A 202 -9.52 -5.73 -16.71
C ALA A 202 -8.80 -6.31 -17.93
N GLY A 203 -7.80 -5.59 -18.43
CA GLY A 203 -6.97 -5.98 -19.56
C GLY A 203 -6.19 -7.26 -19.28
N VAL A 204 -5.58 -7.36 -18.08
CA VAL A 204 -4.82 -8.55 -17.67
C VAL A 204 -5.75 -9.76 -17.45
N ILE A 205 -6.98 -9.52 -16.92
CA ILE A 205 -7.98 -10.58 -16.71
C ILE A 205 -8.34 -11.23 -18.05
N LYS A 206 -8.62 -10.39 -19.08
CA LYS A 206 -8.93 -10.83 -20.44
C LYS A 206 -7.76 -11.59 -21.05
N ALA A 207 -6.52 -11.11 -20.80
CA ALA A 207 -5.27 -11.73 -21.29
C ALA A 207 -5.01 -13.07 -20.61
N LEU A 208 -5.33 -13.19 -19.30
CA LEU A 208 -5.18 -14.42 -18.53
C LEU A 208 -6.18 -15.46 -19.01
N GLN A 209 -7.40 -15.02 -19.40
CA GLN A 209 -8.45 -15.88 -19.95
C GLN A 209 -8.07 -16.36 -21.35
N LEU A 210 -7.38 -15.49 -22.12
CA LEU A 210 -6.89 -15.76 -23.48
C LEU A 210 -5.81 -16.83 -23.47
N VAL A 211 -4.88 -16.78 -22.49
CA VAL A 211 -3.79 -17.77 -22.36
C VAL A 211 -4.33 -19.10 -21.81
N ASP A 212 -5.42 -19.04 -21.02
CA ASP A 212 -6.10 -20.21 -20.47
C ASP A 212 -6.77 -21.01 -21.60
N ASP A 213 -7.36 -20.31 -22.60
CA ASP A 213 -8.00 -20.92 -23.76
C ASP A 213 -6.95 -21.61 -24.63
N ALA A 214 -5.76 -20.97 -24.80
CA ALA A 214 -4.62 -21.48 -25.57
C ALA A 214 -4.09 -22.77 -24.95
N PHE A 215 -3.94 -22.80 -23.60
CA PHE A 215 -3.50 -23.98 -22.86
C PHE A 215 -4.57 -25.08 -22.91
N GLY A 216 -5.84 -24.67 -22.88
CA GLY A 216 -6.99 -25.54 -22.97
C GLY A 216 -7.08 -26.26 -24.29
N MET A 217 -6.76 -25.54 -25.39
CA MET A 217 -6.72 -26.05 -26.76
C MET A 217 -5.64 -27.11 -26.91
N LEU A 218 -4.49 -26.90 -26.23
CA LEU A 218 -3.35 -27.83 -26.23
C LEU A 218 -3.71 -29.13 -25.51
N MET A 219 -4.22 -29.01 -24.27
CA MET A 219 -4.64 -30.15 -23.44
C MET A 219 -5.78 -30.96 -24.06
N GLU A 220 -6.74 -30.28 -24.71
CA GLU A 220 -7.86 -30.94 -25.41
C GLU A 220 -7.35 -31.64 -26.67
N GLY A 221 -6.36 -31.02 -27.33
CA GLY A 221 -5.69 -31.57 -28.50
C GLY A 221 -4.90 -32.81 -28.15
N LEU A 222 -4.24 -32.79 -26.97
CA LEU A 222 -3.47 -33.92 -26.45
C LEU A 222 -4.37 -35.07 -26.03
N LYS A 223 -5.54 -34.75 -25.41
CA LYS A 223 -6.54 -35.72 -24.96
C LYS A 223 -7.08 -36.57 -26.11
N GLN A 224 -7.27 -35.94 -27.30
CA GLN A 224 -7.74 -36.60 -28.53
C GLN A 224 -6.71 -37.61 -29.02
N ARG A 225 -5.42 -37.32 -28.83
CA ARG A 225 -4.28 -38.15 -29.22
C ARG A 225 -3.88 -39.12 -28.09
N ASN A 226 -4.57 -39.02 -26.93
CA ASN A 226 -4.32 -39.79 -25.69
C ASN A 226 -2.91 -39.52 -25.13
N LEU A 227 -2.45 -38.27 -25.26
CA LEU A 227 -1.15 -37.78 -24.81
C LEU A 227 -1.23 -36.82 -23.62
N HIS A 228 -2.46 -36.52 -23.12
CA HIS A 228 -2.71 -35.60 -22.01
C HIS A 228 -2.09 -36.04 -20.67
N ASN A 229 -1.83 -37.35 -20.51
CA ASN A 229 -1.21 -37.93 -19.32
C ASN A 229 0.14 -38.57 -19.64
N CYS A 230 0.59 -38.43 -20.91
CA CYS A 230 1.84 -38.94 -21.43
C CYS A 230 2.90 -37.84 -21.48
N VAL A 231 2.52 -36.67 -21.99
CA VAL A 231 3.36 -35.50 -22.18
C VAL A 231 3.77 -34.88 -20.83
N ASN A 232 5.09 -34.60 -20.67
CA ASN A 232 5.63 -33.91 -19.50
C ASN A 232 5.58 -32.42 -19.84
N ILE A 233 4.46 -31.77 -19.48
CA ILE A 233 4.21 -30.35 -19.74
C ILE A 233 4.67 -29.46 -18.59
N ILE A 234 5.35 -28.35 -18.92
CA ILE A 234 5.82 -27.34 -17.99
C ILE A 234 5.27 -25.98 -18.46
N VAL A 235 4.46 -25.34 -17.61
CA VAL A 235 3.89 -24.03 -17.88
C VAL A 235 4.54 -23.04 -16.92
N LEU A 236 5.32 -22.11 -17.47
CA LEU A 236 6.03 -21.11 -16.68
C LEU A 236 6.01 -19.72 -17.32
N ALA A 237 6.68 -18.77 -16.68
CA ALA A 237 6.82 -17.40 -17.13
C ALA A 237 8.27 -16.94 -16.97
N ASP A 238 8.65 -15.94 -17.75
CA ASP A 238 9.99 -15.34 -17.73
C ASP A 238 10.16 -14.39 -16.53
N HIS A 239 9.10 -13.66 -16.16
CA HIS A 239 9.11 -12.67 -15.07
C HIS A 239 7.68 -12.31 -14.65
N GLY A 240 7.59 -11.36 -13.71
CA GLY A 240 6.32 -10.83 -13.22
C GLY A 240 5.94 -9.51 -13.86
N MET A 241 5.11 -8.73 -13.14
CA MET A 241 4.60 -7.42 -13.59
C MET A 241 4.27 -6.52 -12.40
N ASP A 242 4.58 -5.22 -12.51
CA ASP A 242 4.29 -4.23 -11.47
C ASP A 242 3.70 -2.96 -12.10
N GLN A 243 3.02 -2.15 -11.28
CA GLN A 243 2.39 -0.91 -11.73
C GLN A 243 3.37 0.25 -11.76
N THR A 244 3.30 1.08 -12.82
CA THR A 244 4.13 2.26 -13.00
C THR A 244 3.27 3.51 -13.04
N SER A 245 3.86 4.65 -12.67
CA SER A 245 3.18 5.94 -12.65
C SER A 245 4.10 7.04 -13.15
N CYS A 246 3.50 8.07 -13.77
CA CYS A 246 4.23 9.24 -14.26
C CYS A 246 4.66 10.14 -13.08
N ASP A 247 4.09 9.87 -11.89
CA ASP A 247 4.37 10.55 -10.64
C ASP A 247 5.46 9.78 -9.86
N ARG A 248 5.86 8.59 -10.38
CA ARG A 248 6.89 7.73 -9.79
C ARG A 248 8.06 7.51 -10.76
N VAL A 249 8.69 8.60 -11.23
CA VAL A 249 9.82 8.51 -12.15
C VAL A 249 10.90 9.56 -11.80
N GLU A 250 12.13 9.06 -11.58
CA GLU A 250 13.33 9.83 -11.25
C GLU A 250 13.99 10.28 -12.55
N TYR A 251 14.43 11.54 -12.61
CA TYR A 251 15.07 12.10 -13.80
C TYR A 251 16.53 12.45 -13.55
N MET A 252 17.40 12.09 -14.52
CA MET A 252 18.85 12.34 -14.45
C MET A 252 19.21 13.83 -14.55
N THR A 253 18.27 14.66 -15.08
CA THR A 253 18.42 16.12 -15.21
C THR A 253 18.43 16.80 -13.83
N ASP A 254 17.82 16.15 -12.82
CA ASP A 254 17.73 16.60 -11.44
C ASP A 254 19.03 16.34 -10.65
N TYR A 255 19.97 15.58 -11.25
CA TYR A 255 21.25 15.22 -10.65
C TYR A 255 22.46 15.77 -11.41
N PHE A 256 22.36 15.81 -12.76
CA PHE A 256 23.42 16.32 -13.63
C PHE A 256 23.04 17.64 -14.33
N PRO A 257 23.95 18.64 -14.40
CA PRO A 257 23.62 19.90 -15.08
C PRO A 257 23.56 19.76 -16.61
N GLU A 258 24.32 18.80 -17.16
CA GLU A 258 24.42 18.49 -18.59
C GLU A 258 24.67 17.00 -18.74
N ILE A 259 23.79 16.31 -19.47
CA ILE A 259 23.91 14.86 -19.72
C ILE A 259 24.61 14.62 -21.05
N ASN A 260 25.87 14.15 -20.98
CA ASN A 260 26.71 13.85 -22.13
C ASN A 260 26.82 12.33 -22.35
N PHE A 261 26.23 11.56 -21.42
CA PHE A 261 26.25 10.09 -21.43
C PHE A 261 24.99 9.46 -22.03
N TYR A 262 25.10 8.17 -22.41
CA TYR A 262 23.99 7.37 -22.92
C TYR A 262 23.42 6.58 -21.75
N MET A 263 22.09 6.43 -21.71
CA MET A 263 21.41 5.71 -20.65
C MET A 263 20.37 4.74 -21.18
N TYR A 264 20.43 3.49 -20.69
CA TYR A 264 19.45 2.44 -20.97
C TYR A 264 18.44 2.68 -19.85
N GLN A 265 17.33 3.38 -20.14
CA GLN A 265 16.35 3.78 -19.13
C GLN A 265 15.29 2.71 -18.81
N GLY A 266 14.58 2.92 -17.69
CA GLY A 266 13.52 2.04 -17.22
C GLY A 266 13.72 1.50 -15.81
N PRO A 267 13.38 0.21 -15.58
CA PRO A 267 13.51 -0.36 -14.22
C PRO A 267 14.89 -0.91 -13.85
N ALA A 268 15.75 -1.19 -14.84
CA ALA A 268 17.11 -1.69 -14.64
C ALA A 268 18.10 -0.84 -15.46
N PRO A 269 18.35 0.43 -15.07
CA PRO A 269 19.21 1.30 -15.88
C PRO A 269 20.70 1.01 -15.88
N ARG A 270 21.32 1.26 -17.04
CA ARG A 270 22.74 1.09 -17.33
C ARG A 270 23.23 2.36 -18.03
N ILE A 271 24.32 2.96 -17.54
CA ILE A 271 24.89 4.19 -18.10
C ILE A 271 26.25 3.91 -18.75
N ARG A 272 26.44 4.45 -19.97
CA ARG A 272 27.68 4.34 -20.76
C ARG A 272 27.95 5.63 -21.54
N THR A 273 29.04 5.64 -22.33
CA THR A 273 29.40 6.78 -23.17
C THR A 273 28.62 6.77 -24.49
N ARG A 274 28.40 7.96 -25.07
CA ARG A 274 27.73 8.09 -26.36
C ARG A 274 28.76 7.85 -27.48
N ASN A 275 30.04 8.21 -27.21
CA ASN A 275 31.17 8.05 -28.13
C ASN A 275 31.72 6.61 -28.09
N ILE A 276 30.98 5.67 -28.69
CA ILE A 276 31.32 4.25 -28.78
C ILE A 276 31.86 3.88 -30.17
N PRO A 277 32.91 3.02 -30.31
CA PRO A 277 33.62 2.25 -29.27
C PRO A 277 34.88 2.90 -28.66
N GLN A 278 35.27 4.10 -29.12
CA GLN A 278 36.50 4.78 -28.67
C GLN A 278 36.55 5.09 -27.16
N ASP A 279 35.48 5.68 -26.59
CA ASP A 279 35.45 6.07 -25.18
C ASP A 279 34.87 5.02 -24.21
N PHE A 280 34.49 3.82 -24.70
CA PHE A 280 33.87 2.75 -23.90
C PHE A 280 34.62 2.44 -22.59
N PHE A 281 35.88 2.01 -22.67
CA PHE A 281 36.69 1.66 -21.51
C PHE A 281 37.26 2.89 -20.79
N THR A 282 37.46 3.99 -21.55
CA THR A 282 37.99 5.27 -21.07
C THR A 282 37.00 5.98 -20.14
N PHE A 283 35.67 5.82 -20.40
CA PHE A 283 34.55 6.43 -19.68
C PHE A 283 34.69 6.35 -18.16
N ASN A 284 34.58 7.52 -17.48
CA ASN A 284 34.69 7.58 -16.03
C ASN A 284 33.41 7.07 -15.37
N SER A 285 33.34 5.74 -15.22
CA SER A 285 32.20 5.04 -14.62
C SER A 285 32.10 5.31 -13.13
N GLU A 286 33.26 5.37 -12.44
CA GLU A 286 33.39 5.61 -11.00
C GLU A 286 32.94 7.03 -10.59
N GLU A 287 33.02 8.00 -11.52
CA GLU A 287 32.58 9.39 -11.28
C GLU A 287 31.05 9.47 -11.26
N ILE A 288 30.39 8.79 -12.24
CA ILE A 288 28.92 8.74 -12.39
C ILE A 288 28.25 8.18 -11.14
N VAL A 289 28.76 7.04 -10.61
CA VAL A 289 28.22 6.39 -9.41
C VAL A 289 28.42 7.27 -8.16
N ARG A 290 29.57 7.96 -8.08
CA ARG A 290 29.92 8.87 -6.99
C ARG A 290 29.05 10.12 -7.01
N ASP A 291 28.78 10.67 -8.22
CA ASP A 291 27.95 11.86 -8.41
C ASP A 291 26.45 11.60 -8.22
N LEU A 292 26.03 10.32 -8.22
CA LEU A 292 24.64 9.91 -8.02
C LEU A 292 24.38 9.30 -6.63
N SER A 293 25.45 9.10 -5.83
CA SER A 293 25.38 8.52 -4.49
C SER A 293 24.94 9.51 -3.42
N CYS A 294 23.88 9.16 -2.68
CA CYS A 294 23.30 9.90 -1.54
C CYS A 294 23.08 11.40 -1.83
N ARG A 295 22.49 11.70 -3.00
CA ARG A 295 22.23 13.07 -3.44
C ARG A 295 20.96 13.64 -2.81
N LYS A 296 19.90 12.83 -2.73
CA LYS A 296 18.60 13.18 -2.17
C LYS A 296 18.26 12.19 -1.03
N SER A 297 17.67 12.71 0.06
CA SER A 297 17.28 11.93 1.25
C SER A 297 16.29 10.80 0.92
N ASP A 298 15.33 11.07 0.02
CA ASP A 298 14.32 10.11 -0.41
C ASP A 298 14.56 9.60 -1.85
N GLN A 299 15.84 9.34 -2.19
CA GLN A 299 16.30 8.86 -3.50
C GLN A 299 15.67 7.49 -3.82
N HIS A 300 14.99 7.38 -4.97
CA HIS A 300 14.27 6.17 -5.38
C HIS A 300 15.09 5.23 -6.30
N PHE A 301 16.42 5.39 -6.28
CA PHE A 301 17.39 4.57 -7.02
C PHE A 301 18.75 4.61 -6.32
N LYS A 302 19.56 3.56 -6.50
CA LYS A 302 20.88 3.49 -5.90
C LYS A 302 21.95 3.19 -6.96
N PRO A 303 22.95 4.10 -7.13
CA PRO A 303 24.01 3.84 -8.12
C PRO A 303 24.98 2.78 -7.62
N TYR A 304 25.46 1.94 -8.55
CA TYR A 304 26.39 0.87 -8.26
C TYR A 304 27.37 0.68 -9.39
N LEU A 305 28.62 0.39 -9.02
CA LEU A 305 29.66 -0.04 -9.94
C LEU A 305 29.37 -1.56 -9.93
N THR A 306 29.18 -2.18 -11.11
CA THR A 306 28.76 -3.60 -11.22
C THR A 306 29.48 -4.58 -10.24
N PRO A 307 30.81 -4.54 -9.95
CA PRO A 307 31.36 -5.49 -8.96
C PRO A 307 30.86 -5.28 -7.52
N ASP A 308 30.27 -4.10 -7.22
CA ASP A 308 29.71 -3.73 -5.91
C ASP A 308 28.25 -4.16 -5.73
N LEU A 309 27.58 -4.55 -6.83
CA LEU A 309 26.18 -5.02 -6.82
C LEU A 309 26.05 -6.29 -5.96
N PRO A 310 24.89 -6.53 -5.29
CA PRO A 310 24.73 -7.79 -4.52
C PRO A 310 25.09 -9.02 -5.35
N LYS A 311 25.99 -9.86 -4.79
CA LYS A 311 26.56 -11.06 -5.41
C LYS A 311 25.54 -12.09 -5.90
N ARG A 312 24.38 -12.21 -5.21
CA ARG A 312 23.31 -13.14 -5.57
C ARG A 312 22.70 -12.86 -6.96
N LEU A 313 22.85 -11.61 -7.45
CA LEU A 313 22.34 -11.19 -8.75
C LEU A 313 23.18 -11.73 -9.90
N HIS A 314 24.51 -11.94 -9.65
CA HIS A 314 25.50 -12.44 -10.62
C HIS A 314 25.41 -11.63 -11.92
N TYR A 315 25.46 -10.29 -11.80
CA TYR A 315 25.30 -9.39 -12.95
C TYR A 315 26.46 -8.38 -13.04
N ALA A 316 27.63 -8.85 -13.53
CA ALA A 316 28.85 -8.05 -13.68
C ALA A 316 29.86 -8.59 -14.70
N LYS A 317 30.11 -9.92 -14.69
CA LYS A 317 31.12 -10.55 -15.55
C LYS A 317 30.66 -10.73 -17.02
N ASN A 318 30.65 -9.61 -17.76
CA ASN A 318 30.33 -9.49 -19.19
C ASN A 318 30.55 -8.06 -19.64
N VAL A 319 31.19 -7.87 -20.82
CA VAL A 319 31.49 -6.56 -21.41
C VAL A 319 30.21 -5.79 -21.79
N ARG A 320 29.12 -6.52 -22.09
CA ARG A 320 27.82 -5.93 -22.42
C ARG A 320 27.17 -5.28 -21.19
N ILE A 321 27.52 -5.74 -19.97
CA ILE A 321 27.03 -5.16 -18.73
C ILE A 321 27.92 -3.96 -18.42
N ASP A 322 27.40 -2.75 -18.65
CA ASP A 322 28.10 -1.49 -18.39
C ASP A 322 28.41 -1.37 -16.90
N LYS A 323 29.58 -0.80 -16.55
CA LYS A 323 30.02 -0.65 -15.16
C LYS A 323 29.03 0.15 -14.29
N VAL A 324 28.38 1.17 -14.86
CA VAL A 324 27.39 1.98 -14.13
C VAL A 324 26.04 1.28 -14.17
N HIS A 325 25.48 0.99 -12.98
CA HIS A 325 24.17 0.37 -12.84
C HIS A 325 23.36 1.12 -11.80
N LEU A 326 22.04 1.17 -11.99
CA LEU A 326 21.13 1.81 -11.04
C LEU A 326 20.12 0.78 -10.56
N MET A 327 20.03 0.60 -9.23
CA MET A 327 19.07 -0.31 -8.63
C MET A 327 17.85 0.51 -8.27
N VAL A 328 16.79 0.41 -9.09
CA VAL A 328 15.55 1.19 -8.94
C VAL A 328 14.61 0.54 -7.93
N ASP A 329 14.00 1.37 -7.06
CA ASP A 329 13.04 0.96 -6.03
C ASP A 329 11.73 0.44 -6.66
N ARG A 330 10.93 -0.33 -5.87
CA ARG A 330 9.65 -0.90 -6.27
C ARG A 330 8.72 0.16 -6.87
N GLN A 331 8.11 -0.15 -8.05
CA GLN A 331 7.15 0.67 -8.78
C GLN A 331 7.70 2.01 -9.33
N TRP A 332 9.04 2.19 -9.31
CA TRP A 332 9.65 3.44 -9.79
C TRP A 332 10.37 3.26 -11.14
N LEU A 333 10.72 4.38 -11.79
CA LEU A 333 11.41 4.39 -13.08
C LEU A 333 12.52 5.44 -13.07
N ALA A 334 13.56 5.25 -13.90
CA ALA A 334 14.66 6.20 -14.01
C ALA A 334 14.95 6.52 -15.47
N TYR A 335 14.64 7.76 -15.88
CA TYR A 335 14.82 8.25 -17.25
C TYR A 335 15.92 9.31 -17.33
N ARG A 336 16.39 9.62 -18.55
CA ARG A 336 17.42 10.61 -18.85
C ARG A 336 16.88 12.03 -18.61
N ASN A 337 15.75 12.36 -19.27
CA ASN A 337 15.09 13.67 -19.17
C ASN A 337 13.57 13.55 -19.02
N LYS A 338 12.90 14.69 -18.73
CA LYS A 338 11.45 14.79 -18.52
C LYS A 338 10.61 14.61 -19.79
N GLY A 339 11.24 14.67 -20.96
CA GLY A 339 10.58 14.51 -22.26
C GLY A 339 10.15 13.08 -22.54
N ASN A 342 4.15 4.91 -21.85
CA ASN A 342 5.51 5.37 -21.66
C ASN A 342 5.91 5.34 -20.18
N CYS A 343 5.16 6.08 -19.34
CA CYS A 343 5.36 6.17 -17.89
C CYS A 343 4.18 5.48 -17.19
N GLU A 344 3.02 5.45 -17.87
CA GLU A 344 1.77 4.87 -17.39
C GLU A 344 1.65 3.39 -17.76
N GLY A 345 0.87 2.66 -16.97
CA GLY A 345 0.64 1.23 -17.14
C GLY A 345 1.45 0.40 -16.17
N GLY A 346 2.24 -0.52 -16.71
CA GLY A 346 3.10 -1.39 -15.92
C GLY A 346 4.35 -1.83 -16.64
N THR A 347 5.36 -2.31 -15.86
CA THR A 347 6.62 -2.81 -16.40
C THR A 347 7.28 -3.85 -15.48
N HIS A 348 8.37 -4.44 -15.97
CA HIS A 348 9.20 -5.44 -15.32
C HIS A 348 10.66 -5.15 -15.70
N GLY A 349 11.59 -5.66 -14.91
CA GLY A 349 13.03 -5.48 -15.11
C GLY A 349 13.73 -5.24 -13.79
N TYR A 350 12.92 -4.97 -12.75
CA TYR A 350 13.33 -4.71 -11.37
C TYR A 350 14.01 -5.93 -10.73
N ASN A 351 14.46 -5.77 -9.48
CA ASN A 351 15.07 -6.79 -8.64
C ASN A 351 14.18 -8.04 -8.62
N ASN A 352 14.77 -9.21 -8.89
CA ASN A 352 14.09 -10.49 -8.94
C ASN A 352 13.50 -10.94 -7.58
N GLU A 353 13.97 -10.34 -6.47
CA GLU A 353 13.50 -10.63 -5.11
C GLU A 353 12.14 -9.97 -4.83
N PHE A 354 11.78 -8.92 -5.60
CA PHE A 354 10.50 -8.22 -5.46
C PHE A 354 9.36 -9.17 -5.80
N LYS A 355 8.33 -9.23 -4.92
CA LYS A 355 7.16 -10.11 -5.05
C LYS A 355 6.44 -9.97 -6.40
N SER A 356 6.38 -8.75 -6.94
CA SER A 356 5.74 -8.46 -8.24
C SER A 356 6.50 -9.05 -9.43
N MET A 357 7.81 -9.32 -9.27
CA MET A 357 8.68 -9.86 -10.32
C MET A 357 8.71 -11.38 -10.37
N GLU A 358 8.08 -12.04 -9.37
CA GLU A 358 8.00 -13.50 -9.27
C GLU A 358 7.16 -14.07 -10.41
N ALA A 359 7.63 -15.18 -11.01
CA ALA A 359 6.99 -15.85 -12.13
C ALA A 359 6.26 -17.12 -11.69
N ILE A 360 5.39 -17.65 -12.55
CA ILE A 360 4.65 -18.89 -12.30
C ILE A 360 5.48 -20.11 -12.73
N PHE A 361 5.19 -21.27 -12.13
CA PHE A 361 5.78 -22.56 -12.49
C PHE A 361 4.82 -23.65 -12.15
N LEU A 362 4.34 -24.34 -13.19
CA LEU A 362 3.40 -25.45 -13.09
C LEU A 362 3.92 -26.58 -13.96
N ALA A 363 3.75 -27.83 -13.49
CA ALA A 363 4.21 -29.03 -14.19
C ALA A 363 3.23 -30.18 -14.05
N HIS A 364 3.09 -30.98 -15.13
CA HIS A 364 2.21 -32.15 -15.16
C HIS A 364 2.78 -33.18 -16.13
N GLY A 365 2.61 -34.46 -15.79
CA GLY A 365 3.10 -35.57 -16.60
C GLY A 365 3.47 -36.79 -15.79
N PRO A 366 3.92 -37.88 -16.46
CA PRO A 366 4.28 -39.11 -15.73
C PRO A 366 5.50 -38.97 -14.81
N SER A 367 6.48 -38.13 -15.19
CA SER A 367 7.70 -37.91 -14.43
C SER A 367 7.47 -37.05 -13.19
N PHE A 368 6.53 -36.10 -13.25
CA PHE A 368 6.23 -35.18 -12.14
C PHE A 368 5.28 -35.74 -11.08
N LYS A 369 5.45 -35.27 -9.84
CA LYS A 369 4.61 -35.65 -8.70
C LYS A 369 3.26 -34.95 -8.84
N GLU A 370 2.18 -35.69 -8.57
CA GLU A 370 0.79 -35.21 -8.68
C GLU A 370 0.34 -34.47 -7.42
N LYS A 371 -0.59 -33.50 -7.59
CA LYS A 371 -1.21 -32.68 -6.53
C LYS A 371 -0.18 -32.18 -5.50
N THR A 372 0.95 -31.64 -6.00
CA THR A 372 2.06 -31.21 -5.15
C THR A 372 2.32 -29.70 -5.22
N VAL A 373 2.49 -29.09 -4.03
CA VAL A 373 2.88 -27.69 -3.89
C VAL A 373 4.33 -27.74 -3.39
N ILE A 374 5.25 -27.15 -4.17
CA ILE A 374 6.66 -27.12 -3.80
C ILE A 374 7.07 -25.70 -3.39
N GLU A 375 8.13 -25.58 -2.59
CA GLU A 375 8.67 -24.29 -2.13
C GLU A 375 9.27 -23.53 -3.32
N PRO A 376 9.33 -22.18 -3.28
CA PRO A 376 9.92 -21.44 -4.41
C PRO A 376 11.34 -21.86 -4.77
N PHE A 377 11.67 -21.80 -6.08
CA PHE A 377 12.96 -22.14 -6.63
C PHE A 377 13.33 -21.16 -7.75
N GLU A 378 14.58 -21.24 -8.24
CA GLU A 378 15.10 -20.35 -9.28
C GLU A 378 15.04 -20.92 -10.69
N ASN A 379 14.84 -20.06 -11.70
CA ASN A 379 14.72 -20.48 -13.11
C ASN A 379 16.03 -21.10 -13.67
N ILE A 380 17.21 -20.84 -13.04
CA ILE A 380 18.51 -21.43 -13.41
C ILE A 380 18.54 -22.96 -13.21
N GLU A 381 17.58 -23.49 -12.43
CA GLU A 381 17.45 -24.90 -12.09
C GLU A 381 16.63 -25.72 -13.10
N VAL A 382 15.84 -25.05 -13.96
CA VAL A 382 14.95 -25.64 -14.96
C VAL A 382 15.72 -26.50 -16.00
N TYR A 383 16.87 -26.00 -16.49
CA TYR A 383 17.69 -26.68 -17.51
C TYR A 383 18.07 -28.12 -17.13
N ASN A 384 18.54 -28.34 -15.88
CA ASN A 384 18.90 -29.68 -15.39
C ASN A 384 17.70 -30.59 -15.30
N LEU A 385 16.52 -30.04 -14.93
CA LEU A 385 15.25 -30.76 -14.84
C LEU A 385 14.81 -31.21 -16.22
N LEU A 386 14.94 -30.33 -17.24
CA LEU A 386 14.60 -30.62 -18.63
C LEU A 386 15.49 -31.74 -19.18
N CYS A 387 16.77 -31.78 -18.73
CA CYS A 387 17.74 -32.80 -19.09
C CYS A 387 17.37 -34.17 -18.52
N ASP A 388 16.93 -34.19 -17.24
CA ASP A 388 16.49 -35.40 -16.52
C ASP A 388 15.22 -35.97 -17.14
N LEU A 389 14.35 -35.09 -17.63
CA LEU A 389 13.09 -35.39 -18.30
C LEU A 389 13.35 -36.04 -19.66
N LEU A 390 14.33 -35.50 -20.43
CA LEU A 390 14.72 -35.98 -21.75
C LEU A 390 15.75 -37.10 -21.72
N HIS A 391 16.22 -37.49 -20.49
CA HIS A 391 17.23 -38.53 -20.25
C HIS A 391 18.58 -38.18 -20.92
N ILE A 392 18.94 -36.89 -20.89
CA ILE A 392 20.17 -36.36 -21.48
C ILE A 392 21.12 -35.76 -20.44
N GLN A 393 22.43 -35.74 -20.75
CA GLN A 393 23.47 -35.20 -19.88
C GLN A 393 23.53 -33.68 -20.02
N PRO A 394 23.47 -32.91 -18.91
CA PRO A 394 23.49 -31.44 -19.04
C PRO A 394 24.86 -30.84 -19.34
N ALA A 395 24.86 -29.75 -20.14
CA ALA A 395 26.06 -28.98 -20.47
C ALA A 395 26.42 -28.12 -19.25
N PRO A 396 27.68 -27.66 -19.06
CA PRO A 396 28.00 -26.86 -17.86
C PRO A 396 27.08 -25.65 -17.66
N ASN A 397 26.36 -25.63 -16.53
CA ASN A 397 25.42 -24.56 -16.19
C ASN A 397 25.52 -24.15 -14.71
N ASN A 398 24.66 -23.21 -14.27
CA ASN A 398 24.68 -22.66 -12.92
C ASN A 398 23.65 -23.27 -11.97
N GLY A 399 22.86 -24.21 -12.48
CA GLY A 399 21.89 -24.94 -11.67
C GLY A 399 22.58 -26.02 -10.85
N SER A 400 22.01 -26.35 -9.69
CA SER A 400 22.55 -27.39 -8.82
C SER A 400 21.78 -28.66 -9.13
N HIS A 401 22.40 -29.55 -9.93
CA HIS A 401 21.82 -30.80 -10.40
C HIS A 401 21.43 -31.72 -9.24
N GLY A 402 20.12 -31.86 -9.04
CA GLY A 402 19.54 -32.67 -7.98
C GLY A 402 18.68 -31.90 -7.00
N SER A 403 18.77 -30.56 -7.01
CA SER A 403 17.99 -29.67 -6.14
C SER A 403 16.49 -29.66 -6.48
N LEU A 404 16.13 -30.15 -7.67
CA LEU A 404 14.76 -30.21 -8.17
C LEU A 404 14.23 -31.66 -8.25
N ASN A 405 14.89 -32.59 -7.54
CA ASN A 405 14.51 -34.02 -7.50
C ASN A 405 13.21 -34.28 -6.74
N HIS A 406 12.81 -33.38 -5.81
CA HIS A 406 11.58 -33.49 -5.02
C HIS A 406 10.31 -33.24 -5.86
N LEU A 407 10.49 -32.86 -7.13
CA LEU A 407 9.42 -32.60 -8.11
C LEU A 407 9.13 -33.89 -8.90
N LEU A 408 10.13 -34.78 -8.99
CA LEU A 408 10.05 -36.03 -9.76
C LEU A 408 9.67 -37.25 -8.94
N LYS A 409 8.87 -38.16 -9.57
CA LYS A 409 8.43 -39.41 -8.96
C LYS A 409 9.63 -40.37 -8.83
N ALA A 410 10.46 -40.43 -9.88
CA ALA A 410 11.67 -41.25 -9.95
C ALA A 410 12.80 -40.40 -10.56
N PRO A 411 13.66 -39.76 -9.72
CA PRO A 411 14.76 -38.93 -10.26
C PRO A 411 15.72 -39.68 -11.18
N PHE A 412 16.18 -38.99 -12.24
CA PHE A 412 17.10 -39.54 -13.24
C PHE A 412 18.55 -39.39 -12.79
N TYR A 413 18.86 -38.32 -12.06
CA TYR A 413 20.19 -38.03 -11.55
C TYR A 413 20.19 -38.04 -10.03
N GLN A 414 21.14 -38.78 -9.45
CA GLN A 414 21.32 -38.86 -8.01
C GLN A 414 22.54 -38.02 -7.63
N PRO A 415 22.35 -36.89 -6.90
CA PRO A 415 23.52 -36.07 -6.56
C PRO A 415 24.36 -36.66 -5.43
N SER A 416 25.63 -36.26 -5.39
CA SER A 416 26.59 -36.68 -4.37
C SER A 416 27.37 -35.46 -3.88
N HIS A 417 27.93 -35.53 -2.66
CA HIS A 417 28.70 -34.44 -2.07
C HIS A 417 29.97 -34.17 -2.85
N ALA A 418 30.36 -32.88 -2.95
CA ALA A 418 31.57 -32.44 -3.64
C ALA A 418 32.78 -32.99 -2.89
N GLU A 419 33.68 -33.66 -3.63
CA GLU A 419 34.88 -34.29 -3.10
C GLU A 419 35.90 -33.26 -2.63
N GLU A 420 36.46 -33.47 -1.41
CA GLU A 420 37.46 -32.57 -0.83
C GLU A 420 38.77 -32.73 -1.60
N LEU A 421 39.30 -31.61 -2.12
CA LEU A 421 40.52 -31.55 -2.93
C LEU A 421 41.82 -31.35 -2.13
N SER A 422 41.70 -30.87 -0.87
CA SER A 422 42.84 -30.66 0.04
C SER A 422 42.54 -31.16 1.45
N LYS A 423 43.48 -31.93 2.02
CA LYS A 423 43.36 -32.51 3.36
C LYS A 423 44.03 -31.63 4.41
N SER A 424 43.43 -31.55 5.60
CA SER A 424 43.96 -30.77 6.74
C SER A 424 45.23 -31.42 7.27
N ALA A 425 46.28 -30.60 7.52
CA ALA A 425 47.57 -31.07 8.03
C ALA A 425 48.27 -30.02 8.90
N GLY A 426 48.98 -30.48 9.92
CA GLY A 426 49.74 -29.64 10.84
C GLY A 426 48.93 -28.91 11.89
N CYS A 427 49.53 -27.82 12.43
CA CYS A 427 49.00 -26.92 13.47
C CYS A 427 48.65 -27.63 14.78
N GLY A 428 49.41 -28.66 15.11
CA GLY A 428 49.24 -29.42 16.34
C GLY A 428 49.90 -28.73 17.51
N PHE A 429 49.36 -28.94 18.72
CA PHE A 429 49.93 -28.36 19.94
C PHE A 429 51.15 -29.17 20.36
N THR A 430 52.30 -28.49 20.46
CA THR A 430 53.57 -29.10 20.86
C THR A 430 54.10 -28.45 22.13
N THR A 431 54.21 -27.11 22.13
CA THR A 431 54.71 -26.30 23.25
C THR A 431 53.80 -25.11 23.56
N PRO A 432 53.58 -24.75 24.85
CA PRO A 432 52.75 -23.57 25.14
C PRO A 432 53.52 -22.25 25.05
N LEU A 433 54.83 -22.33 24.77
CA LEU A 433 55.74 -21.19 24.64
C LEU A 433 55.80 -20.70 23.20
N PRO A 434 55.55 -19.40 22.92
CA PRO A 434 55.62 -18.90 21.54
C PRO A 434 57.07 -18.70 21.08
N LYS A 435 57.39 -19.22 19.87
CA LYS A 435 58.71 -19.12 19.27
C LYS A 435 58.99 -17.69 18.76
N ASP A 436 57.92 -16.95 18.44
CA ASP A 436 57.97 -15.56 17.95
C ASP A 436 56.80 -14.77 18.55
N SER A 437 57.08 -13.54 19.01
CA SER A 437 56.08 -12.64 19.60
C SER A 437 55.15 -12.06 18.53
N LEU A 438 55.67 -11.89 17.29
CA LEU A 438 55.00 -11.34 16.10
C LEU A 438 54.52 -9.89 16.30
N ASN A 439 55.27 -9.11 17.10
CA ASN A 439 55.05 -7.70 17.45
C ASN A 439 53.65 -7.44 18.08
N CYS A 440 53.09 -8.48 18.74
CA CYS A 440 51.79 -8.43 19.42
C CYS A 440 52.00 -8.24 20.92
N SER A 441 51.08 -7.52 21.58
CA SER A 441 51.18 -7.28 23.02
C SER A 441 49.86 -7.38 23.76
N CYS A 442 49.94 -7.96 24.98
CA CYS A 442 48.84 -8.11 25.93
C CYS A 442 49.47 -7.93 27.31
N LEU A 443 49.33 -6.73 27.88
CA LEU A 443 49.89 -6.35 29.18
C LEU A 443 49.25 -7.09 30.36
N ALA A 444 48.06 -7.70 30.14
CA ALA A 444 47.33 -8.49 31.13
C ALA A 444 48.06 -9.78 31.49
N LEU A 445 48.80 -10.37 30.53
CA LEU A 445 49.58 -11.61 30.71
C LEU A 445 51.07 -11.29 30.80
N GLN A 450 52.26 -11.57 34.65
CA GLN A 450 51.40 -12.75 34.76
C GLN A 450 51.88 -13.87 33.82
N GLU A 451 51.57 -15.13 34.18
CA GLU A 451 51.92 -16.33 33.42
C GLU A 451 51.10 -16.43 32.13
N GLU A 452 51.78 -16.64 31.00
CA GLU A 452 51.14 -16.76 29.68
C GLU A 452 50.83 -18.23 29.31
N GLN A 453 50.58 -19.08 30.33
CA GLN A 453 50.25 -20.50 30.15
C GLN A 453 48.76 -20.72 29.86
N VAL A 454 48.05 -19.66 29.40
CA VAL A 454 46.63 -19.71 29.00
C VAL A 454 46.51 -20.49 27.68
N ASN A 455 47.67 -20.73 27.01
CA ASN A 455 47.81 -21.49 25.77
C ASN A 455 47.50 -22.99 25.98
N GLN A 456 47.48 -23.44 27.26
CA GLN A 456 47.15 -24.82 27.64
C GLN A 456 45.66 -25.12 27.31
N ARG A 457 44.83 -24.06 27.27
CA ARG A 457 43.41 -24.12 26.89
C ARG A 457 43.27 -24.42 25.40
N LEU A 458 44.28 -24.04 24.58
CA LEU A 458 44.35 -24.28 23.13
C LEU A 458 44.69 -25.75 22.84
N ASN A 459 45.22 -26.47 23.86
CA ASN A 459 45.54 -27.90 23.78
C ASN A 459 44.30 -28.67 24.22
N LEU A 460 43.71 -29.43 23.28
CA LEU A 460 42.49 -30.20 23.52
C LEU A 460 42.70 -31.69 23.25
N ASN A 461 42.28 -32.54 24.21
CA ASN A 461 42.36 -33.99 24.08
C ASN A 461 41.23 -34.50 23.16
N ARG A 462 41.27 -35.79 22.75
CA ARG A 462 40.27 -36.42 21.87
C ARG A 462 38.82 -36.17 22.30
N GLY A 463 38.56 -36.20 23.61
CA GLY A 463 37.25 -35.94 24.18
C GLY A 463 36.83 -34.49 24.07
N GLU A 464 37.78 -33.57 24.32
CA GLU A 464 37.59 -32.12 24.24
C GLU A 464 37.37 -31.68 22.79
N VAL A 465 38.09 -32.32 21.84
CA VAL A 465 37.99 -32.07 20.39
C VAL A 465 36.61 -32.53 19.91
N SER A 466 36.18 -33.75 20.31
CA SER A 466 34.88 -34.31 19.95
C SER A 466 33.72 -33.45 20.48
N ALA A 467 33.87 -32.89 21.70
CA ALA A 467 32.88 -32.03 22.35
C ALA A 467 32.65 -30.74 21.57
N THR A 468 33.72 -30.08 21.09
CA THR A 468 33.61 -28.85 20.29
C THR A 468 33.16 -29.18 18.86
N GLU A 469 33.49 -30.40 18.35
CA GLU A 469 33.08 -30.87 17.02
C GLU A 469 31.58 -31.18 17.03
N LYS A 470 31.04 -31.60 18.19
CA LYS A 470 29.61 -31.89 18.32
C LYS A 470 28.81 -30.59 18.37
N THR A 471 29.29 -29.61 19.17
CA THR A 471 28.63 -28.32 19.37
C THR A 471 28.80 -27.36 18.20
N ASN A 472 30.06 -27.00 17.86
CA ASN A 472 30.39 -25.97 16.86
C ASN A 472 30.53 -26.48 15.41
N LEU A 473 30.53 -27.80 15.21
CA LEU A 473 30.58 -28.41 13.87
C LEU A 473 29.42 -29.46 13.77
N PRO A 474 28.12 -29.09 13.99
CA PRO A 474 27.07 -30.12 13.98
C PRO A 474 26.73 -30.74 12.63
N PHE A 475 27.07 -30.04 11.54
CA PHE A 475 26.80 -30.49 10.18
C PHE A 475 28.11 -30.90 9.49
N GLY A 476 29.18 -30.98 10.28
CA GLY A 476 30.52 -31.32 9.82
C GLY A 476 31.29 -30.11 9.34
N ARG A 477 32.63 -30.24 9.30
CA ARG A 477 33.53 -29.17 8.86
C ARG A 477 33.30 -28.81 7.39
N PRO A 478 33.35 -27.51 7.01
CA PRO A 478 33.24 -27.17 5.58
C PRO A 478 34.42 -27.81 4.84
N ARG A 479 34.15 -28.49 3.72
CA ARG A 479 35.19 -29.18 2.96
C ARG A 479 35.90 -28.24 2.00
N VAL A 480 37.21 -28.44 1.82
CA VAL A 480 38.04 -27.61 0.94
C VAL A 480 38.03 -28.19 -0.48
N ILE A 481 37.29 -27.52 -1.39
CA ILE A 481 37.16 -27.91 -2.79
C ILE A 481 38.14 -27.06 -3.61
N GLN A 482 39.41 -27.07 -3.18
CA GLN A 482 40.53 -26.35 -3.77
C GLN A 482 41.74 -27.25 -3.81
N LYS A 483 42.39 -27.36 -4.98
CA LYS A 483 43.59 -28.17 -5.15
C LYS A 483 44.80 -27.40 -4.60
N ASN A 484 45.70 -28.12 -3.91
CA ASN A 484 46.95 -27.64 -3.29
C ASN A 484 46.73 -26.44 -2.33
N LYS A 485 45.66 -26.51 -1.52
CA LYS A 485 45.34 -25.49 -0.52
C LYS A 485 45.85 -25.97 0.85
N ASP A 486 47.03 -25.46 1.28
CA ASP A 486 47.63 -25.81 2.55
C ASP A 486 46.81 -25.21 3.68
N HIS A 487 46.20 -26.07 4.51
CA HIS A 487 45.34 -25.65 5.61
C HIS A 487 45.37 -26.60 6.80
N CYS A 488 44.89 -26.12 7.95
CA CYS A 488 44.80 -26.87 9.20
C CYS A 488 43.56 -26.47 9.99
N LEU A 489 43.08 -27.38 10.84
CA LEU A 489 41.94 -27.11 11.70
C LEU A 489 42.40 -26.73 13.11
N LEU A 490 41.89 -25.59 13.60
CA LEU A 490 42.20 -25.08 14.94
C LEU A 490 40.99 -25.26 15.83
N TYR A 491 41.14 -26.05 16.90
CA TYR A 491 40.07 -26.37 17.84
C TYR A 491 40.19 -25.57 19.13
N HIS A 492 39.05 -24.99 19.56
CA HIS A 492 38.90 -24.20 20.79
C HIS A 492 37.58 -24.64 21.43
N ARG A 493 37.40 -24.38 22.73
CA ARG A 493 36.20 -24.77 23.47
C ARG A 493 34.91 -24.08 23.01
N GLU A 494 35.01 -22.87 22.41
CA GLU A 494 33.84 -22.12 21.94
C GLU A 494 33.70 -22.06 20.40
N TYR A 495 34.80 -22.29 19.65
CA TYR A 495 34.79 -22.24 18.18
C TYR A 495 35.83 -23.15 17.53
N VAL A 496 35.61 -23.49 16.25
CA VAL A 496 36.50 -24.32 15.42
C VAL A 496 36.74 -23.55 14.12
N SER A 497 38.00 -23.44 13.68
CA SER A 497 38.32 -22.71 12.45
C SER A 497 39.24 -23.50 11.51
N GLY A 498 39.11 -23.25 10.21
CA GLY A 498 39.95 -23.83 9.18
C GLY A 498 40.88 -22.75 8.68
N PHE A 499 42.15 -22.81 9.13
CA PHE A 499 43.16 -21.80 8.84
C PHE A 499 43.89 -21.97 7.50
N GLY A 500 43.85 -20.93 6.67
CA GLY A 500 44.55 -20.87 5.39
C GLY A 500 45.97 -20.39 5.60
N LYS A 501 46.93 -21.33 5.53
CA LYS A 501 48.37 -21.12 5.76
C LYS A 501 49.02 -20.07 4.86
N ALA A 502 48.76 -20.11 3.54
CA ALA A 502 49.34 -19.18 2.57
C ALA A 502 48.85 -17.74 2.71
N MET A 503 47.55 -17.56 3.03
CA MET A 503 46.94 -16.25 3.20
C MET A 503 47.05 -15.70 4.65
N LYS A 504 47.59 -16.54 5.58
CA LYS A 504 47.84 -16.24 6.99
C LYS A 504 46.57 -15.90 7.81
N MET A 505 45.38 -16.33 7.33
CA MET A 505 44.10 -16.09 8.00
C MET A 505 43.16 -17.31 7.85
N PRO A 506 42.05 -17.43 8.62
CA PRO A 506 41.16 -18.59 8.39
C PRO A 506 40.29 -18.44 7.16
N MET A 507 39.93 -19.57 6.53
CA MET A 507 39.04 -19.65 5.36
C MET A 507 37.61 -19.62 5.89
N TRP A 508 37.41 -20.23 7.07
CA TRP A 508 36.14 -20.35 7.77
C TRP A 508 36.34 -20.43 9.29
N SER A 509 35.32 -20.01 10.04
CA SER A 509 35.29 -20.03 11.50
C SER A 509 33.86 -20.41 11.90
N SER A 510 33.70 -21.62 12.46
CA SER A 510 32.40 -22.15 12.86
C SER A 510 32.21 -22.17 14.37
N TYR A 511 31.04 -21.71 14.82
CA TYR A 511 30.66 -21.62 16.24
C TYR A 511 29.15 -21.58 16.42
N THR A 512 28.63 -22.31 17.42
CA THR A 512 27.19 -22.31 17.72
C THR A 512 26.95 -21.50 18.99
N VAL A 513 26.33 -20.32 18.83
CA VAL A 513 25.98 -19.48 19.98
C VAL A 513 24.65 -20.00 20.57
N PRO A 514 24.56 -20.29 21.89
CA PRO A 514 23.27 -20.75 22.42
C PRO A 514 22.28 -19.59 22.58
N LYS A 515 21.00 -19.90 22.86
CA LYS A 515 19.96 -18.88 23.05
C LYS A 515 20.28 -18.00 24.28
N PRO A 516 20.53 -16.68 24.09
CA PRO A 516 20.86 -15.82 25.24
C PRO A 516 19.64 -15.48 26.09
N GLY A 517 19.88 -15.21 27.37
CA GLY A 517 18.86 -14.83 28.34
C GLY A 517 18.53 -13.35 28.31
N ASP A 518 19.46 -12.50 28.77
CA ASP A 518 19.28 -11.05 28.81
C ASP A 518 20.25 -10.30 27.91
N THR A 519 19.81 -9.12 27.40
CA THR A 519 20.60 -8.26 26.52
C THR A 519 21.39 -7.21 27.32
N SER A 520 20.82 -6.75 28.46
CA SER A 520 21.40 -5.72 29.36
C SER A 520 22.81 -6.06 29.87
N SER A 521 23.04 -7.32 30.29
CA SER A 521 24.35 -7.77 30.78
C SER A 521 25.09 -8.56 29.70
N LEU A 522 25.98 -7.87 28.96
CA LEU A 522 26.79 -8.45 27.89
C LEU A 522 28.26 -8.02 28.03
N PRO A 523 29.20 -8.98 28.19
CA PRO A 523 30.61 -8.60 28.37
C PRO A 523 31.27 -7.97 27.14
N PRO A 524 32.06 -6.89 27.30
CA PRO A 524 32.74 -6.29 26.13
C PRO A 524 34.03 -7.03 25.80
N THR A 525 34.59 -6.79 24.60
CA THR A 525 35.82 -7.42 24.14
C THR A 525 37.01 -6.86 24.93
N VAL A 526 37.90 -7.76 25.40
CA VAL A 526 39.11 -7.42 26.18
C VAL A 526 40.00 -6.47 25.35
N PRO A 527 40.19 -5.21 25.81
CA PRO A 527 40.99 -4.26 25.00
C PRO A 527 42.50 -4.39 25.19
N ASP A 528 43.24 -3.99 24.14
CA ASP A 528 44.72 -3.95 24.05
C ASP A 528 45.38 -5.31 24.38
N CYS A 529 44.69 -6.41 24.04
CA CYS A 529 45.19 -7.76 24.27
C CYS A 529 45.19 -8.60 22.98
N LEU A 530 46.38 -8.93 22.49
CA LEU A 530 46.62 -9.70 21.27
C LEU A 530 47.94 -10.46 21.40
N ARG A 531 47.92 -11.77 21.07
CA ARG A 531 49.09 -12.64 21.16
C ARG A 531 49.22 -13.62 19.98
N ALA A 532 50.39 -14.27 19.86
CA ALA A 532 50.67 -15.24 18.80
C ALA A 532 50.06 -16.60 19.11
N ASP A 533 49.58 -17.31 18.07
CA ASP A 533 49.04 -18.66 18.23
C ASP A 533 50.22 -19.64 18.15
N VAL A 534 50.43 -20.40 19.24
CA VAL A 534 51.52 -21.39 19.39
C VAL A 534 51.39 -22.58 18.43
N ARG A 535 50.17 -22.88 17.96
CA ARG A 535 49.88 -23.98 17.04
C ARG A 535 50.36 -23.70 15.62
N VAL A 536 50.14 -22.47 15.13
CA VAL A 536 50.53 -22.07 13.77
C VAL A 536 51.94 -21.45 13.76
N ASP A 537 52.76 -21.86 12.77
CA ASP A 537 54.13 -21.42 12.51
C ASP A 537 54.18 -19.88 12.29
N PRO A 538 55.23 -19.17 12.79
CA PRO A 538 55.29 -17.70 12.59
C PRO A 538 55.35 -17.24 11.13
N SER A 539 55.90 -18.09 10.23
CA SER A 539 56.01 -17.82 8.80
C SER A 539 54.65 -17.90 8.09
N GLU A 540 53.65 -18.53 8.75
CA GLU A 540 52.28 -18.71 8.25
C GLU A 540 51.29 -17.89 9.11
N SER A 541 51.83 -17.01 9.96
CA SER A 541 51.03 -16.16 10.87
C SER A 541 51.11 -14.68 10.53
N GLN A 542 50.07 -13.92 10.92
CA GLN A 542 49.99 -12.47 10.74
C GLN A 542 50.70 -11.80 11.91
N LYS A 543 51.34 -10.66 11.63
CA LYS A 543 52.01 -9.89 12.66
C LYS A 543 51.13 -8.70 13.00
N CYS A 544 51.13 -8.27 14.28
CA CYS A 544 50.34 -7.12 14.72
C CYS A 544 50.85 -5.81 14.11
N SER A 545 52.17 -5.76 13.82
CA SER A 545 52.85 -4.61 13.20
C SER A 545 52.41 -4.33 11.76
N PHE A 546 51.84 -5.34 11.07
CA PHE A 546 51.36 -5.25 9.69
C PHE A 546 50.25 -4.18 9.57
N TYR A 547 49.40 -4.09 10.60
CA TYR A 547 48.26 -3.16 10.65
C TYR A 547 48.62 -1.77 11.16
N LEU A 548 49.83 -1.60 11.73
CA LEU A 548 50.31 -0.30 12.19
C LEU A 548 50.84 0.50 10.99
N ALA A 549 51.52 -0.19 10.05
CA ALA A 549 52.08 0.39 8.82
C ALA A 549 51.00 0.87 7.85
N ASP A 550 49.96 0.04 7.62
CA ASP A 550 48.83 0.40 6.76
C ASP A 550 47.78 1.10 7.62
N GLN A 551 47.57 2.40 7.36
CA GLN A 551 46.63 3.24 8.11
C GLN A 551 45.16 3.07 7.71
N ASN A 552 44.88 2.67 6.46
CA ASN A 552 43.50 2.47 5.96
C ASN A 552 42.82 1.23 6.55
N ILE A 553 43.56 0.09 6.62
CA ILE A 553 43.04 -1.16 7.18
C ILE A 553 43.60 -1.44 8.57
N ASP A 554 42.77 -2.03 9.41
CA ASP A 554 43.11 -2.48 10.76
C ASP A 554 42.68 -3.94 10.91
N HIS A 555 43.19 -4.63 11.93
CA HIS A 555 42.86 -6.01 12.21
C HIS A 555 41.46 -6.12 12.81
N GLY A 556 40.74 -7.16 12.40
CA GLY A 556 39.41 -7.47 12.88
C GLY A 556 39.33 -8.92 13.31
N PHE A 557 38.41 -9.24 14.23
CA PHE A 557 38.21 -10.61 14.69
C PHE A 557 37.15 -11.29 13.84
N LEU A 558 37.46 -12.48 13.29
CA LEU A 558 36.49 -13.24 12.49
C LEU A 558 35.45 -13.84 13.44
N TYR A 559 35.93 -14.46 14.53
CA TYR A 559 35.08 -14.97 15.60
C TYR A 559 35.05 -13.88 16.69
N PRO A 560 33.86 -13.44 17.16
CA PRO A 560 33.85 -12.40 18.22
C PRO A 560 34.27 -12.99 19.57
N PRO A 561 35.35 -12.49 20.22
CA PRO A 561 35.82 -13.11 21.47
C PRO A 561 34.81 -13.16 22.63
N ALA A 562 34.02 -12.10 22.80
CA ALA A 562 33.06 -11.96 23.91
C ALA A 562 31.67 -12.62 23.69
N ILE A 563 31.42 -13.26 22.54
CA ILE A 563 30.12 -13.89 22.24
C ILE A 563 29.80 -15.12 23.14
N LYS A 564 30.83 -15.93 23.48
CA LYS A 564 30.66 -17.13 24.28
C LYS A 564 31.61 -17.22 25.47
N GLY A 565 31.18 -17.97 26.50
CA GLY A 565 31.94 -18.21 27.72
C GLY A 565 32.13 -17.01 28.62
N ASN A 566 33.27 -16.97 29.32
CA ASN A 566 33.65 -15.90 30.26
C ASN A 566 34.90 -15.12 29.77
N ASN A 567 35.57 -14.38 30.68
CA ASN A 567 36.77 -13.59 30.40
C ASN A 567 37.95 -14.48 29.98
N GLU A 568 38.07 -15.67 30.61
CA GLU A 568 39.12 -16.65 30.31
C GLU A 568 38.92 -17.29 28.93
N SER A 569 37.64 -17.42 28.49
CA SER A 569 37.26 -17.96 27.19
C SER A 569 37.65 -17.01 26.05
N GLN A 570 37.64 -15.68 26.31
CA GLN A 570 37.99 -14.63 25.35
C GLN A 570 39.43 -14.76 24.84
N TYR A 571 40.37 -15.19 25.71
CA TYR A 571 41.80 -15.38 25.38
C TYR A 571 42.03 -16.39 24.26
N ASP A 572 41.10 -17.36 24.08
CA ASP A 572 41.16 -18.38 23.03
C ASP A 572 40.90 -17.77 21.64
N ALA A 573 40.37 -16.53 21.60
CA ALA A 573 40.05 -15.78 20.39
C ALA A 573 40.92 -14.53 20.19
N LEU A 574 41.67 -14.13 21.24
CA LEU A 574 42.56 -12.96 21.18
C LEU A 574 43.96 -13.39 20.67
N ILE A 575 44.00 -14.16 19.57
CA ILE A 575 45.20 -14.71 18.95
C ILE A 575 45.32 -14.33 17.47
N THR A 576 46.57 -14.37 16.92
CA THR A 576 46.92 -14.01 15.54
C THR A 576 46.13 -14.77 14.47
N SER A 577 45.71 -16.00 14.78
CA SER A 577 44.95 -16.87 13.87
C SER A 577 43.47 -16.49 13.72
N ASN A 578 42.96 -15.61 14.60
CA ASN A 578 41.57 -15.14 14.57
C ASN A 578 41.47 -13.74 13.93
N LEU A 579 42.61 -13.21 13.43
CA LEU A 579 42.65 -11.89 12.79
C LEU A 579 42.46 -11.94 11.28
N VAL A 580 41.69 -10.97 10.76
CA VAL A 580 41.40 -10.78 9.34
C VAL A 580 41.56 -9.28 8.96
N PRO A 581 42.02 -8.93 7.73
CA PRO A 581 42.18 -7.51 7.39
C PRO A 581 40.84 -6.80 7.20
N MET A 582 40.63 -5.68 7.91
CA MET A 582 39.36 -4.95 7.82
C MET A 582 39.49 -3.45 7.70
N TYR A 583 38.64 -2.85 6.84
CA TYR A 583 38.58 -1.40 6.68
C TYR A 583 37.83 -0.86 7.89
N LYS A 584 38.28 0.28 8.44
CA LYS A 584 37.70 0.95 9.61
C LYS A 584 36.17 1.08 9.52
N GLU A 585 35.66 1.51 8.35
CA GLU A 585 34.22 1.68 8.09
C GLU A 585 33.46 0.35 8.07
N PHE A 586 34.07 -0.71 7.50
CA PHE A 586 33.48 -2.05 7.46
C PHE A 586 33.41 -2.65 8.87
N LYS A 587 34.45 -2.39 9.69
CA LYS A 587 34.57 -2.85 11.08
C LYS A 587 33.40 -2.37 11.93
N LYS A 588 32.86 -1.17 11.62
CA LYS A 588 31.70 -0.58 12.30
C LYS A 588 30.44 -1.42 12.05
N MET A 589 30.29 -1.96 10.82
CA MET A 589 29.18 -2.84 10.42
C MET A 589 29.37 -4.23 11.03
N TRP A 590 30.62 -4.76 10.95
CA TRP A 590 31.01 -6.08 11.44
C TRP A 590 30.81 -6.21 12.95
N ASP A 591 31.30 -5.23 13.73
CA ASP A 591 31.16 -5.21 15.19
C ASP A 591 29.71 -5.06 15.61
N TYR A 592 28.92 -4.19 14.92
CA TYR A 592 27.50 -3.98 15.24
C TYR A 592 26.68 -5.25 14.98
N PHE A 593 27.00 -5.99 13.91
CA PHE A 593 26.32 -7.24 13.56
C PHE A 593 26.52 -8.31 14.64
N HIS A 594 27.78 -8.51 15.09
CA HIS A 594 28.12 -9.53 16.09
C HIS A 594 27.73 -9.14 17.53
N LYS A 595 27.69 -7.84 17.84
CA LYS A 595 27.36 -7.34 19.18
C LYS A 595 25.85 -7.16 19.40
N VAL A 596 25.11 -6.71 18.38
CA VAL A 596 23.68 -6.42 18.51
C VAL A 596 22.78 -7.38 17.70
N LEU A 597 22.95 -7.44 16.36
CA LEU A 597 22.11 -8.23 15.46
C LEU A 597 22.17 -9.75 15.68
N LEU A 598 23.38 -10.30 15.90
CA LEU A 598 23.62 -11.73 16.12
C LEU A 598 22.92 -12.27 17.37
N ILE A 599 22.87 -11.45 18.45
CA ILE A 599 22.19 -11.77 19.70
C ILE A 599 20.67 -11.82 19.45
N LYS A 600 20.15 -10.82 18.71
CA LYS A 600 18.75 -10.70 18.31
C LYS A 600 18.32 -11.93 17.50
N TYR A 601 19.17 -12.37 16.54
CA TYR A 601 18.89 -13.55 15.71
C TYR A 601 18.94 -14.84 16.53
N ALA A 602 19.90 -14.94 17.49
CA ALA A 602 20.07 -16.09 18.36
C ALA A 602 18.86 -16.35 19.26
N ILE A 603 18.16 -15.27 19.69
CA ILE A 603 16.94 -15.36 20.51
C ILE A 603 15.79 -15.89 19.65
N GLU A 604 15.62 -15.32 18.44
CA GLU A 604 14.56 -15.63 17.46
C GLU A 604 14.51 -17.08 17.00
N ARG A 605 15.69 -17.74 16.82
CA ARG A 605 15.73 -19.11 16.33
C ARG A 605 16.35 -20.14 17.31
N ASN A 606 16.29 -19.84 18.64
CA ASN A 606 16.78 -20.68 19.75
C ASN A 606 18.21 -21.19 19.49
N GLY A 607 19.14 -20.23 19.47
CA GLY A 607 20.54 -20.50 19.19
C GLY A 607 20.80 -20.50 17.70
N VAL A 608 22.04 -20.15 17.30
CA VAL A 608 22.40 -20.11 15.88
C VAL A 608 23.87 -20.51 15.65
N ASN A 609 24.11 -21.36 14.64
CA ASN A 609 25.45 -21.78 14.23
C ASN A 609 25.90 -20.78 13.18
N VAL A 610 27.10 -20.22 13.36
CA VAL A 610 27.66 -19.22 12.48
C VAL A 610 28.94 -19.76 11.84
N VAL A 611 29.07 -19.61 10.51
CA VAL A 611 30.28 -19.95 9.76
C VAL A 611 30.64 -18.67 9.02
N SER A 612 31.76 -18.05 9.40
CA SER A 612 32.22 -16.79 8.82
C SER A 612 33.60 -16.94 8.20
N GLY A 613 33.91 -16.11 7.23
CA GLY A 613 35.20 -16.11 6.56
C GLY A 613 35.36 -15.10 5.45
N PRO A 614 36.58 -14.99 4.88
CA PRO A 614 36.81 -14.03 3.81
C PRO A 614 36.47 -14.56 2.42
N ILE A 615 36.22 -13.63 1.48
CA ILE A 615 35.93 -13.93 0.08
C ILE A 615 36.86 -13.08 -0.77
N PHE A 616 37.47 -13.69 -1.78
CA PHE A 616 38.34 -13.01 -2.72
C PHE A 616 37.77 -13.20 -4.11
N ASP A 617 37.23 -12.12 -4.69
CA ASP A 617 36.65 -12.12 -6.04
C ASP A 617 36.93 -10.79 -6.73
N TYR A 618 38.22 -10.53 -6.95
CA TYR A 618 38.73 -9.32 -7.60
C TYR A 618 38.37 -9.25 -9.07
N ASN A 619 38.25 -10.43 -9.73
CA ASN A 619 37.85 -10.49 -11.14
C ASN A 619 36.32 -10.60 -11.30
N TYR A 620 35.59 -10.45 -10.16
CA TYR A 620 34.12 -10.46 -10.02
C TYR A 620 33.40 -11.49 -10.93
N ASP A 621 33.88 -12.75 -10.90
CA ASP A 621 33.31 -13.83 -11.70
C ASP A 621 32.40 -14.80 -10.90
N GLY A 622 32.14 -14.45 -9.64
CA GLY A 622 31.32 -15.25 -8.73
C GLY A 622 32.02 -16.48 -8.18
N HIS A 623 33.31 -16.65 -8.53
CA HIS A 623 34.14 -17.76 -8.09
C HIS A 623 35.29 -17.25 -7.24
N PHE A 624 35.82 -18.12 -6.34
CA PHE A 624 36.95 -17.81 -5.48
C PHE A 624 38.18 -17.50 -6.34
N ASP A 625 38.95 -16.49 -5.95
CA ASP A 625 40.16 -16.09 -6.68
C ASP A 625 41.28 -17.09 -6.49
N ALA A 626 42.10 -17.25 -7.53
CA ALA A 626 43.32 -18.05 -7.49
C ALA A 626 44.37 -17.09 -6.89
N PRO A 627 45.45 -17.55 -6.22
CA PRO A 627 46.41 -16.61 -5.62
C PRO A 627 46.89 -15.46 -6.52
N ASP A 628 47.11 -15.74 -7.83
CA ASP A 628 47.54 -14.74 -8.81
C ASP A 628 46.44 -13.71 -9.19
N GLU A 629 45.17 -14.02 -8.88
CA GLU A 629 44.02 -13.16 -9.18
C GLU A 629 43.77 -12.05 -8.15
N ILE A 630 44.32 -12.20 -6.92
CA ILE A 630 44.19 -11.21 -5.83
C ILE A 630 45.09 -10.00 -6.15
N THR A 631 44.48 -8.80 -6.23
CA THR A 631 45.21 -7.57 -6.60
C THR A 631 45.49 -6.61 -5.43
N ASN A 632 44.88 -6.82 -4.25
CA ASN A 632 45.14 -5.95 -3.10
C ASN A 632 45.56 -6.73 -1.86
N TYR A 633 46.62 -6.25 -1.20
CA TYR A 633 47.22 -6.85 -0.02
C TYR A 633 47.42 -5.82 1.09
N VAL A 634 47.67 -6.30 2.33
CA VAL A 634 47.99 -5.46 3.49
C VAL A 634 49.38 -4.89 3.17
N ALA A 635 49.50 -3.55 3.05
CA ALA A 635 50.72 -2.80 2.68
C ALA A 635 52.03 -3.42 3.17
N GLY A 636 52.90 -3.74 2.21
CA GLY A 636 54.21 -4.33 2.44
C GLY A 636 54.22 -5.77 2.93
N THR A 637 53.08 -6.49 2.81
CA THR A 637 52.93 -7.88 3.25
C THR A 637 52.23 -8.73 2.18
N ASP A 638 52.23 -10.06 2.36
CA ASP A 638 51.55 -10.98 1.45
C ASP A 638 50.16 -11.41 1.98
N VAL A 639 49.65 -10.70 3.00
CA VAL A 639 48.33 -10.93 3.60
C VAL A 639 47.30 -10.31 2.64
N PRO A 640 46.45 -11.11 1.98
CA PRO A 640 45.49 -10.54 1.01
C PRO A 640 44.30 -9.83 1.63
N VAL A 641 43.78 -8.82 0.91
CA VAL A 641 42.62 -8.06 1.37
C VAL A 641 41.34 -8.70 0.79
N PRO A 642 40.39 -9.14 1.64
CA PRO A 642 39.15 -9.74 1.11
C PRO A 642 38.27 -8.72 0.40
N THR A 643 37.57 -9.17 -0.66
CA THR A 643 36.64 -8.31 -1.41
C THR A 643 35.31 -8.31 -0.68
N HIS A 644 34.97 -9.44 -0.03
CA HIS A 644 33.73 -9.67 0.70
C HIS A 644 33.97 -10.52 1.95
N TYR A 645 32.98 -10.55 2.84
CA TYR A 645 32.97 -11.38 4.04
C TYR A 645 31.65 -12.13 4.10
N PHE A 646 31.71 -13.45 4.33
CA PHE A 646 30.51 -14.27 4.41
C PHE A 646 30.15 -14.57 5.86
N VAL A 647 28.84 -14.64 6.14
CA VAL A 647 28.29 -14.99 7.44
C VAL A 647 27.10 -15.91 7.13
N VAL A 648 27.26 -17.22 7.38
CA VAL A 648 26.19 -18.18 7.14
C VAL A 648 25.59 -18.61 8.48
N LEU A 649 24.34 -18.18 8.72
CA LEU A 649 23.60 -18.48 9.94
C LEU A 649 22.76 -19.72 9.72
N THR A 650 22.97 -20.77 10.54
CA THR A 650 22.22 -22.01 10.44
C THR A 650 21.63 -22.40 11.78
N SER A 651 20.31 -22.58 11.79
CA SER A 651 19.53 -23.02 12.94
C SER A 651 18.57 -24.08 12.44
N CYS A 652 17.60 -24.50 13.26
CA CYS A 652 16.65 -25.51 12.82
C CYS A 652 15.28 -24.94 12.53
N LYS A 653 14.57 -25.55 11.54
CA LYS A 653 13.22 -25.16 11.13
C LYS A 653 12.27 -25.27 12.33
N ASN A 654 12.40 -26.36 13.12
CA ASN A 654 11.66 -26.55 14.37
C ASN A 654 12.48 -25.81 15.44
N LYS A 655 11.96 -24.67 15.90
CA LYS A 655 12.61 -23.79 16.87
C LYS A 655 12.73 -24.39 18.29
N THR A 656 12.12 -25.57 18.55
CA THR A 656 12.20 -26.25 19.85
C THR A 656 13.59 -26.86 20.06
N HIS A 657 14.32 -27.15 18.96
CA HIS A 657 15.67 -27.72 18.98
C HIS A 657 16.75 -26.68 18.68
N THR A 658 17.92 -26.85 19.31
CA THR A 658 19.10 -26.00 19.10
C THR A 658 19.81 -26.46 17.81
N PRO A 659 20.69 -25.63 17.16
CA PRO A 659 21.34 -26.10 15.92
C PRO A 659 22.25 -27.32 16.08
N ASP A 660 22.91 -27.45 17.26
CA ASP A 660 23.82 -28.55 17.57
C ASP A 660 23.10 -29.89 17.80
N SER A 661 21.82 -29.88 18.20
CA SER A 661 21.04 -31.09 18.43
C SER A 661 19.67 -31.00 17.76
N CYS A 662 19.64 -31.30 16.43
CA CYS A 662 18.40 -31.25 15.66
C CYS A 662 18.32 -32.32 14.56
N PRO A 663 17.22 -33.12 14.53
CA PRO A 663 17.12 -34.19 13.51
C PRO A 663 16.48 -33.80 12.17
N GLY A 664 15.57 -32.82 12.19
CA GLY A 664 14.85 -32.38 11.01
C GLY A 664 15.56 -31.41 10.10
N TRP A 665 14.79 -30.70 9.26
CA TRP A 665 15.27 -29.71 8.29
C TRP A 665 15.89 -28.51 8.98
N LEU A 666 16.91 -27.91 8.34
CA LEU A 666 17.60 -26.74 8.86
C LEU A 666 17.07 -25.45 8.22
N ASP A 667 17.28 -24.31 8.90
CA ASP A 667 16.89 -22.98 8.42
C ASP A 667 18.18 -22.17 8.26
N VAL A 668 18.39 -21.62 7.06
CA VAL A 668 19.63 -20.90 6.75
C VAL A 668 19.39 -19.42 6.40
N LEU A 669 20.36 -18.57 6.79
CA LEU A 669 20.39 -17.12 6.52
C LEU A 669 21.82 -16.65 6.13
N PRO A 670 22.22 -16.84 4.84
CA PRO A 670 23.58 -16.46 4.44
C PRO A 670 23.71 -15.00 4.00
N PHE A 671 24.89 -14.41 4.25
CA PHE A 671 25.23 -13.03 3.88
C PHE A 671 26.59 -12.98 3.19
N VAL A 672 26.70 -12.19 2.10
CA VAL A 672 27.95 -11.97 1.36
C VAL A 672 28.10 -10.44 1.29
N VAL A 673 28.60 -9.86 2.39
CA VAL A 673 28.74 -8.42 2.57
C VAL A 673 30.04 -7.89 1.95
N PRO A 674 29.97 -6.87 1.05
CA PRO A 674 31.20 -6.33 0.46
C PRO A 674 32.11 -5.67 1.48
N HIS A 675 33.41 -5.92 1.37
CA HIS A 675 34.43 -5.36 2.23
C HIS A 675 34.95 -4.10 1.53
N ARG A 676 34.25 -2.99 1.78
CA ARG A 676 34.52 -1.69 1.16
C ARG A 676 35.13 -0.66 2.14
N PRO A 677 36.02 0.25 1.66
CA PRO A 677 36.62 1.24 2.58
C PRO A 677 35.66 2.31 3.12
N THR A 678 34.50 2.50 2.45
CA THR A 678 33.47 3.47 2.84
C THR A 678 32.10 2.78 2.91
N ASN A 679 31.15 3.40 3.65
CA ASN A 679 29.78 2.90 3.79
C ASN A 679 28.80 3.76 2.97
N VAL A 680 29.28 4.30 1.83
CA VAL A 680 28.54 5.15 0.88
C VAL A 680 27.27 4.45 0.33
N GLU A 681 27.28 3.10 0.29
CA GLU A 681 26.16 2.28 -0.17
C GLU A 681 24.95 2.42 0.76
N SER A 682 25.18 2.60 2.07
CA SER A 682 24.14 2.73 3.09
C SER A 682 23.63 4.15 3.31
N CYS A 683 24.38 5.17 2.83
CA CYS A 683 24.10 6.61 3.01
C CYS A 683 23.87 6.89 4.52
N PRO A 684 24.89 6.67 5.39
CA PRO A 684 24.66 6.80 6.83
C PRO A 684 25.00 8.16 7.44
N GLU A 685 25.00 9.22 6.61
CA GLU A 685 25.31 10.58 7.06
C GLU A 685 24.27 11.04 8.10
N ASN A 686 24.75 11.29 9.34
CA ASN A 686 23.98 11.70 10.53
C ASN A 686 22.89 10.64 10.87
N LYS A 687 23.30 9.36 10.84
CA LYS A 687 22.44 8.20 11.13
C LYS A 687 23.20 7.15 11.94
N ALA A 688 22.62 6.73 13.09
CA ALA A 688 23.21 5.72 13.97
C ALA A 688 23.07 4.33 13.35
N GLU A 689 24.01 3.43 13.70
CA GLU A 689 24.13 2.04 13.23
C GLU A 689 22.84 1.20 13.25
N ASP A 690 21.89 1.53 14.14
CA ASP A 690 20.60 0.83 14.25
C ASP A 690 19.62 1.14 13.09
N LEU A 691 19.97 2.13 12.23
CA LEU A 691 19.14 2.56 11.11
C LEU A 691 19.66 2.17 9.70
N TRP A 692 20.86 1.56 9.60
CA TRP A 692 21.41 1.22 8.27
C TRP A 692 22.21 -0.10 8.19
N VAL A 693 22.86 -0.55 9.28
CA VAL A 693 23.70 -1.77 9.30
C VAL A 693 22.90 -3.02 8.91
N GLU A 694 21.74 -3.27 9.58
CA GLU A 694 20.88 -4.44 9.29
C GLU A 694 20.33 -4.39 7.87
N GLU A 695 19.96 -3.18 7.39
CA GLU A 695 19.44 -2.93 6.04
C GLU A 695 20.51 -3.29 5.00
N ARG A 696 21.79 -3.02 5.29
CA ARG A 696 22.92 -3.31 4.41
C ARG A 696 23.21 -4.80 4.34
N PHE A 697 23.14 -5.50 5.49
CA PHE A 697 23.34 -6.94 5.58
C PHE A 697 22.23 -7.67 4.82
N LYS A 698 20.96 -7.25 5.02
CA LYS A 698 19.78 -7.82 4.36
C LYS A 698 19.79 -7.65 2.85
N ALA A 699 20.40 -6.55 2.36
CA ALA A 699 20.54 -6.25 0.93
C ALA A 699 21.55 -7.19 0.27
N HIS A 700 22.49 -7.74 1.06
CA HIS A 700 23.54 -8.62 0.56
C HIS A 700 23.36 -10.09 1.02
N ILE A 701 22.08 -10.51 1.13
CA ILE A 701 21.71 -11.88 1.43
C ILE A 701 21.97 -12.69 0.14
N ALA A 702 22.47 -13.92 0.27
CA ALA A 702 22.76 -14.79 -0.86
C ALA A 702 22.35 -16.23 -0.52
N ARG A 703 22.59 -17.18 -1.45
CA ARG A 703 22.32 -18.60 -1.23
C ARG A 703 23.60 -19.19 -0.64
N VAL A 704 23.54 -20.39 -0.02
CA VAL A 704 24.73 -21.07 0.51
C VAL A 704 25.64 -21.41 -0.68
N ARG A 705 25.03 -21.81 -1.83
CA ARG A 705 25.73 -22.12 -3.08
C ARG A 705 26.58 -20.93 -3.56
N ASP A 706 26.07 -19.69 -3.41
CA ASP A 706 26.79 -18.46 -3.78
C ASP A 706 28.05 -18.31 -2.94
N VAL A 707 27.94 -18.57 -1.62
CA VAL A 707 29.05 -18.53 -0.64
C VAL A 707 30.08 -19.61 -1.03
N GLU A 708 29.59 -20.81 -1.38
CA GLU A 708 30.39 -21.98 -1.77
C GLU A 708 31.27 -21.71 -2.99
N LEU A 709 30.70 -21.11 -4.05
CA LEU A 709 31.41 -20.77 -5.28
C LEU A 709 32.47 -19.70 -5.02
N LEU A 710 32.13 -18.70 -4.18
CA LEU A 710 33.01 -17.59 -3.81
C LEU A 710 34.15 -17.96 -2.85
N THR A 711 34.08 -19.14 -2.20
CA THR A 711 35.09 -19.58 -1.23
C THR A 711 35.83 -20.86 -1.58
N GLY A 712 35.19 -21.74 -2.34
CA GLY A 712 35.75 -23.04 -2.68
C GLY A 712 35.60 -23.98 -1.50
N LEU A 713 34.53 -23.77 -0.72
CA LEU A 713 34.15 -24.55 0.45
C LEU A 713 32.81 -25.22 0.18
N ASP A 714 32.56 -26.37 0.80
CA ASP A 714 31.29 -27.10 0.66
C ASP A 714 30.78 -27.43 2.06
N PHE A 715 29.55 -27.00 2.38
CA PHE A 715 28.95 -27.15 3.70
C PHE A 715 27.96 -28.32 3.85
N TYR A 716 27.60 -28.64 5.12
CA TYR A 716 26.61 -29.62 5.58
C TYR A 716 26.79 -31.06 5.05
N GLN A 717 28.03 -31.46 4.76
CA GLN A 717 28.32 -32.81 4.25
C GLN A 717 28.13 -33.93 5.30
N GLU A 718 28.01 -33.57 6.60
CA GLU A 718 27.80 -34.54 7.68
C GLU A 718 26.38 -34.51 8.26
N LYS A 719 25.43 -33.86 7.57
CA LYS A 719 24.03 -33.79 7.98
C LYS A 719 23.31 -35.03 7.45
N THR A 720 22.70 -35.84 8.34
CA THR A 720 21.99 -37.07 7.96
C THR A 720 20.67 -36.71 7.23
N GLN A 721 20.80 -36.44 5.92
CA GLN A 721 19.75 -36.06 4.99
C GLN A 721 20.22 -36.34 3.56
N PRO A 722 19.33 -36.72 2.60
CA PRO A 722 19.80 -36.96 1.23
C PRO A 722 20.37 -35.69 0.60
N VAL A 723 21.39 -35.86 -0.29
CA VAL A 723 22.09 -34.77 -0.99
C VAL A 723 21.11 -33.81 -1.70
N SER A 724 20.07 -34.36 -2.36
CA SER A 724 19.01 -33.63 -3.05
C SER A 724 18.29 -32.63 -2.13
N GLU A 725 18.06 -33.03 -0.86
CA GLU A 725 17.42 -32.20 0.16
C GLU A 725 18.37 -31.12 0.66
N ILE A 726 19.68 -31.44 0.78
CA ILE A 726 20.72 -30.50 1.20
C ILE A 726 20.92 -29.43 0.11
N LEU A 727 20.75 -29.82 -1.18
CA LEU A 727 20.84 -28.91 -2.32
C LEU A 727 19.70 -27.88 -2.33
N GLN A 728 18.51 -28.27 -1.82
CA GLN A 728 17.34 -27.39 -1.68
C GLN A 728 17.66 -26.28 -0.69
N LEU A 729 18.35 -26.64 0.43
CA LEU A 729 18.79 -25.73 1.48
C LEU A 729 19.88 -24.78 0.96
N LYS A 730 20.81 -25.32 0.14
CA LYS A 730 21.92 -24.56 -0.45
C LYS A 730 21.48 -23.56 -1.54
N THR A 731 20.37 -23.85 -2.22
CA THR A 731 19.84 -23.00 -3.29
C THR A 731 18.77 -22.03 -2.78
N TYR A 732 18.34 -22.20 -1.51
CA TYR A 732 17.33 -21.38 -0.84
C TYR A 732 17.81 -19.93 -0.66
N LEU A 733 16.94 -18.98 -1.02
CA LEU A 733 17.22 -17.55 -0.90
C LEU A 733 16.25 -16.95 0.14
N PRO A 734 16.74 -16.58 1.35
CA PRO A 734 15.83 -15.98 2.34
C PRO A 734 15.31 -14.61 1.88
N THR A 735 13.98 -14.42 1.92
CA THR A 735 13.30 -13.21 1.48
C THR A 735 12.53 -12.58 2.64
N PHE A 736 12.58 -11.24 2.75
CA PHE A 736 11.88 -10.48 3.80
C PHE A 736 10.81 -9.58 3.19
N TRP B 5 -29.93 -5.79 -26.87
CA TRP B 5 -29.73 -4.52 -26.19
C TRP B 5 -28.25 -4.23 -25.92
N VAL B 6 -27.52 -5.22 -25.37
CA VAL B 6 -26.10 -5.10 -25.00
C VAL B 6 -25.20 -4.80 -26.23
N THR B 7 -25.56 -5.31 -27.43
CA THR B 7 -24.83 -5.09 -28.68
C THR B 7 -25.32 -3.84 -29.41
N GLU B 8 -26.57 -3.41 -29.13
CA GLU B 8 -27.23 -2.25 -29.73
C GLU B 8 -26.54 -0.93 -29.33
N ALA B 9 -26.63 0.09 -30.20
CA ALA B 9 -26.04 1.41 -29.98
C ALA B 9 -26.83 2.22 -28.95
N CYS B 10 -26.25 3.33 -28.46
CA CYS B 10 -26.88 4.24 -27.49
C CYS B 10 -28.07 4.95 -28.15
N ALA B 11 -29.11 5.26 -27.36
CA ALA B 11 -30.30 5.96 -27.85
C ALA B 11 -30.05 7.47 -27.95
N GLN B 17 -38.41 7.80 -26.47
CA GLN B 17 -38.98 6.57 -27.04
C GLN B 17 -39.80 5.84 -25.96
N CYS B 18 -41.14 6.01 -26.00
CA CYS B 18 -42.04 5.41 -25.03
C CYS B 18 -43.37 4.91 -25.64
N PRO B 19 -43.83 3.68 -25.30
CA PRO B 19 -45.08 3.17 -25.90
C PRO B 19 -46.38 3.74 -25.33
N GLU B 20 -47.53 3.33 -25.92
CA GLU B 20 -48.89 3.74 -25.54
C GLU B 20 -49.25 3.32 -24.12
N GLY B 21 -49.88 4.24 -23.39
CA GLY B 21 -50.30 4.04 -22.01
C GLY B 21 -49.33 4.66 -21.03
N PHE B 22 -48.02 4.50 -21.27
CA PHE B 22 -46.96 5.05 -20.43
C PHE B 22 -46.79 6.56 -20.70
N ASP B 23 -47.66 7.39 -20.10
CA ASP B 23 -47.63 8.85 -20.23
C ASP B 23 -46.45 9.42 -19.46
N GLN B 24 -46.24 8.92 -18.23
CA GLN B 24 -45.13 9.29 -17.36
C GLN B 24 -44.10 8.16 -17.37
N PRO B 25 -42.77 8.46 -17.36
CA PRO B 25 -41.78 7.37 -17.38
C PRO B 25 -41.73 6.60 -16.06
N PRO B 26 -41.70 5.24 -16.08
CA PRO B 26 -41.62 4.49 -14.82
C PRO B 26 -40.23 4.62 -14.20
N VAL B 27 -40.14 4.57 -12.87
CA VAL B 27 -38.86 4.70 -12.16
C VAL B 27 -38.47 3.36 -11.52
N ILE B 28 -37.28 2.84 -11.86
CA ILE B 28 -36.74 1.61 -11.28
C ILE B 28 -35.46 1.93 -10.52
N LEU B 29 -35.44 1.62 -9.22
CA LEU B 29 -34.31 1.82 -8.32
C LEU B 29 -33.70 0.45 -8.03
N PHE B 30 -32.56 0.17 -8.69
CA PHE B 30 -31.83 -1.10 -8.62
C PHE B 30 -30.63 -0.98 -7.68
N SER B 31 -30.59 -1.82 -6.64
CA SER B 31 -29.46 -1.85 -5.72
C SER B 31 -28.69 -3.15 -5.81
N MET B 32 -27.36 -3.01 -5.89
CA MET B 32 -26.40 -4.12 -5.94
C MET B 32 -25.55 -3.90 -4.69
N ASP B 33 -25.88 -4.64 -3.61
CA ASP B 33 -25.24 -4.54 -2.29
C ASP B 33 -23.73 -4.66 -2.35
N GLY B 34 -23.04 -3.72 -1.71
CA GLY B 34 -21.58 -3.69 -1.62
C GLY B 34 -20.81 -3.48 -2.91
N PHE B 35 -21.46 -2.89 -3.93
CA PHE B 35 -20.83 -2.59 -5.21
C PHE B 35 -20.05 -1.27 -5.05
N ARG B 36 -18.76 -1.37 -4.69
CA ARG B 36 -17.92 -0.18 -4.51
C ARG B 36 -17.61 0.52 -5.83
N ALA B 37 -17.38 1.85 -5.78
CA ALA B 37 -17.07 2.71 -6.93
C ALA B 37 -15.86 2.22 -7.73
N GLU B 38 -14.88 1.62 -7.03
CA GLU B 38 -13.64 1.05 -7.56
C GLU B 38 -13.93 -0.11 -8.53
N TYR B 39 -14.97 -0.94 -8.26
CA TYR B 39 -15.37 -2.08 -9.11
C TYR B 39 -15.75 -1.61 -10.50
N LEU B 40 -16.43 -0.45 -10.60
CA LEU B 40 -16.86 0.14 -11.85
C LEU B 40 -15.68 0.69 -12.63
N GLN B 41 -14.81 1.48 -11.98
CA GLN B 41 -13.62 2.09 -12.61
C GLN B 41 -12.60 1.09 -13.14
N THR B 42 -12.52 -0.11 -12.54
CA THR B 42 -11.53 -1.12 -12.93
C THR B 42 -12.12 -2.28 -13.75
N TRP B 43 -13.25 -2.85 -13.32
CA TRP B 43 -13.81 -4.05 -13.96
C TRP B 43 -15.04 -3.82 -14.86
N SER B 44 -15.38 -2.55 -15.22
CA SER B 44 -16.53 -2.25 -16.09
C SER B 44 -16.51 -2.97 -17.44
N THR B 45 -15.34 -3.03 -18.12
CA THR B 45 -15.20 -3.67 -19.43
C THR B 45 -15.45 -5.21 -19.38
N LEU B 46 -15.39 -5.81 -18.19
CA LEU B 46 -15.67 -7.23 -17.97
C LEU B 46 -17.19 -7.45 -17.77
N LEU B 47 -17.94 -6.35 -17.58
CA LEU B 47 -19.39 -6.35 -17.34
C LEU B 47 -20.07 -5.59 -18.51
N PRO B 48 -20.37 -6.28 -19.64
CA PRO B 48 -20.91 -5.59 -20.82
C PRO B 48 -22.23 -4.84 -20.67
N ASN B 49 -23.16 -5.33 -19.82
CA ASN B 49 -24.46 -4.68 -19.62
C ASN B 49 -24.35 -3.40 -18.80
N ILE B 50 -23.58 -3.43 -17.69
CA ILE B 50 -23.34 -2.27 -16.82
C ILE B 50 -22.43 -1.27 -17.56
N ASN B 51 -21.52 -1.78 -18.44
CA ASN B 51 -20.63 -0.92 -19.23
C ASN B 51 -21.40 -0.13 -20.28
N LYS B 52 -22.49 -0.69 -20.84
CA LYS B 52 -23.35 0.01 -21.81
C LYS B 52 -24.08 1.13 -21.10
N LEU B 53 -24.57 0.86 -19.87
CA LEU B 53 -25.25 1.82 -18.99
C LEU B 53 -24.29 2.97 -18.66
N LYS B 54 -23.00 2.65 -18.39
CA LYS B 54 -21.94 3.61 -18.09
C LYS B 54 -21.64 4.49 -19.32
N THR B 55 -21.58 3.87 -20.52
CA THR B 55 -21.28 4.53 -21.79
C THR B 55 -22.42 5.44 -22.27
N CYS B 56 -23.66 4.90 -22.35
CA CYS B 56 -24.83 5.59 -22.88
C CYS B 56 -25.47 6.56 -21.89
N GLY B 57 -25.59 6.15 -20.63
CA GLY B 57 -26.22 6.94 -19.60
C GLY B 57 -25.30 7.83 -18.79
N LEU B 58 -25.81 8.26 -17.63
CA LEU B 58 -25.15 9.13 -16.66
C LEU B 58 -24.57 8.29 -15.53
N HIS B 59 -23.44 8.74 -14.96
CA HIS B 59 -22.80 8.11 -13.80
C HIS B 59 -21.92 9.09 -13.03
N SER B 60 -21.89 8.96 -11.70
CA SER B 60 -21.04 9.79 -10.87
C SER B 60 -19.74 9.03 -10.63
N LYS B 61 -18.64 9.76 -10.38
CA LYS B 61 -17.32 9.18 -10.06
C LYS B 61 -17.48 8.22 -8.88
N TYR B 62 -18.35 8.60 -7.92
CA TYR B 62 -18.76 7.83 -6.74
C TYR B 62 -19.96 8.47 -6.04
N MET B 63 -20.73 7.66 -5.32
CA MET B 63 -21.84 8.15 -4.50
C MET B 63 -21.42 7.91 -3.04
N ARG B 64 -21.36 8.99 -2.26
CA ARG B 64 -20.97 8.92 -0.86
C ARG B 64 -22.11 8.33 -0.04
N ALA B 65 -21.80 7.23 0.66
CA ALA B 65 -22.74 6.55 1.53
C ALA B 65 -22.85 7.33 2.84
N VAL B 66 -23.72 6.86 3.73
CA VAL B 66 -23.94 7.48 5.03
C VAL B 66 -23.27 6.61 6.11
N TYR B 67 -22.78 7.23 7.20
CA TYR B 67 -22.12 6.51 8.28
C TYR B 67 -23.13 5.97 9.32
N PRO B 68 -23.05 4.66 9.74
CA PRO B 68 -22.11 3.62 9.31
C PRO B 68 -22.46 3.06 7.94
N THR B 69 -21.43 2.72 7.14
CA THR B 69 -21.59 2.22 5.77
C THR B 69 -22.07 0.76 5.77
N LYS B 70 -23.28 0.52 6.30
CA LYS B 70 -23.96 -0.78 6.41
C LYS B 70 -25.21 -0.79 5.53
N THR B 71 -25.79 -1.98 5.26
CA THR B 71 -26.94 -2.21 4.38
C THR B 71 -28.24 -1.47 4.81
N PHE B 72 -28.80 -1.81 5.98
CA PHE B 72 -30.06 -1.24 6.46
C PHE B 72 -30.01 0.29 6.67
N PRO B 73 -28.99 0.91 7.30
CA PRO B 73 -28.98 2.39 7.42
C PRO B 73 -28.93 3.11 6.08
N ASN B 74 -28.10 2.61 5.14
CA ASN B 74 -27.91 3.21 3.82
C ASN B 74 -29.08 3.04 2.87
N HIS B 75 -29.64 1.83 2.77
CA HIS B 75 -30.79 1.56 1.89
C HIS B 75 -32.00 2.38 2.31
N TYR B 76 -32.21 2.53 3.64
CA TYR B 76 -33.32 3.31 4.15
C TYR B 76 -33.07 4.81 4.00
N THR B 77 -31.79 5.24 3.96
CA THR B 77 -31.39 6.64 3.73
C THR B 77 -31.70 7.02 2.27
N ILE B 78 -31.41 6.12 1.31
CA ILE B 78 -31.64 6.30 -0.13
C ILE B 78 -33.12 6.61 -0.41
N VAL B 79 -34.03 5.86 0.22
CA VAL B 79 -35.48 5.99 0.03
C VAL B 79 -36.15 7.06 0.92
N THR B 80 -35.44 7.63 1.92
CA THR B 80 -36.05 8.66 2.78
C THR B 80 -35.40 10.05 2.67
N GLY B 81 -34.13 10.08 2.30
CA GLY B 81 -33.33 11.30 2.22
C GLY B 81 -32.92 11.78 3.60
N LEU B 82 -33.00 10.89 4.60
CA LEU B 82 -32.70 11.18 6.01
C LEU B 82 -31.44 10.48 6.50
N TYR B 83 -30.77 11.10 7.48
CA TYR B 83 -29.59 10.51 8.12
C TYR B 83 -30.11 9.43 9.08
N PRO B 84 -29.36 8.31 9.29
CA PRO B 84 -29.83 7.26 10.21
C PRO B 84 -30.36 7.74 11.57
N GLU B 85 -29.80 8.84 12.12
CA GLU B 85 -30.25 9.41 13.40
C GLU B 85 -31.70 9.91 13.36
N SER B 86 -32.18 10.34 12.17
CA SER B 86 -33.55 10.83 11.96
C SER B 86 -34.51 9.72 11.56
N HIS B 87 -34.11 8.80 10.63
CA HIS B 87 -35.01 7.73 10.21
C HIS B 87 -35.03 6.53 11.20
N GLY B 88 -34.09 6.49 12.14
CA GLY B 88 -34.04 5.48 13.20
C GLY B 88 -33.23 4.23 12.96
N ILE B 89 -33.00 3.86 11.69
CA ILE B 89 -32.22 2.66 11.36
C ILE B 89 -30.73 3.05 11.38
N ILE B 90 -30.15 3.08 12.58
CA ILE B 90 -28.77 3.52 12.81
C ILE B 90 -27.74 2.42 12.57
N ASP B 91 -28.18 1.15 12.53
CA ASP B 91 -27.31 -0.02 12.30
C ASP B 91 -28.17 -1.24 11.93
N ASN B 92 -27.53 -2.35 11.50
CA ASN B 92 -28.21 -3.60 11.19
C ASN B 92 -28.61 -4.27 12.50
N ASN B 93 -27.81 -4.03 13.57
CA ASN B 93 -28.01 -4.54 14.92
C ASN B 93 -28.04 -3.35 15.88
N MET B 94 -29.17 -3.15 16.59
CA MET B 94 -29.36 -2.04 17.52
C MET B 94 -30.34 -2.36 18.65
N TYR B 95 -30.36 -1.51 19.69
CA TYR B 95 -31.25 -1.65 20.84
C TYR B 95 -31.91 -0.31 21.19
N ASP B 96 -33.25 -0.32 21.37
CA ASP B 96 -34.02 0.84 21.80
C ASP B 96 -34.37 0.62 23.27
N VAL B 97 -34.00 1.58 24.13
CA VAL B 97 -34.22 1.52 25.58
C VAL B 97 -35.72 1.63 25.94
N TYR B 98 -36.46 2.55 25.29
CA TYR B 98 -37.89 2.78 25.54
C TYR B 98 -38.77 1.61 25.11
N LEU B 99 -38.45 1.00 23.95
CA LEU B 99 -39.18 -0.15 23.42
C LEU B 99 -38.77 -1.42 24.16
N ASN B 100 -37.51 -1.46 24.68
CA ASN B 100 -36.85 -2.59 25.36
C ASN B 100 -36.89 -3.83 24.46
N LYS B 101 -36.44 -3.63 23.22
CA LYS B 101 -36.41 -4.64 22.17
C LYS B 101 -35.11 -4.55 21.37
N ASN B 102 -34.62 -5.70 20.89
CA ASN B 102 -33.40 -5.81 20.10
C ASN B 102 -33.72 -5.96 18.62
N PHE B 103 -33.05 -5.17 17.78
CA PHE B 103 -33.20 -5.18 16.32
C PHE B 103 -32.01 -5.90 15.72
N SER B 104 -32.28 -6.81 14.75
CA SER B 104 -31.28 -7.58 14.01
C SER B 104 -31.89 -8.10 12.70
N LEU B 105 -31.04 -8.56 11.76
CA LEU B 105 -31.50 -9.07 10.46
C LEU B 105 -32.15 -10.46 10.59
N SER B 106 -31.83 -11.21 11.66
CA SER B 106 -32.38 -12.54 11.92
C SER B 106 -33.67 -12.49 12.76
N SER B 107 -33.78 -11.49 13.67
CA SER B 107 -34.93 -11.30 14.56
C SER B 107 -36.20 -10.88 13.82
N VAL B 108 -37.37 -11.14 14.46
CA VAL B 108 -38.71 -10.80 13.98
C VAL B 108 -38.98 -9.30 14.14
N GLU B 109 -38.20 -8.62 15.04
CA GLU B 109 -38.29 -7.21 15.36
C GLU B 109 -38.01 -6.25 14.19
N LYS B 110 -37.40 -6.75 13.10
CA LYS B 110 -37.11 -5.95 11.89
C LYS B 110 -38.40 -5.51 11.18
N SER B 111 -39.49 -6.28 11.35
CA SER B 111 -40.81 -6.05 10.76
C SER B 111 -41.69 -5.13 11.62
N ASN B 112 -41.23 -4.76 12.83
CA ASN B 112 -41.95 -3.86 13.74
C ASN B 112 -41.81 -2.41 13.20
N PRO B 113 -42.95 -1.75 12.85
CA PRO B 113 -42.86 -0.39 12.28
C PRO B 113 -42.38 0.71 13.24
N ALA B 114 -42.30 0.41 14.55
CA ALA B 114 -41.85 1.34 15.61
C ALA B 114 -40.40 1.82 15.39
N TRP B 115 -39.57 0.98 14.72
CA TRP B 115 -38.17 1.27 14.40
C TRP B 115 -38.02 2.19 13.18
N TRP B 116 -38.99 2.16 12.26
CA TRP B 116 -38.93 2.87 10.99
C TRP B 116 -39.65 4.22 11.00
N SER B 117 -38.87 5.31 11.08
CA SER B 117 -39.35 6.69 11.06
C SER B 117 -39.16 7.28 9.66
N GLY B 118 -39.74 8.45 9.41
CA GLY B 118 -39.66 9.11 8.12
C GLY B 118 -40.62 8.57 7.09
N GLN B 119 -40.53 9.10 5.86
CA GLN B 119 -41.42 8.71 4.76
C GLN B 119 -40.67 8.16 3.54
N PRO B 120 -40.59 6.81 3.39
CA PRO B 120 -39.91 6.25 2.20
C PRO B 120 -40.63 6.61 0.90
N ILE B 121 -39.86 6.76 -0.19
CA ILE B 121 -40.30 7.17 -1.54
C ILE B 121 -41.55 6.40 -2.04
N TRP B 122 -41.70 5.10 -1.68
CA TRP B 122 -42.89 4.34 -2.08
C TRP B 122 -44.16 4.91 -1.43
N LEU B 123 -44.07 5.30 -0.14
CA LEU B 123 -45.19 5.93 0.59
C LEU B 123 -45.52 7.30 0.01
N THR B 124 -44.48 8.09 -0.34
CA THR B 124 -44.61 9.43 -0.91
C THR B 124 -45.38 9.39 -2.24
N ALA B 125 -45.08 8.39 -3.09
CA ALA B 125 -45.75 8.16 -4.37
C ALA B 125 -47.19 7.70 -4.15
N MET B 126 -47.40 6.80 -3.17
CA MET B 126 -48.71 6.25 -2.81
C MET B 126 -49.66 7.29 -2.23
N TYR B 127 -49.13 8.23 -1.43
CA TYR B 127 -49.91 9.31 -0.82
C TYR B 127 -50.28 10.37 -1.87
N GLN B 128 -49.54 10.41 -2.99
CA GLN B 128 -49.75 11.39 -4.06
C GLN B 128 -50.34 10.79 -5.36
N GLY B 129 -51.16 9.74 -5.21
CA GLY B 129 -51.90 9.09 -6.29
C GLY B 129 -51.19 8.15 -7.23
N LEU B 130 -49.95 7.73 -6.90
CA LEU B 130 -49.19 6.79 -7.74
C LEU B 130 -49.05 5.43 -7.09
N LYS B 131 -48.92 4.36 -7.90
CA LYS B 131 -48.73 3.01 -7.39
C LYS B 131 -47.25 2.65 -7.29
N ALA B 132 -46.87 1.90 -6.23
CA ALA B 132 -45.48 1.52 -5.99
C ALA B 132 -45.29 0.03 -5.71
N ALA B 133 -44.33 -0.59 -6.41
CA ALA B 133 -43.98 -2.01 -6.28
C ALA B 133 -42.54 -2.17 -5.82
N SER B 134 -42.23 -3.29 -5.13
CA SER B 134 -40.89 -3.54 -4.62
C SER B 134 -40.52 -5.02 -4.51
N TYR B 135 -39.46 -5.44 -5.23
CA TYR B 135 -38.93 -6.79 -5.11
C TYR B 135 -37.64 -6.68 -4.29
N TYR B 136 -37.82 -6.64 -2.95
CA TYR B 136 -36.81 -6.48 -1.91
C TYR B 136 -36.26 -5.07 -1.81
N TRP B 137 -36.06 -4.62 -0.56
CA TRP B 137 -35.50 -3.34 -0.12
C TRP B 137 -35.75 -3.20 1.38
N PRO B 138 -34.73 -2.92 2.22
CA PRO B 138 -34.99 -2.76 3.66
C PRO B 138 -36.10 -1.75 3.93
N GLY B 139 -37.19 -2.22 4.53
CA GLY B 139 -38.37 -1.42 4.83
C GLY B 139 -39.56 -1.71 3.94
N SER B 140 -39.31 -2.26 2.73
CA SER B 140 -40.33 -2.61 1.74
C SER B 140 -41.28 -3.70 2.22
N ASP B 141 -40.77 -4.63 3.05
CA ASP B 141 -41.59 -5.71 3.61
C ASP B 141 -42.00 -5.39 5.06
N VAL B 142 -42.00 -4.09 5.40
CA VAL B 142 -42.39 -3.54 6.71
C VAL B 142 -43.54 -2.55 6.49
N ALA B 143 -44.57 -2.61 7.35
CA ALA B 143 -45.73 -1.72 7.27
C ALA B 143 -45.38 -0.33 7.87
N VAL B 144 -44.44 0.38 7.22
CA VAL B 144 -43.96 1.72 7.62
C VAL B 144 -45.14 2.69 7.60
N ASN B 145 -45.39 3.36 8.75
CA ASN B 145 -46.49 4.32 8.98
C ASN B 145 -47.87 3.66 8.68
N GLY B 146 -47.98 2.38 9.06
CA GLY B 146 -49.18 1.56 8.88
C GLY B 146 -49.50 1.18 7.45
N SER B 147 -48.51 1.23 6.53
CA SER B 147 -48.72 0.89 5.13
C SER B 147 -47.55 0.20 4.45
N PHE B 148 -47.86 -0.78 3.60
CA PHE B 148 -46.93 -1.55 2.78
C PHE B 148 -47.01 -1.02 1.33
N PRO B 149 -46.00 -1.24 0.45
CA PRO B 149 -46.16 -0.83 -0.96
C PRO B 149 -47.27 -1.64 -1.62
N ASN B 150 -47.93 -1.09 -2.68
CA ASN B 150 -49.02 -1.78 -3.41
C ASN B 150 -48.68 -3.23 -3.70
N ILE B 151 -47.45 -3.49 -4.18
CA ILE B 151 -46.91 -4.83 -4.42
C ILE B 151 -45.55 -4.91 -3.75
N TYR B 152 -45.35 -5.90 -2.88
CA TYR B 152 -44.10 -6.11 -2.16
C TYR B 152 -43.78 -7.59 -2.03
N ARG B 153 -42.54 -7.89 -1.62
CA ARG B 153 -42.09 -9.26 -1.41
C ARG B 153 -41.39 -9.39 -0.07
N ASN B 154 -41.79 -10.40 0.72
CA ASN B 154 -41.18 -10.72 2.00
C ASN B 154 -39.76 -11.21 1.71
N TYR B 155 -38.75 -10.70 2.43
CA TYR B 155 -37.36 -11.01 2.17
C TYR B 155 -36.98 -12.49 2.30
N SER B 156 -36.25 -12.96 1.27
CA SER B 156 -35.69 -14.30 1.12
C SER B 156 -34.51 -14.17 0.16
N ASN B 157 -33.28 -14.41 0.67
CA ASN B 157 -32.05 -14.31 -0.11
C ASN B 157 -31.87 -15.44 -1.12
N SER B 158 -32.48 -16.61 -0.85
CA SER B 158 -32.40 -17.82 -1.67
C SER B 158 -33.12 -17.74 -3.03
N VAL B 159 -33.96 -16.72 -3.25
CA VAL B 159 -34.70 -16.52 -4.50
C VAL B 159 -33.75 -16.10 -5.64
N PRO B 160 -33.71 -16.84 -6.79
CA PRO B 160 -32.80 -16.46 -7.89
C PRO B 160 -33.09 -15.10 -8.52
N TYR B 161 -32.03 -14.45 -9.06
CA TYR B 161 -32.08 -13.12 -9.66
C TYR B 161 -33.04 -13.01 -10.86
N GLU B 162 -33.06 -14.03 -11.74
CA GLU B 162 -33.95 -14.11 -12.90
C GLU B 162 -35.42 -14.04 -12.47
N SER B 163 -35.78 -14.73 -11.36
CA SER B 163 -37.12 -14.75 -10.79
C SER B 163 -37.54 -13.39 -10.25
N ARG B 164 -36.57 -12.61 -9.73
CA ARG B 164 -36.80 -11.25 -9.20
C ARG B 164 -37.10 -10.31 -10.38
N ILE B 165 -36.31 -10.42 -11.46
CA ILE B 165 -36.42 -9.65 -12.70
C ILE B 165 -37.73 -9.96 -13.43
N ALA B 166 -38.06 -11.27 -13.61
CA ALA B 166 -39.27 -11.74 -14.29
C ALA B 166 -40.56 -11.22 -13.64
N THR B 167 -40.63 -11.20 -12.29
CA THR B 167 -41.77 -10.71 -11.52
C THR B 167 -41.93 -9.19 -11.70
N LEU B 168 -40.80 -8.47 -11.77
CA LEU B 168 -40.78 -7.02 -11.98
C LEU B 168 -41.28 -6.67 -13.39
N LEU B 169 -40.94 -7.52 -14.39
CA LEU B 169 -41.38 -7.37 -15.78
C LEU B 169 -42.87 -7.65 -15.91
N GLN B 170 -43.42 -8.55 -15.06
CA GLN B 170 -44.85 -8.88 -15.01
C GLN B 170 -45.63 -7.66 -14.51
N TRP B 171 -45.05 -6.92 -13.53
CA TRP B 171 -45.63 -5.71 -12.96
C TRP B 171 -45.71 -4.58 -13.99
N LEU B 172 -44.76 -4.53 -14.93
CA LEU B 172 -44.72 -3.54 -16.01
C LEU B 172 -45.68 -3.91 -17.14
N ASP B 173 -46.11 -5.19 -17.18
CA ASP B 173 -47.07 -5.72 -18.15
C ASP B 173 -48.52 -5.56 -17.65
N LEU B 174 -48.71 -5.18 -16.37
CA LEU B 174 -50.01 -4.97 -15.73
C LEU B 174 -50.79 -3.81 -16.38
N PRO B 175 -52.15 -3.83 -16.37
CA PRO B 175 -52.90 -2.71 -16.96
C PRO B 175 -52.64 -1.40 -16.22
N LYS B 176 -52.62 -0.27 -16.96
CA LYS B 176 -52.34 1.09 -16.49
C LYS B 176 -52.90 1.43 -15.09
N ALA B 177 -54.15 1.01 -14.80
CA ALA B 177 -54.82 1.25 -13.50
C ALA B 177 -54.14 0.52 -12.34
N GLU B 178 -53.64 -0.70 -12.56
CA GLU B 178 -52.96 -1.54 -11.57
C GLU B 178 -51.44 -1.31 -11.57
N ARG B 179 -50.87 -0.99 -12.74
CA ARG B 179 -49.45 -0.80 -13.01
C ARG B 179 -48.75 0.28 -12.15
N PRO B 180 -47.71 -0.13 -11.38
CA PRO B 180 -46.98 0.83 -10.56
C PRO B 180 -46.07 1.76 -11.36
N SER B 181 -45.82 2.96 -10.82
CA SER B 181 -44.97 3.99 -11.42
C SER B 181 -43.55 3.92 -10.85
N PHE B 182 -43.43 3.45 -9.59
CA PHE B 182 -42.15 3.32 -8.91
C PHE B 182 -41.85 1.86 -8.54
N TYR B 183 -40.60 1.44 -8.75
CA TYR B 183 -40.12 0.08 -8.50
C TYR B 183 -38.78 0.06 -7.79
N THR B 184 -38.59 -0.90 -6.87
CA THR B 184 -37.30 -1.17 -6.22
C THR B 184 -36.94 -2.62 -6.48
N ILE B 185 -35.64 -2.88 -6.67
CA ILE B 185 -35.11 -4.22 -6.87
C ILE B 185 -33.75 -4.30 -6.19
N TYR B 186 -33.61 -5.24 -5.25
CA TYR B 186 -32.39 -5.43 -4.47
C TYR B 186 -31.72 -6.77 -4.79
N VAL B 187 -30.39 -6.74 -4.81
CA VAL B 187 -29.51 -7.87 -5.06
C VAL B 187 -28.41 -7.90 -3.97
N GLU B 188 -28.09 -9.11 -3.46
CA GLU B 188 -27.10 -9.34 -2.38
C GLU B 188 -25.65 -9.23 -2.81
N GLU B 189 -25.35 -9.42 -4.11
CA GLU B 189 -23.99 -9.37 -4.64
C GLU B 189 -23.62 -7.98 -5.21
N PRO B 190 -22.33 -7.56 -5.24
CA PRO B 190 -21.11 -8.29 -4.87
C PRO B 190 -20.68 -8.21 -3.38
N ASP B 191 -21.63 -7.89 -2.46
CA ASP B 191 -21.35 -7.79 -1.02
C ASP B 191 -20.97 -9.12 -0.39
N SER B 192 -21.76 -10.19 -0.65
CA SER B 192 -21.52 -11.53 -0.12
C SER B 192 -20.13 -12.06 -0.47
N ALA B 193 -19.71 -11.89 -1.74
CA ALA B 193 -18.39 -12.29 -2.24
C ALA B 193 -17.28 -11.44 -1.62
N GLY B 194 -17.58 -10.16 -1.39
CA GLY B 194 -16.69 -9.19 -0.75
C GLY B 194 -16.32 -9.58 0.66
N HIS B 195 -17.31 -10.11 1.41
CA HIS B 195 -17.13 -10.59 2.78
C HIS B 195 -16.33 -11.88 2.82
N LYS B 196 -16.55 -12.76 1.82
CA LYS B 196 -15.91 -14.06 1.70
C LYS B 196 -14.43 -14.02 1.34
N SER B 197 -14.06 -13.25 0.29
CA SER B 197 -12.69 -13.25 -0.22
C SER B 197 -12.01 -11.87 -0.39
N GLY B 198 -12.69 -10.80 -0.02
CA GLY B 198 -12.14 -9.45 -0.11
C GLY B 198 -12.52 -8.70 -1.38
N PRO B 199 -12.28 -7.37 -1.42
CA PRO B 199 -12.66 -6.57 -2.60
C PRO B 199 -11.89 -6.86 -3.89
N VAL B 200 -10.64 -7.34 -3.80
CA VAL B 200 -9.86 -7.69 -5.00
C VAL B 200 -9.59 -9.21 -4.94
N SER B 201 -10.53 -9.98 -5.53
CA SER B 201 -10.53 -11.44 -5.55
C SER B 201 -11.33 -11.99 -6.75
N ALA B 202 -11.21 -13.30 -7.01
CA ALA B 202 -11.92 -13.98 -8.08
C ALA B 202 -13.42 -14.11 -7.78
N GLY B 203 -13.74 -14.20 -6.49
CA GLY B 203 -15.11 -14.29 -5.98
C GLY B 203 -15.94 -13.08 -6.33
N VAL B 204 -15.36 -11.86 -6.14
CA VAL B 204 -16.04 -10.60 -6.46
C VAL B 204 -16.22 -10.43 -7.97
N ILE B 205 -15.24 -10.89 -8.80
CA ILE B 205 -15.30 -10.84 -10.26
C ILE B 205 -16.52 -11.65 -10.74
N LYS B 206 -16.67 -12.88 -10.22
CA LYS B 206 -17.79 -13.79 -10.52
C LYS B 206 -19.12 -13.16 -10.09
N ALA B 207 -19.13 -12.50 -8.91
CA ALA B 207 -20.30 -11.81 -8.35
C ALA B 207 -20.70 -10.59 -9.18
N LEU B 208 -19.70 -9.84 -9.69
CA LEU B 208 -19.89 -8.66 -10.54
C LEU B 208 -20.48 -9.10 -11.89
N GLN B 209 -20.04 -10.27 -12.40
CA GLN B 209 -20.53 -10.84 -13.66
C GLN B 209 -21.98 -11.33 -13.47
N LEU B 210 -22.29 -11.86 -12.27
CA LEU B 210 -23.61 -12.36 -11.88
C LEU B 210 -24.65 -11.23 -11.82
N VAL B 211 -24.26 -10.05 -11.28
CA VAL B 211 -25.13 -8.88 -11.18
C VAL B 211 -25.31 -8.21 -12.56
N ASP B 212 -24.29 -8.34 -13.43
CA ASP B 212 -24.31 -7.82 -14.80
C ASP B 212 -25.34 -8.60 -15.63
N ASP B 213 -25.43 -9.93 -15.42
CA ASP B 213 -26.39 -10.81 -16.11
C ASP B 213 -27.81 -10.46 -15.67
N ALA B 214 -28.02 -10.18 -14.36
CA ALA B 214 -29.30 -9.79 -13.76
C ALA B 214 -29.79 -8.46 -14.34
N PHE B 215 -28.87 -7.47 -14.48
CA PHE B 215 -29.19 -6.17 -15.07
C PHE B 215 -29.45 -6.31 -16.57
N GLY B 216 -28.71 -7.22 -17.21
CA GLY B 216 -28.85 -7.54 -18.63
C GLY B 216 -30.20 -8.15 -18.96
N MET B 217 -30.69 -9.03 -18.06
CA MET B 217 -31.99 -9.69 -18.16
C MET B 217 -33.13 -8.66 -18.07
N LEU B 218 -32.95 -7.63 -17.21
CA LEU B 218 -33.91 -6.55 -17.02
C LEU B 218 -33.99 -5.68 -18.27
N MET B 219 -32.82 -5.19 -18.76
CA MET B 219 -32.71 -4.36 -19.96
C MET B 219 -33.21 -5.05 -21.22
N GLU B 220 -32.93 -6.36 -21.36
CA GLU B 220 -33.38 -7.17 -22.50
C GLU B 220 -34.90 -7.38 -22.41
N GLY B 221 -35.39 -7.54 -21.17
CA GLY B 221 -36.81 -7.69 -20.87
C GLY B 221 -37.57 -6.42 -21.20
N LEU B 222 -36.95 -5.25 -20.90
CA LEU B 222 -37.52 -3.93 -21.18
C LEU B 222 -37.53 -3.65 -22.68
N LYS B 223 -36.46 -4.05 -23.40
CA LYS B 223 -36.31 -3.88 -24.85
C LYS B 223 -37.43 -4.58 -25.62
N GLN B 224 -37.86 -5.77 -25.15
CA GLN B 224 -38.94 -6.56 -25.73
C GLN B 224 -40.29 -5.83 -25.60
N ARG B 225 -40.46 -5.09 -24.49
CA ARG B 225 -41.65 -4.30 -24.17
C ARG B 225 -41.54 -2.85 -24.71
N ASN B 226 -40.38 -2.52 -25.33
CA ASN B 226 -40.01 -1.21 -25.88
C ASN B 226 -39.98 -0.13 -24.77
N LEU B 227 -39.51 -0.53 -23.57
CA LEU B 227 -39.41 0.31 -22.39
C LEU B 227 -37.95 0.60 -21.97
N HIS B 228 -36.98 0.09 -22.75
CA HIS B 228 -35.54 0.26 -22.49
C HIS B 228 -35.07 1.72 -22.55
N ASN B 229 -35.81 2.58 -23.28
CA ASN B 229 -35.51 4.00 -23.43
C ASN B 229 -36.54 4.90 -22.74
N CYS B 230 -37.66 4.31 -22.24
CA CYS B 230 -38.71 5.03 -21.52
C CYS B 230 -38.53 4.98 -20.00
N VAL B 231 -38.09 3.85 -19.45
CA VAL B 231 -37.87 3.66 -18.01
C VAL B 231 -36.70 4.51 -17.50
N ASN B 232 -36.92 5.24 -16.40
CA ASN B 232 -35.88 6.02 -15.73
C ASN B 232 -35.25 5.07 -14.71
N ILE B 233 -34.20 4.35 -15.12
CA ILE B 233 -33.48 3.37 -14.31
C ILE B 233 -32.31 3.99 -13.56
N ILE B 234 -32.18 3.65 -12.27
CA ILE B 234 -31.09 4.08 -11.38
C ILE B 234 -30.44 2.82 -10.80
N VAL B 235 -29.16 2.61 -11.10
CA VAL B 235 -28.38 1.49 -10.58
C VAL B 235 -27.36 2.05 -9.59
N LEU B 236 -27.53 1.71 -8.30
CA LEU B 236 -26.64 2.18 -7.25
C LEU B 236 -26.30 1.09 -6.23
N ALA B 237 -25.54 1.48 -5.20
CA ALA B 237 -25.14 0.62 -4.10
C ALA B 237 -25.30 1.35 -2.78
N ASP B 238 -25.45 0.60 -1.70
CA ASP B 238 -25.59 1.09 -0.34
C ASP B 238 -24.25 1.54 0.24
N HIS B 239 -23.15 0.84 -0.09
CA HIS B 239 -21.79 1.12 0.40
C HIS B 239 -20.74 0.41 -0.45
N GLY B 240 -19.48 0.54 -0.03
CA GLY B 240 -18.34 -0.11 -0.66
C GLY B 240 -17.89 -1.38 0.05
N MET B 241 -16.62 -1.74 -0.13
CA MET B 241 -16.00 -2.94 0.45
C MET B 241 -14.50 -2.75 0.63
N ASP B 242 -13.95 -3.25 1.75
CA ASP B 242 -12.52 -3.20 2.04
C ASP B 242 -12.00 -4.53 2.57
N GLN B 243 -10.68 -4.74 2.50
CA GLN B 243 -10.01 -5.97 2.94
C GLN B 243 -9.77 -5.97 4.45
N THR B 244 -9.99 -7.13 5.09
CA THR B 244 -9.77 -7.34 6.52
C THR B 244 -8.73 -8.44 6.74
N SER B 245 -8.01 -8.37 7.87
CA SER B 245 -6.98 -9.34 8.25
C SER B 245 -7.04 -9.66 9.73
N CYS B 246 -6.61 -10.88 10.09
CA CYS B 246 -6.57 -11.34 11.48
C CYS B 246 -5.54 -10.60 12.32
N ASP B 247 -4.42 -10.19 11.67
CA ASP B 247 -3.36 -9.42 12.32
C ASP B 247 -3.67 -7.91 12.30
N ARG B 248 -4.87 -7.55 11.78
CA ARG B 248 -5.38 -6.18 11.72
C ARG B 248 -6.66 -6.06 12.57
N VAL B 249 -6.62 -6.58 13.81
CA VAL B 249 -7.74 -6.55 14.76
C VAL B 249 -7.27 -6.03 16.13
N GLU B 250 -7.93 -4.97 16.63
CA GLU B 250 -7.69 -4.41 17.95
C GLU B 250 -8.62 -5.11 18.94
N TYR B 251 -8.10 -5.48 20.12
CA TYR B 251 -8.90 -6.16 21.14
C TYR B 251 -9.07 -5.32 22.40
N MET B 252 -10.29 -5.29 22.94
CA MET B 252 -10.64 -4.52 24.14
C MET B 252 -10.00 -5.08 25.42
N THR B 253 -9.55 -6.36 25.39
CA THR B 253 -8.87 -7.05 26.49
C THR B 253 -7.48 -6.44 26.74
N ASP B 254 -6.89 -5.82 25.69
CA ASP B 254 -5.58 -5.16 25.72
C ASP B 254 -5.65 -3.76 26.36
N TYR B 255 -6.88 -3.27 26.64
CA TYR B 255 -7.12 -1.95 27.22
C TYR B 255 -7.80 -2.02 28.57
N PHE B 256 -8.75 -2.97 28.75
CA PHE B 256 -9.47 -3.17 30.01
C PHE B 256 -9.02 -4.46 30.69
N PRO B 257 -8.72 -4.45 32.01
CA PRO B 257 -8.31 -5.70 32.70
C PRO B 257 -9.46 -6.69 32.83
N GLU B 258 -10.71 -6.18 32.91
CA GLU B 258 -11.95 -6.95 33.00
C GLU B 258 -13.07 -6.16 32.31
N ILE B 259 -13.71 -6.78 31.30
CA ILE B 259 -14.79 -6.17 30.53
C ILE B 259 -16.15 -6.55 31.11
N ASN B 260 -16.92 -5.54 31.55
CA ASN B 260 -18.25 -5.70 32.14
C ASN B 260 -19.33 -5.04 31.24
N PHE B 261 -18.92 -4.56 30.06
CA PHE B 261 -19.79 -3.87 29.09
C PHE B 261 -20.16 -4.72 27.87
N TYR B 262 -21.19 -4.27 27.12
CA TYR B 262 -21.61 -4.87 25.86
C TYR B 262 -20.99 -4.05 24.73
N MET B 263 -20.55 -4.74 23.67
CA MET B 263 -19.93 -4.08 22.52
C MET B 263 -20.50 -4.58 21.19
N TYR B 264 -20.89 -3.64 20.32
CA TYR B 264 -21.31 -3.90 18.96
C TYR B 264 -19.98 -3.85 18.20
N GLN B 265 -19.37 -5.00 17.93
CA GLN B 265 -18.04 -5.09 17.32
C GLN B 265 -18.02 -4.98 15.79
N GLY B 266 -16.82 -4.74 15.24
CA GLY B 266 -16.58 -4.62 13.81
C GLY B 266 -15.93 -3.32 13.37
N PRO B 267 -16.38 -2.75 12.23
CA PRO B 267 -15.76 -1.50 11.72
C PRO B 267 -16.32 -0.21 12.29
N ALA B 268 -17.53 -0.24 12.88
CA ALA B 268 -18.20 0.92 13.50
C ALA B 268 -18.68 0.54 14.91
N PRO B 269 -17.75 0.35 15.89
CA PRO B 269 -18.16 -0.11 17.22
C PRO B 269 -18.89 0.90 18.10
N ARG B 270 -19.83 0.37 18.90
CA ARG B 270 -20.69 1.07 19.85
C ARG B 270 -20.65 0.28 21.16
N ILE B 271 -20.34 0.97 22.28
CA ILE B 271 -20.26 0.35 23.61
C ILE B 271 -21.40 0.83 24.51
N ARG B 272 -22.05 -0.13 25.20
CA ARG B 272 -23.14 0.13 26.14
C ARG B 272 -23.08 -0.85 27.34
N THR B 273 -24.04 -0.73 28.27
CA THR B 273 -24.12 -1.60 29.45
C THR B 273 -24.78 -2.93 29.10
N ARG B 274 -24.44 -3.99 29.87
CA ARG B 274 -25.03 -5.32 29.71
C ARG B 274 -26.39 -5.29 30.42
N ASN B 275 -26.46 -4.52 31.53
CA ASN B 275 -27.67 -4.36 32.34
C ASN B 275 -28.65 -3.37 31.71
N ILE B 276 -29.41 -3.85 30.72
CA ILE B 276 -30.40 -3.04 30.00
C ILE B 276 -31.84 -3.49 30.36
N PRO B 277 -32.82 -2.57 30.56
CA PRO B 277 -32.77 -1.10 30.40
C PRO B 277 -32.42 -0.29 31.65
N GLN B 278 -32.18 -0.96 32.80
CA GLN B 278 -31.89 -0.36 34.12
C GLN B 278 -30.67 0.58 34.14
N ASP B 279 -29.51 0.12 33.63
CA ASP B 279 -28.26 0.89 33.65
C ASP B 279 -27.95 1.70 32.38
N PHE B 280 -28.87 1.72 31.37
CA PHE B 280 -28.68 2.39 30.08
C PHE B 280 -28.19 3.84 30.19
N PHE B 281 -28.97 4.72 30.85
CA PHE B 281 -28.63 6.13 31.00
C PHE B 281 -27.59 6.39 32.09
N THR B 282 -27.55 5.54 33.14
CA THR B 282 -26.61 5.68 34.26
C THR B 282 -25.19 5.19 33.93
N PHE B 283 -25.03 4.39 32.84
CA PHE B 283 -23.75 3.85 32.37
C PHE B 283 -22.72 4.97 32.17
N ASN B 284 -21.53 4.82 32.76
CA ASN B 284 -20.46 5.80 32.67
C ASN B 284 -19.79 5.74 31.29
N SER B 285 -20.42 6.42 30.32
CA SER B 285 -19.97 6.50 28.93
C SER B 285 -18.68 7.31 28.81
N GLU B 286 -18.58 8.39 29.61
CA GLU B 286 -17.44 9.31 29.67
C GLU B 286 -16.16 8.62 30.14
N GLU B 287 -16.30 7.63 31.05
CA GLU B 287 -15.19 6.86 31.60
C GLU B 287 -14.55 5.95 30.54
N ILE B 288 -15.40 5.25 29.75
CA ILE B 288 -14.99 4.32 28.68
C ILE B 288 -14.16 5.04 27.61
N VAL B 289 -14.62 6.23 27.15
CA VAL B 289 -13.90 7.03 26.13
C VAL B 289 -12.57 7.56 26.68
N ARG B 290 -12.54 7.94 27.97
CA ARG B 290 -11.36 8.46 28.67
C ARG B 290 -10.32 7.34 28.89
N ASP B 291 -10.78 6.12 29.23
CA ASP B 291 -9.93 4.96 29.46
C ASP B 291 -9.38 4.34 28.17
N LEU B 292 -9.95 4.71 27.01
CA LEU B 292 -9.53 4.23 25.69
C LEU B 292 -8.77 5.29 24.88
N SER B 293 -8.70 6.53 25.40
CA SER B 293 -8.03 7.65 24.75
C SER B 293 -6.52 7.66 24.95
N CYS B 294 -5.78 7.71 23.81
CA CYS B 294 -4.31 7.78 23.71
C CYS B 294 -3.58 6.77 24.60
N ARG B 295 -4.04 5.50 24.57
CA ARG B 295 -3.45 4.42 25.36
C ARG B 295 -2.19 3.83 24.72
N LYS B 296 -2.22 3.65 23.39
CA LYS B 296 -1.12 3.12 22.59
C LYS B 296 -0.74 4.14 21.52
N SER B 297 0.58 4.30 21.26
CA SER B 297 1.13 5.23 20.26
C SER B 297 0.62 4.96 18.85
N ASP B 298 0.49 3.68 18.46
CA ASP B 298 0.00 3.26 17.15
C ASP B 298 -1.43 2.68 17.23
N GLN B 299 -2.31 3.32 18.03
CA GLN B 299 -3.71 2.92 18.23
C GLN B 299 -4.49 3.00 16.91
N HIS B 300 -5.13 1.88 16.54
CA HIS B 300 -5.86 1.76 15.27
C HIS B 300 -7.37 2.06 15.38
N PHE B 301 -7.77 2.77 16.44
CA PHE B 301 -9.14 3.23 16.70
C PHE B 301 -9.13 4.45 17.60
N LYS B 302 -10.17 5.29 17.51
CA LYS B 302 -10.27 6.50 18.33
C LYS B 302 -11.61 6.53 19.08
N PRO B 303 -11.58 6.58 20.43
CA PRO B 303 -12.85 6.66 21.17
C PRO B 303 -13.46 8.05 21.09
N TYR B 304 -14.80 8.09 21.02
CA TYR B 304 -15.55 9.33 20.92
C TYR B 304 -16.86 9.23 21.68
N LEU B 305 -17.23 10.32 22.33
CA LEU B 305 -18.53 10.52 22.95
C LEU B 305 -19.28 11.06 21.71
N THR B 306 -20.42 10.47 21.34
CA THR B 306 -21.18 10.81 20.11
C THR B 306 -21.29 12.34 19.81
N PRO B 307 -21.56 13.27 20.76
CA PRO B 307 -21.58 14.70 20.37
C PRO B 307 -20.23 15.28 19.91
N ASP B 308 -19.11 14.58 20.24
CA ASP B 308 -17.73 14.96 19.87
C ASP B 308 -17.30 14.43 18.50
N LEU B 309 -18.08 13.49 17.91
CA LEU B 309 -17.81 12.92 16.60
C LEU B 309 -17.88 14.01 15.51
N PRO B 310 -17.09 13.90 14.39
CA PRO B 310 -17.18 14.91 13.32
C PRO B 310 -18.63 15.15 12.89
N LYS B 311 -19.04 16.42 12.88
CA LYS B 311 -20.39 16.90 12.59
C LYS B 311 -20.97 16.48 11.23
N ARG B 312 -20.11 16.33 10.21
CA ARG B 312 -20.51 15.90 8.86
C ARG B 312 -21.12 14.50 8.82
N LEU B 313 -20.82 13.66 9.84
CA LEU B 313 -21.33 12.30 9.95
C LEU B 313 -22.79 12.28 10.39
N HIS B 314 -23.23 13.31 11.17
CA HIS B 314 -24.59 13.48 11.71
C HIS B 314 -25.04 12.19 12.39
N TYR B 315 -24.21 11.65 13.30
CA TYR B 315 -24.45 10.39 13.97
C TYR B 315 -24.39 10.51 15.50
N ALA B 316 -25.45 11.09 16.10
CA ALA B 316 -25.55 11.31 17.56
C ALA B 316 -26.99 11.47 18.08
N LYS B 317 -27.84 12.24 17.36
CA LYS B 317 -29.20 12.53 17.81
C LYS B 317 -30.20 11.39 17.58
N ASN B 318 -30.09 10.36 18.44
CA ASN B 318 -30.95 9.16 18.51
C ASN B 318 -30.54 8.32 19.71
N VAL B 319 -31.53 7.84 20.51
CA VAL B 319 -31.31 7.01 21.69
C VAL B 319 -30.66 5.66 21.34
N ARG B 320 -30.90 5.16 20.11
CA ARG B 320 -30.32 3.91 19.62
C ARG B 320 -28.81 4.04 19.40
N ILE B 321 -28.31 5.27 19.14
CA ILE B 321 -26.88 5.55 18.98
C ILE B 321 -26.31 5.72 20.39
N ASP B 322 -25.58 4.68 20.86
CA ASP B 322 -24.94 4.67 22.17
C ASP B 322 -23.89 5.78 22.25
N LYS B 323 -23.75 6.43 23.42
CA LYS B 323 -22.81 7.54 23.62
C LYS B 323 -21.36 7.18 23.30
N VAL B 324 -20.93 5.93 23.62
CA VAL B 324 -19.58 5.47 23.32
C VAL B 324 -19.50 4.99 21.88
N HIS B 325 -18.59 5.59 21.09
CA HIS B 325 -18.34 5.22 19.71
C HIS B 325 -16.85 5.10 19.46
N LEU B 326 -16.47 4.19 18.56
CA LEU B 326 -15.07 4.00 18.19
C LEU B 326 -14.93 4.22 16.69
N MET B 327 -14.03 5.13 16.29
CA MET B 327 -13.76 5.40 14.88
C MET B 327 -12.55 4.55 14.50
N VAL B 328 -12.81 3.44 13.81
CA VAL B 328 -11.81 2.47 13.41
C VAL B 328 -11.08 2.90 12.13
N ASP B 329 -9.74 2.74 12.11
CA ASP B 329 -8.87 3.06 10.98
C ASP B 329 -9.14 2.13 9.78
N ARG B 330 -8.71 2.57 8.58
CA ARG B 330 -8.84 1.82 7.31
C ARG B 330 -8.32 0.39 7.44
N GLN B 331 -9.12 -0.59 6.95
CA GLN B 331 -8.82 -2.03 6.92
C GLN B 331 -8.65 -2.69 8.32
N TRP B 332 -9.05 -2.01 9.41
CA TRP B 332 -8.92 -2.57 10.76
C TRP B 332 -10.27 -2.97 11.38
N LEU B 333 -10.23 -3.71 12.49
CA LEU B 333 -11.43 -4.16 13.21
C LEU B 333 -11.23 -4.01 14.71
N ALA B 334 -12.34 -3.90 15.47
CA ALA B 334 -12.29 -3.77 16.93
C ALA B 334 -13.27 -4.73 17.57
N TYR B 335 -12.74 -5.78 18.24
CA TYR B 335 -13.54 -6.81 18.92
C TYR B 335 -13.39 -6.71 20.44
N ARG B 336 -14.30 -7.37 21.19
CA ARG B 336 -14.27 -7.37 22.66
C ARG B 336 -13.15 -8.26 23.21
N ASN B 337 -12.95 -9.46 22.61
CA ASN B 337 -11.93 -10.43 23.02
C ASN B 337 -11.32 -11.19 21.81
N LYS B 338 -10.20 -11.91 22.06
CA LYS B 338 -9.44 -12.67 21.06
C LYS B 338 -10.14 -13.93 20.52
N GLY B 339 -11.19 -14.39 21.21
CA GLY B 339 -11.97 -15.56 20.83
C GLY B 339 -12.81 -15.36 19.58
N ASN B 342 -15.85 -13.76 10.20
CA ASN B 342 -14.70 -13.67 11.10
C ASN B 342 -13.72 -12.54 10.68
N CYS B 343 -12.46 -12.61 11.17
CA CYS B 343 -11.37 -11.66 10.94
C CYS B 343 -10.95 -11.52 9.47
N GLU B 344 -11.02 -12.63 8.70
CA GLU B 344 -10.57 -12.68 7.31
C GLU B 344 -11.68 -12.39 6.27
N GLY B 345 -11.25 -11.99 5.08
CA GLY B 345 -12.12 -11.66 3.96
C GLY B 345 -12.21 -10.17 3.73
N GLY B 346 -13.39 -9.62 3.98
CA GLY B 346 -13.66 -8.19 3.82
C GLY B 346 -14.92 -7.72 4.50
N THR B 347 -14.98 -6.41 4.80
CA THR B 347 -16.16 -5.81 5.45
C THR B 347 -16.33 -4.33 5.08
N HIS B 348 -17.44 -3.75 5.54
CA HIS B 348 -17.86 -2.36 5.37
C HIS B 348 -18.52 -1.91 6.67
N GLY B 349 -18.59 -0.60 6.88
CA GLY B 349 -19.17 0.01 8.07
C GLY B 349 -18.34 1.19 8.53
N TYR B 350 -17.12 1.29 7.97
CA TYR B 350 -16.13 2.33 8.22
C TYR B 350 -16.62 3.71 7.79
N ASN B 351 -15.77 4.74 8.02
CA ASN B 351 -15.99 6.13 7.64
C ASN B 351 -16.36 6.21 6.16
N ASN B 352 -17.46 6.92 5.84
CA ASN B 352 -17.97 7.09 4.49
C ASN B 352 -17.01 7.87 3.56
N GLU B 353 -16.04 8.60 4.13
CA GLU B 353 -15.04 9.38 3.38
C GLU B 353 -13.95 8.47 2.79
N PHE B 354 -13.77 7.26 3.36
CA PHE B 354 -12.77 6.28 2.89
C PHE B 354 -13.14 5.84 1.47
N LYS B 355 -12.16 5.87 0.55
CA LYS B 355 -12.32 5.52 -0.86
C LYS B 355 -12.95 4.13 -1.07
N SER B 356 -12.61 3.15 -0.21
CA SER B 356 -13.13 1.79 -0.27
C SER B 356 -14.63 1.70 0.07
N MET B 357 -15.16 2.69 0.81
CA MET B 357 -16.56 2.75 1.24
C MET B 357 -17.49 3.43 0.24
N GLU B 358 -16.91 4.05 -0.81
CA GLU B 358 -17.64 4.74 -1.88
C GLU B 358 -18.47 3.76 -2.68
N ALA B 359 -19.72 4.15 -2.99
CA ALA B 359 -20.68 3.34 -3.73
C ALA B 359 -20.82 3.81 -5.18
N ILE B 360 -21.43 2.97 -6.03
CA ILE B 360 -21.67 3.29 -7.44
C ILE B 360 -23.00 4.05 -7.59
N PHE B 361 -23.12 4.82 -8.69
CA PHE B 361 -24.34 5.52 -9.06
C PHE B 361 -24.36 5.69 -10.56
N LEU B 362 -25.33 5.02 -11.20
CA LEU B 362 -25.53 5.07 -12.64
C LEU B 362 -27.01 5.32 -12.90
N ALA B 363 -27.32 6.11 -13.93
CA ALA B 363 -28.69 6.47 -14.30
C ALA B 363 -28.88 6.53 -15.81
N HIS B 364 -30.06 6.11 -16.27
CA HIS B 364 -30.43 6.12 -17.68
C HIS B 364 -31.93 6.28 -17.82
N GLY B 365 -32.36 7.01 -18.85
CA GLY B 365 -33.76 7.27 -19.13
C GLY B 365 -34.02 8.60 -19.80
N PRO B 366 -35.30 8.92 -20.11
CA PRO B 366 -35.61 10.19 -20.79
C PRO B 366 -35.31 11.44 -19.97
N SER B 367 -35.49 11.37 -18.64
CA SER B 367 -35.27 12.49 -17.71
C SER B 367 -33.79 12.80 -17.49
N PHE B 368 -32.93 11.76 -17.53
CA PHE B 368 -31.48 11.89 -17.30
C PHE B 368 -30.68 12.31 -18.52
N LYS B 369 -29.56 13.02 -18.29
CA LYS B 369 -28.63 13.47 -19.33
C LYS B 369 -27.83 12.27 -19.82
N GLU B 370 -27.65 12.16 -21.14
CA GLU B 370 -26.94 11.06 -21.80
C GLU B 370 -25.43 11.28 -21.83
N LYS B 371 -24.65 10.17 -21.82
CA LYS B 371 -23.17 10.14 -21.88
C LYS B 371 -22.53 11.19 -20.95
N THR B 372 -23.00 11.26 -19.70
CA THR B 372 -22.55 12.26 -18.74
C THR B 372 -21.84 11.68 -17.52
N VAL B 373 -20.69 12.28 -17.17
CA VAL B 373 -19.93 11.96 -15.98
C VAL B 373 -20.15 13.16 -15.05
N ILE B 374 -20.71 12.90 -13.86
CA ILE B 374 -20.96 13.95 -12.87
C ILE B 374 -20.01 13.81 -11.69
N GLU B 375 -19.76 14.90 -10.97
CA GLU B 375 -18.89 14.92 -9.79
C GLU B 375 -19.54 14.13 -8.65
N PRO B 376 -18.76 13.56 -7.70
CA PRO B 376 -19.38 12.80 -6.59
C PRO B 376 -20.42 13.58 -5.80
N PHE B 377 -21.45 12.87 -5.32
CA PHE B 377 -22.55 13.42 -4.52
C PHE B 377 -22.94 12.43 -3.43
N GLU B 378 -23.81 12.86 -2.50
CA GLU B 378 -24.25 12.06 -1.36
C GLU B 378 -25.58 11.35 -1.56
N ASN B 379 -25.69 10.21 -0.85
CA ASN B 379 -26.79 9.28 -0.69
C ASN B 379 -28.11 9.99 -0.40
N ILE B 380 -28.05 11.00 0.48
CA ILE B 380 -29.16 11.78 1.03
C ILE B 380 -29.89 12.64 0.00
N GLU B 381 -29.28 12.84 -1.18
CA GLU B 381 -29.78 13.66 -2.29
C GLU B 381 -30.68 12.89 -3.27
N VAL B 382 -30.62 11.53 -3.25
CA VAL B 382 -31.36 10.64 -4.14
C VAL B 382 -32.89 10.78 -3.99
N TYR B 383 -33.41 10.89 -2.74
CA TYR B 383 -34.84 11.00 -2.45
C TYR B 383 -35.54 12.15 -3.21
N ASN B 384 -34.93 13.35 -3.23
CA ASN B 384 -35.47 14.53 -3.93
C ASN B 384 -35.48 14.31 -5.44
N LEU B 385 -34.45 13.62 -5.97
CA LEU B 385 -34.31 13.27 -7.39
C LEU B 385 -35.42 12.30 -7.80
N LEU B 386 -35.69 11.28 -6.94
CA LEU B 386 -36.75 10.29 -7.16
C LEU B 386 -38.12 10.97 -7.19
N CYS B 387 -38.29 12.03 -6.38
CA CYS B 387 -39.51 12.82 -6.30
C CYS B 387 -39.73 13.63 -7.59
N ASP B 388 -38.66 14.24 -8.12
CA ASP B 388 -38.66 15.03 -9.36
C ASP B 388 -38.95 14.14 -10.56
N LEU B 389 -38.48 12.89 -10.51
CA LEU B 389 -38.67 11.86 -11.53
C LEU B 389 -40.13 11.40 -11.57
N LEU B 390 -40.73 11.20 -10.38
CA LEU B 390 -42.12 10.76 -10.21
C LEU B 390 -43.13 11.92 -10.23
N HIS B 391 -42.65 13.18 -10.33
CA HIS B 391 -43.44 14.42 -10.35
C HIS B 391 -44.24 14.60 -9.04
N ILE B 392 -43.61 14.21 -7.92
CA ILE B 392 -44.22 14.28 -6.58
C ILE B 392 -43.47 15.25 -5.65
N GLN B 393 -44.18 15.80 -4.66
CA GLN B 393 -43.63 16.74 -3.68
C GLN B 393 -42.88 15.97 -2.57
N PRO B 394 -41.61 16.32 -2.27
CA PRO B 394 -40.88 15.56 -1.25
C PRO B 394 -41.27 15.87 0.19
N ALA B 395 -41.22 14.84 1.05
CA ALA B 395 -41.48 14.94 2.50
C ALA B 395 -40.22 15.58 3.14
N PRO B 396 -40.30 16.23 4.34
CA PRO B 396 -39.09 16.83 4.93
C PRO B 396 -37.91 15.87 5.05
N ASN B 397 -36.79 16.20 4.38
CA ASN B 397 -35.58 15.38 4.35
C ASN B 397 -34.31 16.24 4.48
N ASN B 398 -33.12 15.58 4.42
CA ASN B 398 -31.83 16.25 4.60
C ASN B 398 -31.10 16.57 3.28
N GLY B 399 -31.72 16.22 2.16
CA GLY B 399 -31.18 16.53 0.84
C GLY B 399 -31.45 17.98 0.50
N SER B 400 -30.58 18.58 -0.32
CA SER B 400 -30.75 19.96 -0.77
C SER B 400 -31.42 19.91 -2.14
N HIS B 401 -32.74 20.13 -2.16
CA HIS B 401 -33.57 20.08 -3.36
C HIS B 401 -33.10 21.05 -4.43
N GLY B 402 -32.54 20.50 -5.51
CA GLY B 402 -32.01 21.26 -6.64
C GLY B 402 -30.53 21.05 -6.90
N SER B 403 -29.81 20.47 -5.92
CA SER B 403 -28.37 20.19 -6.03
C SER B 403 -28.04 19.09 -7.05
N LEU B 404 -29.06 18.31 -7.45
CA LEU B 404 -28.94 17.21 -8.41
C LEU B 404 -29.64 17.52 -9.76
N ASN B 405 -29.90 18.82 -10.02
CA ASN B 405 -30.54 19.28 -11.25
C ASN B 405 -29.66 19.14 -12.50
N HIS B 406 -28.32 19.11 -12.32
CA HIS B 406 -27.34 18.97 -13.41
C HIS B 406 -27.33 17.57 -14.04
N LEU B 407 -28.10 16.64 -13.44
CA LEU B 407 -28.28 15.25 -13.89
C LEU B 407 -29.46 15.14 -14.84
N LEU B 408 -30.44 16.07 -14.71
CA LEU B 408 -31.67 16.10 -15.47
C LEU B 408 -31.63 16.99 -16.71
N LYS B 409 -32.30 16.54 -17.79
CA LYS B 409 -32.42 17.27 -19.06
C LYS B 409 -33.32 18.49 -18.86
N ALA B 410 -34.43 18.31 -18.13
CA ALA B 410 -35.41 19.35 -17.79
C ALA B 410 -35.79 19.22 -16.30
N PRO B 411 -35.14 19.98 -15.39
CA PRO B 411 -35.46 19.86 -13.95
C PRO B 411 -36.92 20.16 -13.61
N PHE B 412 -37.48 19.39 -12.66
CA PHE B 412 -38.86 19.52 -12.20
C PHE B 412 -39.00 20.59 -11.12
N TYR B 413 -37.96 20.76 -10.29
CA TYR B 413 -37.93 21.73 -9.21
C TYR B 413 -36.82 22.76 -9.45
N GLN B 414 -37.18 24.05 -9.34
CA GLN B 414 -36.25 25.16 -9.49
C GLN B 414 -35.96 25.72 -8.09
N PRO B 415 -34.72 25.58 -7.58
CA PRO B 415 -34.43 26.09 -6.24
C PRO B 415 -34.27 27.61 -6.17
N SER B 416 -34.46 28.17 -4.97
CA SER B 416 -34.33 29.61 -4.70
C SER B 416 -33.57 29.82 -3.40
N HIS B 417 -32.93 31.01 -3.24
CA HIS B 417 -32.17 31.35 -2.03
C HIS B 417 -33.06 31.45 -0.80
N ALA B 418 -32.53 31.01 0.36
CA ALA B 418 -33.24 31.05 1.64
C ALA B 418 -33.46 32.52 2.03
N GLU B 419 -34.71 32.87 2.34
CA GLU B 419 -35.12 34.22 2.71
C GLU B 419 -34.56 34.64 4.08
N GLU B 420 -33.98 35.86 4.16
CA GLU B 420 -33.43 36.41 5.41
C GLU B 420 -34.58 36.73 6.37
N LEU B 421 -34.51 36.16 7.59
CA LEU B 421 -35.53 36.29 8.62
C LEU B 421 -35.30 37.49 9.58
N SER B 422 -34.06 38.03 9.63
CA SER B 422 -33.71 39.18 10.46
C SER B 422 -32.84 40.19 9.70
N LYS B 423 -33.21 41.48 9.76
CA LYS B 423 -32.49 42.57 9.09
C LYS B 423 -31.49 43.23 10.03
N SER B 424 -30.33 43.65 9.48
CA SER B 424 -29.27 44.32 10.22
C SER B 424 -29.70 45.74 10.64
N ALA B 425 -29.46 46.11 11.91
CA ALA B 425 -29.84 47.41 12.46
C ALA B 425 -28.88 47.88 13.55
N GLY B 426 -28.66 49.20 13.61
CA GLY B 426 -27.80 49.84 14.60
C GLY B 426 -26.30 49.74 14.36
N CYS B 427 -25.52 49.92 15.43
CA CYS B 427 -24.04 49.87 15.50
C CYS B 427 -23.35 50.88 14.57
N GLY B 428 -23.98 52.04 14.39
CA GLY B 428 -23.42 53.12 13.57
C GLY B 428 -22.41 53.93 14.35
N PHE B 429 -21.36 54.43 13.66
CA PHE B 429 -20.33 55.25 14.31
C PHE B 429 -20.88 56.63 14.60
N THR B 430 -20.78 57.07 15.87
CA THR B 430 -21.26 58.38 16.31
C THR B 430 -20.13 59.19 16.93
N THR B 431 -19.46 58.64 17.96
CA THR B 431 -18.37 59.29 18.69
C THR B 431 -17.13 58.38 18.80
N PRO B 432 -15.89 58.95 18.79
CA PRO B 432 -14.69 58.10 18.95
C PRO B 432 -14.35 57.80 20.42
N LEU B 433 -15.12 58.36 21.38
CA LEU B 433 -14.97 58.15 22.82
C LEU B 433 -15.71 56.89 23.25
N PRO B 434 -15.10 55.99 24.05
CA PRO B 434 -15.74 54.70 24.36
C PRO B 434 -16.98 54.70 25.27
N LYS B 435 -17.19 55.73 26.11
CA LYS B 435 -18.29 55.85 27.10
C LYS B 435 -18.00 54.92 28.30
N ASP B 436 -17.84 53.61 28.03
CA ASP B 436 -17.52 52.56 28.99
C ASP B 436 -16.22 51.87 28.54
N SER B 437 -15.26 51.74 29.47
CA SER B 437 -13.96 51.10 29.23
C SER B 437 -14.11 49.59 29.12
N LEU B 438 -15.16 49.02 29.78
CA LEU B 438 -15.50 47.60 29.87
C LEU B 438 -14.38 46.76 30.49
N ASN B 439 -13.60 47.38 31.41
CA ASN B 439 -12.46 46.83 32.15
C ASN B 439 -11.33 46.32 31.22
N CYS B 440 -11.22 46.93 30.01
CA CYS B 440 -10.20 46.61 29.01
C CYS B 440 -9.08 47.62 29.07
N SER B 441 -7.83 47.19 28.78
CA SER B 441 -6.68 48.07 28.81
C SER B 441 -5.70 47.87 27.67
N CYS B 442 -5.16 48.99 27.16
CA CYS B 442 -4.14 49.07 26.12
C CYS B 442 -3.24 50.25 26.51
N LEU B 443 -2.11 49.95 27.16
CA LEU B 443 -1.14 50.94 27.64
C LEU B 443 -0.39 51.63 26.49
N ALA B 444 -0.40 51.02 25.28
CA ALA B 444 0.22 51.53 24.06
C ALA B 444 -0.50 52.79 23.55
N LEU B 445 -1.80 52.94 23.89
CA LEU B 445 -2.63 54.08 23.52
C LEU B 445 -2.81 55.01 24.73
N GLN B 446 -2.47 56.30 24.56
CA GLN B 446 -2.58 57.32 25.63
C GLN B 446 -3.62 58.37 25.27
N GLU B 451 -2.82 57.95 21.38
CA GLU B 451 -4.18 58.43 21.56
C GLU B 451 -5.21 57.52 20.85
N GLU B 452 -6.45 57.50 21.37
CA GLU B 452 -7.56 56.72 20.82
C GLU B 452 -8.14 57.30 19.51
N GLN B 453 -7.23 57.75 18.61
CA GLN B 453 -7.54 58.27 17.27
C GLN B 453 -7.68 57.08 16.30
N VAL B 454 -7.29 55.88 16.78
CA VAL B 454 -7.38 54.58 16.10
C VAL B 454 -8.86 54.18 15.95
N ASN B 455 -9.74 54.80 16.76
CA ASN B 455 -11.19 54.58 16.73
C ASN B 455 -11.80 55.22 15.48
N GLN B 456 -11.16 56.27 14.94
CA GLN B 456 -11.61 56.94 13.71
C GLN B 456 -11.43 56.07 12.47
N ARG B 457 -10.61 54.99 12.57
CA ARG B 457 -10.38 54.01 11.51
C ARG B 457 -11.64 53.14 11.34
N LEU B 458 -12.47 53.08 12.41
CA LEU B 458 -13.74 52.36 12.48
C LEU B 458 -14.88 53.20 11.85
N ASN B 459 -14.63 54.50 11.63
CA ASN B 459 -15.57 55.45 11.02
C ASN B 459 -15.31 55.46 9.51
N LEU B 460 -16.04 54.62 8.78
CA LEU B 460 -15.90 54.48 7.33
C LEU B 460 -17.03 55.17 6.57
N ASN B 461 -16.67 55.87 5.48
CA ASN B 461 -17.64 56.53 4.60
C ASN B 461 -18.23 55.49 3.64
N ARG B 462 -19.27 55.87 2.85
CA ARG B 462 -19.95 55.00 1.89
C ARG B 462 -19.00 54.32 0.89
N GLY B 463 -17.96 55.05 0.47
CA GLY B 463 -16.93 54.56 -0.45
C GLY B 463 -16.03 53.53 0.20
N GLU B 464 -15.64 53.75 1.47
CA GLU B 464 -14.79 52.84 2.25
C GLU B 464 -15.54 51.55 2.62
N VAL B 465 -16.86 51.66 2.85
CA VAL B 465 -17.74 50.52 3.16
C VAL B 465 -17.91 49.67 1.89
N SER B 466 -18.15 50.31 0.73
CA SER B 466 -18.29 49.63 -0.56
C SER B 466 -17.00 48.89 -0.96
N ALA B 467 -15.83 49.51 -0.66
CA ALA B 467 -14.51 48.96 -0.94
C ALA B 467 -14.27 47.68 -0.13
N THR B 468 -14.65 47.66 1.16
CA THR B 468 -14.51 46.49 2.03
C THR B 468 -15.59 45.43 1.71
N GLU B 469 -16.75 45.86 1.17
CA GLU B 469 -17.83 44.97 0.74
C GLU B 469 -17.44 44.27 -0.57
N LYS B 470 -16.64 44.94 -1.41
CA LYS B 470 -16.18 44.36 -2.67
C LYS B 470 -15.10 43.31 -2.41
N THR B 471 -14.13 43.64 -1.54
CA THR B 471 -13.00 42.78 -1.18
C THR B 471 -13.37 41.64 -0.23
N ASN B 472 -13.87 41.96 0.97
CA ASN B 472 -14.14 41.00 2.04
C ASN B 472 -15.53 40.35 2.02
N LEU B 473 -16.44 40.84 1.17
CA LEU B 473 -17.79 40.26 1.00
C LEU B 473 -18.03 40.04 -0.53
N PRO B 474 -17.18 39.26 -1.26
CA PRO B 474 -17.38 39.13 -2.72
C PRO B 474 -18.59 38.34 -3.18
N PHE B 475 -19.10 37.46 -2.31
CA PHE B 475 -20.26 36.60 -2.61
C PHE B 475 -21.49 37.09 -1.82
N GLY B 476 -21.36 38.26 -1.21
CA GLY B 476 -22.38 38.88 -0.40
C GLY B 476 -22.32 38.45 1.05
N ARG B 477 -22.90 39.25 1.94
CA ARG B 477 -22.95 38.97 3.39
C ARG B 477 -23.74 37.68 3.67
N PRO B 478 -23.30 36.84 4.64
CA PRO B 478 -24.09 35.67 5.01
C PRO B 478 -25.45 36.15 5.54
N ARG B 479 -26.55 35.58 5.06
CA ARG B 479 -27.89 36.00 5.46
C ARG B 479 -28.32 35.33 6.75
N VAL B 480 -29.06 36.05 7.59
CA VAL B 480 -29.52 35.56 8.89
C VAL B 480 -30.89 34.88 8.71
N ILE B 481 -30.89 33.54 8.75
CA ILE B 481 -32.09 32.72 8.60
C ILE B 481 -32.58 32.33 10.02
N GLN B 482 -32.75 33.36 10.86
CA GLN B 482 -33.19 33.27 12.24
C GLN B 482 -34.17 34.38 12.52
N LYS B 483 -35.33 34.03 13.11
CA LYS B 483 -36.37 34.98 13.46
C LYS B 483 -35.99 35.68 14.76
N ASN B 484 -36.23 37.02 14.83
CA ASN B 484 -35.96 37.90 15.98
C ASN B 484 -34.50 37.86 16.48
N LYS B 485 -33.54 37.80 15.54
CA LYS B 485 -32.11 37.79 15.83
C LYS B 485 -31.57 39.22 15.69
N ASP B 486 -31.40 39.93 16.82
CA ASP B 486 -30.89 41.30 16.85
C ASP B 486 -29.42 41.29 16.50
N HIS B 487 -29.08 41.90 15.34
CA HIS B 487 -27.72 41.94 14.85
C HIS B 487 -27.39 43.20 14.05
N CYS B 488 -26.10 43.46 13.86
CA CYS B 488 -25.58 44.60 13.10
C CYS B 488 -24.31 44.23 12.36
N LEU B 489 -24.03 44.92 11.25
CA LEU B 489 -22.81 44.69 10.49
C LEU B 489 -21.76 45.73 10.86
N LEU B 490 -20.55 45.25 11.18
CA LEU B 490 -19.40 46.07 11.56
C LEU B 490 -18.40 46.06 10.41
N TYR B 491 -18.12 47.24 9.87
CA TYR B 491 -17.22 47.43 8.73
C TYR B 491 -15.86 47.96 9.13
N HIS B 492 -14.81 47.31 8.64
CA HIS B 492 -13.40 47.66 8.86
C HIS B 492 -12.70 47.54 7.51
N ARG B 493 -11.52 48.17 7.36
CA ARG B 493 -10.76 48.16 6.11
C ARG B 493 -10.28 46.76 5.69
N GLU B 494 -10.02 45.87 6.65
CA GLU B 494 -9.51 44.53 6.37
C GLU B 494 -10.54 43.39 6.54
N TYR B 495 -11.62 43.63 7.30
CA TYR B 495 -12.66 42.63 7.55
C TYR B 495 -14.05 43.22 7.80
N VAL B 496 -15.09 42.41 7.60
CA VAL B 496 -16.50 42.78 7.82
C VAL B 496 -17.10 41.67 8.71
N SER B 497 -17.83 42.04 9.77
CA SER B 497 -18.44 41.06 10.66
C SER B 497 -19.91 41.34 10.95
N GLY B 498 -20.67 40.27 11.21
CA GLY B 498 -22.08 40.34 11.59
C GLY B 498 -22.16 40.04 13.07
N PHE B 499 -22.33 41.08 13.89
CA PHE B 499 -22.35 41.00 15.35
C PHE B 499 -23.69 40.61 15.96
N GLY B 500 -23.69 39.54 16.76
CA GLY B 500 -24.85 39.06 17.50
C GLY B 500 -24.96 39.79 18.83
N LYS B 501 -25.91 40.74 18.91
CA LYS B 501 -26.16 41.62 20.06
C LYS B 501 -26.46 40.90 21.38
N ALA B 502 -27.35 39.89 21.36
CA ALA B 502 -27.75 39.14 22.56
C ALA B 502 -26.63 38.27 23.14
N MET B 503 -25.81 37.64 22.26
CA MET B 503 -24.71 36.78 22.67
C MET B 503 -23.38 37.54 22.90
N LYS B 504 -23.38 38.87 22.59
CA LYS B 504 -22.26 39.82 22.76
C LYS B 504 -21.00 39.47 21.93
N MET B 505 -21.15 38.68 20.86
CA MET B 505 -20.05 38.27 19.98
C MET B 505 -20.51 38.20 18.51
N PRO B 506 -19.60 38.14 17.49
CA PRO B 506 -20.10 38.04 16.10
C PRO B 506 -20.59 36.64 15.75
N MET B 507 -21.56 36.55 14.83
CA MET B 507 -22.13 35.29 14.31
C MET B 507 -21.19 34.82 13.21
N TRP B 508 -20.61 35.78 12.47
CA TRP B 508 -19.69 35.57 11.36
C TRP B 508 -18.71 36.73 11.22
N SER B 509 -17.53 36.46 10.64
CA SER B 509 -16.47 37.42 10.38
C SER B 509 -15.86 37.05 9.02
N SER B 510 -16.08 37.90 8.03
CA SER B 510 -15.62 37.68 6.66
C SER B 510 -14.46 38.59 6.27
N TYR B 511 -13.42 37.99 5.66
CA TYR B 511 -12.20 38.68 5.23
C TYR B 511 -11.47 37.91 4.13
N THR B 512 -10.97 38.62 3.11
CA THR B 512 -10.22 38.00 2.02
C THR B 512 -8.74 38.32 2.18
N VAL B 513 -7.93 37.31 2.55
CA VAL B 513 -6.49 37.49 2.70
C VAL B 513 -5.86 37.35 1.30
N PRO B 514 -5.06 38.33 0.80
CA PRO B 514 -4.46 38.17 -0.54
C PRO B 514 -3.30 37.16 -0.51
N LYS B 515 -2.79 36.76 -1.69
CA LYS B 515 -1.68 35.81 -1.80
C LYS B 515 -0.41 36.41 -1.17
N PRO B 516 0.13 35.81 -0.07
CA PRO B 516 1.34 36.37 0.56
C PRO B 516 2.60 36.09 -0.24
N GLY B 517 3.56 37.01 -0.14
CA GLY B 517 4.83 36.90 -0.85
C GLY B 517 5.89 36.26 0.02
N ASP B 518 6.40 37.05 0.99
CA ASP B 518 7.42 36.65 1.95
C ASP B 518 6.79 36.20 3.27
N THR B 519 6.95 34.91 3.62
CA THR B 519 6.43 34.31 4.86
C THR B 519 7.38 34.65 6.01
N SER B 520 8.66 34.91 5.67
CA SER B 520 9.73 35.26 6.61
C SER B 520 9.42 36.53 7.41
N SER B 521 9.53 36.43 8.75
CA SER B 521 9.29 37.49 9.74
C SER B 521 7.93 38.21 9.56
N LEU B 522 6.83 37.43 9.63
CA LEU B 522 5.46 37.95 9.55
C LEU B 522 5.15 38.72 10.86
N PRO B 523 4.34 39.81 10.85
CA PRO B 523 4.12 40.56 12.09
C PRO B 523 3.35 39.80 13.17
N PRO B 524 3.79 39.83 14.45
CA PRO B 524 3.04 39.15 15.50
C PRO B 524 1.88 40.02 16.01
N THR B 525 0.93 39.41 16.75
CA THR B 525 -0.23 40.11 17.31
C THR B 525 0.23 41.04 18.45
N VAL B 526 -0.27 42.31 18.43
CA VAL B 526 0.06 43.34 19.42
C VAL B 526 -0.35 42.84 20.83
N PRO B 527 0.63 42.64 21.74
CA PRO B 527 0.29 42.12 23.07
C PRO B 527 -0.21 43.16 24.06
N ASP B 528 -1.03 42.69 25.04
CA ASP B 528 -1.62 43.46 26.14
C ASP B 528 -2.40 44.71 25.68
N CYS B 529 -3.03 44.63 24.50
CA CYS B 529 -3.81 45.72 23.93
C CYS B 529 -5.22 45.27 23.55
N LEU B 530 -6.22 45.80 24.28
CA LEU B 530 -7.63 45.49 24.11
C LEU B 530 -8.47 46.69 24.54
N ARG B 531 -9.45 47.08 23.72
CA ARG B 531 -10.32 48.24 23.97
C ARG B 531 -11.79 47.99 23.58
N ALA B 532 -12.68 48.88 24.02
CA ALA B 532 -14.12 48.80 23.74
C ALA B 532 -14.44 49.31 22.34
N ASP B 533 -15.42 48.68 21.67
CA ASP B 533 -15.87 49.11 20.35
C ASP B 533 -16.92 50.19 20.56
N VAL B 534 -16.63 51.39 20.03
CA VAL B 534 -17.47 52.59 20.13
C VAL B 534 -18.83 52.45 19.43
N ARG B 535 -18.89 51.60 18.39
CA ARG B 535 -20.09 51.35 17.58
C ARG B 535 -21.15 50.54 18.33
N VAL B 536 -20.72 49.52 19.07
CA VAL B 536 -21.63 48.65 19.82
C VAL B 536 -21.81 49.14 21.27
N ASP B 537 -23.08 49.16 21.73
CA ASP B 537 -23.52 49.56 23.06
C ASP B 537 -22.84 48.72 24.15
N PRO B 538 -22.46 49.31 25.32
CA PRO B 538 -21.80 48.52 26.38
C PRO B 538 -22.62 47.36 26.95
N SER B 539 -23.98 47.48 26.91
CA SER B 539 -24.91 46.46 27.39
C SER B 539 -24.96 45.25 26.43
N GLU B 540 -24.46 45.41 25.20
CA GLU B 540 -24.41 44.38 24.16
C GLU B 540 -22.95 43.98 23.86
N SER B 541 -22.02 44.44 24.70
CA SER B 541 -20.58 44.19 24.56
C SER B 541 -20.01 43.31 25.67
N GLN B 542 -18.91 42.60 25.37
CA GLN B 542 -18.18 41.75 26.30
C GLN B 542 -17.22 42.62 27.10
N LYS B 543 -17.03 42.28 28.39
CA LYS B 543 -16.07 42.98 29.26
C LYS B 543 -14.82 42.11 29.41
N CYS B 544 -13.63 42.73 29.39
CA CYS B 544 -12.35 42.03 29.52
C CYS B 544 -12.23 41.30 30.87
N SER B 545 -12.91 41.83 31.92
CA SER B 545 -12.94 41.27 33.27
C SER B 545 -13.68 39.93 33.35
N PHE B 546 -14.57 39.62 32.36
CA PHE B 546 -15.33 38.37 32.27
C PHE B 546 -14.41 37.16 32.19
N TYR B 547 -13.28 37.30 31.48
CA TYR B 547 -12.29 36.24 31.26
C TYR B 547 -11.26 36.12 32.39
N LEU B 548 -11.19 37.12 33.29
CA LEU B 548 -10.29 37.07 34.45
C LEU B 548 -10.91 36.21 35.55
N ALA B 549 -12.25 36.32 35.73
CA ALA B 549 -13.03 35.57 36.72
C ALA B 549 -13.09 34.07 36.40
N ASP B 550 -13.32 33.72 35.12
CA ASP B 550 -13.37 32.32 34.66
C ASP B 550 -11.94 31.91 34.26
N GLN B 551 -11.35 31.01 35.06
CA GLN B 551 -9.98 30.52 34.86
C GLN B 551 -9.89 29.43 33.76
N ASN B 552 -11.03 28.80 33.41
CA ASN B 552 -11.11 27.75 32.39
C ASN B 552 -11.05 28.29 30.95
N ILE B 553 -11.76 29.39 30.66
CA ILE B 553 -11.77 30.02 29.33
C ILE B 553 -11.09 31.39 29.33
N ASP B 554 -10.51 31.76 28.19
CA ASP B 554 -9.90 33.06 27.95
C ASP B 554 -10.46 33.62 26.63
N HIS B 555 -10.28 34.91 26.40
CA HIS B 555 -10.75 35.57 25.19
C HIS B 555 -9.86 35.21 24.01
N GLY B 556 -10.47 35.03 22.85
CA GLY B 556 -9.80 34.74 21.59
C GLY B 556 -10.29 35.65 20.50
N PHE B 557 -9.47 35.89 19.47
CA PHE B 557 -9.83 36.73 18.34
C PHE B 557 -10.45 35.89 17.24
N LEU B 558 -11.65 36.26 16.75
CA LEU B 558 -12.31 35.54 15.66
C LEU B 558 -11.58 35.86 14.36
N TYR B 559 -11.30 37.16 14.12
CA TYR B 559 -10.50 37.62 13.00
C TYR B 559 -9.08 37.81 13.55
N PRO B 560 -8.03 37.23 12.90
CA PRO B 560 -6.66 37.44 13.43
C PRO B 560 -6.16 38.86 13.14
N PRO B 561 -5.82 39.65 14.18
CA PRO B 561 -5.41 41.06 13.95
C PRO B 561 -4.22 41.31 13.01
N ALA B 562 -3.21 40.43 13.05
CA ALA B 562 -1.97 40.56 12.28
C ALA B 562 -1.97 39.93 10.87
N ILE B 563 -3.09 39.33 10.41
CA ILE B 563 -3.19 38.68 9.09
C ILE B 563 -3.11 39.68 7.92
N LYS B 564 -3.71 40.89 8.06
CA LYS B 564 -3.75 41.89 7.00
C LYS B 564 -3.27 43.27 7.46
N GLY B 565 -2.80 44.06 6.49
CA GLY B 565 -2.32 45.42 6.70
C GLY B 565 -1.01 45.53 7.44
N ASN B 566 -0.82 46.66 8.15
CA ASN B 566 0.37 46.98 8.92
C ASN B 566 0.11 46.94 10.43
N ASN B 567 0.94 47.64 11.24
CA ASN B 567 0.83 47.72 12.70
C ASN B 567 -0.45 48.43 13.17
N GLU B 568 -0.81 49.55 12.51
CA GLU B 568 -2.01 50.34 12.82
C GLU B 568 -3.29 49.59 12.44
N SER B 569 -3.22 48.71 11.41
CA SER B 569 -4.33 47.89 10.92
C SER B 569 -4.83 46.91 11.97
N GLN B 570 -3.93 46.45 12.87
CA GLN B 570 -4.21 45.52 13.95
C GLN B 570 -5.22 46.07 14.96
N TYR B 571 -5.15 47.40 15.24
CA TYR B 571 -6.02 48.12 16.18
C TYR B 571 -7.52 48.00 15.89
N ASP B 572 -7.88 47.83 14.60
CA ASP B 572 -9.27 47.66 14.14
C ASP B 572 -9.84 46.31 14.55
N ALA B 573 -8.97 45.37 14.94
CA ALA B 573 -9.31 44.03 15.38
C ALA B 573 -9.05 43.81 16.88
N LEU B 574 -8.35 44.74 17.55
CA LEU B 574 -8.06 44.65 18.98
C LEU B 574 -9.19 45.32 19.80
N ILE B 575 -10.45 44.96 19.47
CA ILE B 575 -11.67 45.51 20.08
C ILE B 575 -12.57 44.41 20.65
N THR B 576 -13.46 44.79 21.60
CA THR B 576 -14.41 43.90 22.30
C THR B 576 -15.34 43.10 21.38
N SER B 577 -15.64 43.65 20.20
CA SER B 577 -16.53 43.03 19.22
C SER B 577 -15.87 41.90 18.41
N ASN B 578 -14.53 41.78 18.49
CA ASN B 578 -13.76 40.73 17.80
C ASN B 578 -13.40 39.59 18.76
N LEU B 579 -13.90 39.64 20.00
CA LEU B 579 -13.62 38.63 21.02
C LEU B 579 -14.68 37.54 21.07
N VAL B 580 -14.21 36.29 21.24
CA VAL B 580 -15.03 35.09 21.36
C VAL B 580 -14.51 34.22 22.53
N PRO B 581 -15.38 33.50 23.29
CA PRO B 581 -14.87 32.69 24.40
C PRO B 581 -14.10 31.46 23.92
N MET B 582 -12.87 31.28 24.40
CA MET B 582 -12.04 30.15 23.98
C MET B 582 -11.31 29.43 25.09
N TYR B 583 -11.26 28.11 25.00
CA TYR B 583 -10.53 27.28 25.94
C TYR B 583 -9.05 27.41 25.57
N LYS B 584 -8.16 27.51 26.59
CA LYS B 584 -6.72 27.67 26.39
C LYS B 584 -6.14 26.66 25.38
N GLU B 585 -6.53 25.38 25.49
CA GLU B 585 -6.08 24.30 24.61
C GLU B 585 -6.59 24.46 23.18
N PHE B 586 -7.84 24.93 22.99
CA PHE B 586 -8.42 25.18 21.67
C PHE B 586 -7.71 26.37 21.00
N LYS B 587 -7.36 27.40 21.78
CA LYS B 587 -6.66 28.61 21.31
C LYS B 587 -5.31 28.26 20.67
N LYS B 588 -4.64 27.20 21.16
CA LYS B 588 -3.38 26.71 20.62
C LYS B 588 -3.57 26.21 19.17
N MET B 589 -4.72 25.56 18.90
CA MET B 589 -5.10 25.06 17.56
C MET B 589 -5.54 26.23 16.68
N TRP B 590 -6.37 27.14 17.24
CA TRP B 590 -6.92 28.31 16.57
C TRP B 590 -5.82 29.28 16.11
N ASP B 591 -4.87 29.62 17.00
CA ASP B 591 -3.76 30.50 16.68
C ASP B 591 -2.80 29.88 15.66
N TYR B 592 -2.51 28.56 15.79
CA TYR B 592 -1.64 27.87 14.84
C TYR B 592 -2.24 27.82 13.44
N PHE B 593 -3.57 27.63 13.33
CA PHE B 593 -4.28 27.59 12.06
C PHE B 593 -4.19 28.94 11.33
N HIS B 594 -4.45 30.06 12.04
CA HIS B 594 -4.43 31.39 11.45
C HIS B 594 -3.03 31.96 11.21
N LYS B 595 -2.03 31.53 12.01
CA LYS B 595 -0.65 32.00 11.90
C LYS B 595 0.18 31.21 10.88
N VAL B 596 -0.03 29.88 10.80
CA VAL B 596 0.78 29.01 9.93
C VAL B 596 -0.02 28.40 8.75
N LEU B 597 -1.09 27.64 9.04
CA LEU B 597 -1.90 26.93 8.03
C LEU B 597 -2.63 27.84 7.03
N LEU B 598 -3.24 28.93 7.51
CA LEU B 598 -3.99 29.89 6.69
C LEU B 598 -3.12 30.57 5.64
N ILE B 599 -1.86 30.89 6.00
CA ILE B 599 -0.88 31.50 5.09
C ILE B 599 -0.52 30.48 3.99
N LYS B 600 -0.27 29.21 4.39
CA LYS B 600 0.03 28.08 3.51
C LYS B 600 -1.11 27.87 2.49
N TYR B 601 -2.38 27.93 2.96
CA TYR B 601 -3.55 27.77 2.10
C TYR B 601 -3.71 28.96 1.16
N ALA B 602 -3.43 30.19 1.65
CA ALA B 602 -3.52 31.43 0.86
C ALA B 602 -2.56 31.46 -0.32
N ILE B 603 -1.38 30.83 -0.19
CA ILE B 603 -0.36 30.73 -1.26
C ILE B 603 -0.87 29.74 -2.32
N GLU B 604 -1.34 28.55 -1.88
CA GLU B 604 -1.84 27.45 -2.70
C GLU B 604 -3.01 27.80 -3.64
N ARG B 605 -3.94 28.66 -3.19
CA ARG B 605 -5.11 29.00 -4.01
C ARG B 605 -5.21 30.51 -4.38
N ASN B 606 -4.06 31.21 -4.44
CA ASN B 606 -3.92 32.63 -4.82
C ASN B 606 -4.93 33.52 -4.06
N GLY B 607 -4.74 33.60 -2.75
CA GLY B 607 -5.63 34.33 -1.86
C GLY B 607 -6.81 33.48 -1.44
N VAL B 608 -7.37 33.74 -0.25
CA VAL B 608 -8.51 32.99 0.27
C VAL B 608 -9.44 33.87 1.11
N ASN B 609 -10.77 33.73 0.86
CA ASN B 609 -11.80 34.43 1.63
C ASN B 609 -12.17 33.50 2.78
N VAL B 610 -12.16 34.05 3.99
CA VAL B 610 -12.45 33.31 5.22
C VAL B 610 -13.70 33.88 5.87
N VAL B 611 -14.63 33.00 6.27
CA VAL B 611 -15.83 33.35 7.04
C VAL B 611 -15.77 32.45 8.27
N SER B 612 -15.55 33.06 9.45
CA SER B 612 -15.44 32.33 10.70
C SER B 612 -16.48 32.79 11.70
N GLY B 613 -16.83 31.91 12.65
CA GLY B 613 -17.80 32.22 13.67
C GLY B 613 -18.09 31.10 14.64
N PRO B 614 -18.90 31.37 15.68
CA PRO B 614 -19.21 30.33 16.66
C PRO B 614 -20.40 29.46 16.27
N ILE B 615 -20.46 28.26 16.85
CA ILE B 615 -21.55 27.29 16.66
C ILE B 615 -22.02 26.86 18.03
N PHE B 616 -23.34 26.84 18.22
CA PHE B 616 -23.95 26.39 19.45
C PHE B 616 -24.87 25.22 19.11
N ASP B 617 -24.47 24.00 19.52
CA ASP B 617 -25.25 22.78 19.31
C ASP B 617 -25.09 21.85 20.50
N TYR B 618 -25.58 22.32 21.66
CA TYR B 618 -25.55 21.61 22.94
C TYR B 618 -26.46 20.39 22.94
N ASN B 619 -27.57 20.44 22.17
CA ASN B 619 -28.49 19.31 22.06
C ASN B 619 -28.08 18.38 20.90
N TYR B 620 -26.90 18.64 20.28
CA TYR B 620 -26.25 17.88 19.19
C TYR B 620 -27.24 17.36 18.12
N ASP B 621 -28.11 18.24 17.61
CA ASP B 621 -29.11 17.88 16.61
C ASP B 621 -28.74 18.36 15.18
N GLY B 622 -27.53 18.89 15.02
CA GLY B 622 -27.02 19.40 13.76
C GLY B 622 -27.59 20.75 13.35
N HIS B 623 -28.40 21.35 14.23
CA HIS B 623 -29.04 22.65 14.02
C HIS B 623 -28.55 23.64 15.07
N PHE B 624 -28.60 24.93 14.74
CA PHE B 624 -28.20 26.02 15.65
C PHE B 624 -29.11 26.01 16.87
N ASP B 625 -28.54 26.22 18.06
CA ASP B 625 -29.29 26.25 19.31
C ASP B 625 -30.13 27.49 19.44
N ALA B 626 -31.30 27.35 20.08
CA ALA B 626 -32.18 28.45 20.45
C ALA B 626 -31.58 28.99 21.76
N PRO B 627 -31.77 30.28 22.14
CA PRO B 627 -31.15 30.77 23.39
C PRO B 627 -31.34 29.91 24.63
N ASP B 628 -32.52 29.28 24.79
CA ASP B 628 -32.83 28.40 25.92
C ASP B 628 -32.11 27.03 25.86
N GLU B 629 -31.58 26.66 24.68
CA GLU B 629 -30.87 25.39 24.46
C GLU B 629 -29.40 25.42 24.87
N ILE B 630 -28.79 26.62 24.99
CA ILE B 630 -27.38 26.79 25.39
C ILE B 630 -27.26 26.52 26.89
N THR B 631 -26.41 25.54 27.27
CA THR B 631 -26.24 25.12 28.67
C THR B 631 -24.94 25.60 29.34
N ASN B 632 -23.97 26.15 28.59
CA ASN B 632 -22.72 26.65 29.18
C ASN B 632 -22.43 28.08 28.78
N TYR B 633 -22.07 28.89 29.77
CA TYR B 633 -21.77 30.32 29.63
C TYR B 633 -20.44 30.67 30.31
N VAL B 634 -19.91 31.86 29.99
CA VAL B 634 -18.70 32.42 30.61
C VAL B 634 -19.13 32.73 32.05
N ALA B 635 -18.49 32.08 33.05
CA ALA B 635 -18.80 32.15 34.48
C ALA B 635 -19.29 33.52 34.97
N GLY B 636 -20.50 33.53 35.53
CA GLY B 636 -21.18 34.70 36.05
C GLY B 636 -21.64 35.73 35.04
N THR B 637 -21.71 35.35 33.74
CA THR B 637 -22.12 36.24 32.64
C THR B 637 -23.12 35.54 31.72
N ASP B 638 -23.75 36.30 30.80
CA ASP B 638 -24.70 35.75 29.83
C ASP B 638 -24.04 35.51 28.45
N VAL B 639 -22.68 35.56 28.41
CA VAL B 639 -21.89 35.31 27.19
C VAL B 639 -21.84 33.79 27.00
N PRO B 640 -22.48 33.25 25.93
CA PRO B 640 -22.50 31.78 25.76
C PRO B 640 -21.19 31.17 25.27
N VAL B 641 -20.94 29.91 25.67
CA VAL B 641 -19.74 29.19 25.26
C VAL B 641 -20.05 28.39 23.99
N PRO B 642 -19.32 28.61 22.87
CA PRO B 642 -19.59 27.84 21.65
C PRO B 642 -19.21 26.38 21.79
N THR B 643 -19.97 25.48 21.15
CA THR B 643 -19.68 24.05 21.15
C THR B 643 -18.64 23.77 20.07
N HIS B 644 -18.70 24.55 18.97
CA HIS B 644 -17.83 24.43 17.80
C HIS B 644 -17.50 25.80 17.21
N TYR B 645 -16.50 25.85 16.33
CA TYR B 645 -16.09 27.03 15.58
C TYR B 645 -15.99 26.66 14.11
N PHE B 646 -16.61 27.47 13.25
CA PHE B 646 -16.55 27.23 11.81
C PHE B 646 -15.54 28.12 11.13
N VAL B 647 -14.89 27.60 10.08
CA VAL B 647 -13.94 28.30 9.24
C VAL B 647 -14.25 27.86 7.81
N VAL B 648 -14.87 28.74 7.02
CA VAL B 648 -15.19 28.42 5.63
C VAL B 648 -14.24 29.17 4.70
N LEU B 649 -13.35 28.40 4.04
CA LEU B 649 -12.36 28.94 3.11
C LEU B 649 -12.92 28.89 1.70
N THR B 650 -12.99 30.05 1.04
CA THR B 650 -13.50 30.16 -0.32
C THR B 650 -12.52 30.89 -1.22
N SER B 651 -12.12 30.23 -2.29
CA SER B 651 -11.24 30.76 -3.33
C SER B 651 -11.86 30.37 -4.67
N CYS B 652 -11.13 30.57 -5.78
CA CYS B 652 -11.69 30.20 -7.06
C CYS B 652 -11.06 28.96 -7.65
N LYS B 653 -11.85 28.19 -8.43
CA LYS B 653 -11.43 26.96 -9.11
C LYS B 653 -10.25 27.30 -10.02
N ASN B 654 -10.36 28.39 -10.80
CA ASN B 654 -9.28 28.89 -11.65
C ASN B 654 -8.40 29.72 -10.72
N LYS B 655 -7.20 29.19 -10.40
CA LYS B 655 -6.24 29.81 -9.48
C LYS B 655 -5.59 31.10 -10.02
N THR B 656 -5.87 31.48 -11.28
CA THR B 656 -5.33 32.71 -11.87
C THR B 656 -6.04 33.95 -11.29
N HIS B 657 -7.28 33.76 -10.79
CA HIS B 657 -8.10 34.82 -10.19
C HIS B 657 -8.13 34.74 -8.67
N THR B 658 -8.21 35.92 -8.01
CA THR B 658 -8.31 36.05 -6.56
C THR B 658 -9.78 35.80 -6.15
N PRO B 659 -10.11 35.49 -4.86
CA PRO B 659 -11.52 35.25 -4.50
C PRO B 659 -12.44 36.46 -4.68
N ASP B 660 -11.91 37.69 -4.47
CA ASP B 660 -12.66 38.94 -4.59
C ASP B 660 -12.99 39.33 -6.04
N SER B 661 -12.21 38.83 -7.02
CA SER B 661 -12.45 39.12 -8.44
C SER B 661 -12.39 37.84 -9.27
N CYS B 662 -13.50 37.08 -9.29
CA CYS B 662 -13.56 35.83 -10.05
C CYS B 662 -14.95 35.54 -10.66
N PRO B 663 -15.03 35.27 -11.99
CA PRO B 663 -16.34 35.03 -12.61
C PRO B 663 -16.84 33.58 -12.64
N GLY B 664 -15.92 32.62 -12.63
CA GLY B 664 -16.25 31.19 -12.70
C GLY B 664 -16.65 30.54 -11.39
N TRP B 665 -16.55 29.19 -11.35
CA TRP B 665 -16.87 28.35 -10.20
C TRP B 665 -15.91 28.60 -9.04
N LEU B 666 -16.42 28.47 -7.81
CA LEU B 666 -15.63 28.67 -6.60
C LEU B 666 -15.15 27.33 -6.02
N ASP B 667 -14.08 27.37 -5.22
CA ASP B 667 -13.52 26.20 -4.53
C ASP B 667 -13.65 26.44 -3.04
N VAL B 668 -14.30 25.51 -2.34
CA VAL B 668 -14.57 25.67 -0.91
C VAL B 668 -13.90 24.60 -0.04
N LEU B 669 -13.49 25.02 1.19
CA LEU B 669 -12.87 24.16 2.20
C LEU B 669 -13.43 24.51 3.62
N PRO B 670 -14.62 23.98 3.98
CA PRO B 670 -15.21 24.30 5.29
C PRO B 670 -14.74 23.39 6.43
N PHE B 671 -14.65 23.96 7.65
CA PHE B 671 -14.26 23.26 8.88
C PHE B 671 -15.26 23.54 10.00
N VAL B 672 -15.63 22.51 10.78
CA VAL B 672 -16.51 22.63 11.95
C VAL B 672 -15.75 21.95 13.10
N VAL B 673 -14.80 22.70 13.67
CA VAL B 673 -13.89 22.21 14.71
C VAL B 673 -14.52 22.30 16.10
N PRO B 674 -14.56 21.18 16.87
CA PRO B 674 -15.14 21.24 18.22
C PRO B 674 -14.35 22.13 19.17
N HIS B 675 -15.08 22.91 19.97
CA HIS B 675 -14.50 23.80 20.96
C HIS B 675 -14.48 23.04 22.29
N ARG B 676 -13.39 22.29 22.49
CA ARG B 676 -13.18 21.42 23.65
C ARG B 676 -12.11 21.94 24.63
N PRO B 677 -12.26 21.71 25.96
CA PRO B 677 -11.25 22.19 26.92
C PRO B 677 -9.89 21.51 26.85
N THR B 678 -9.82 20.31 26.23
CA THR B 678 -8.59 19.52 26.07
C THR B 678 -8.41 19.12 24.60
N ASN B 679 -7.17 18.77 24.21
CA ASN B 679 -6.84 18.32 22.86
C ASN B 679 -6.59 16.79 22.84
N VAL B 680 -7.30 16.05 23.73
CA VAL B 680 -7.23 14.60 23.90
C VAL B 680 -7.57 13.84 22.60
N GLU B 681 -8.37 14.46 21.71
CA GLU B 681 -8.75 13.89 20.42
C GLU B 681 -7.55 13.75 19.49
N SER B 682 -6.57 14.67 19.58
CA SER B 682 -5.38 14.70 18.73
C SER B 682 -4.21 13.88 19.28
N CYS B 683 -4.23 13.51 20.59
CA CYS B 683 -3.18 12.79 21.30
C CYS B 683 -1.81 13.50 21.12
N PRO B 684 -1.64 14.76 21.60
CA PRO B 684 -0.37 15.45 21.40
C PRO B 684 0.63 15.15 22.53
N GLU B 685 1.15 13.91 22.56
CA GLU B 685 2.11 13.44 23.56
C GLU B 685 3.45 14.15 23.30
N ASN B 686 3.61 15.36 23.89
CA ASN B 686 4.77 16.26 23.79
C ASN B 686 5.06 16.73 22.33
N LYS B 687 4.25 16.25 21.37
CA LYS B 687 4.34 16.54 19.93
C LYS B 687 4.06 18.01 19.64
N ALA B 688 4.85 18.61 18.73
CA ALA B 688 4.69 20.00 18.33
C ALA B 688 3.47 20.16 17.42
N GLU B 689 2.84 21.35 17.44
CA GLU B 689 1.64 21.74 16.69
C GLU B 689 1.66 21.41 15.18
N ASP B 690 2.85 21.31 14.56
CA ASP B 690 3.00 20.97 13.14
C ASP B 690 2.71 19.49 12.83
N LEU B 691 2.52 18.66 13.86
CA LEU B 691 2.27 17.22 13.73
C LEU B 691 0.83 16.76 14.09
N TRP B 692 -0.05 17.68 14.56
CA TRP B 692 -1.40 17.29 14.96
C TRP B 692 -2.53 18.30 14.72
N VAL B 693 -2.24 19.61 14.65
CA VAL B 693 -3.26 20.67 14.45
C VAL B 693 -3.96 20.55 13.08
N GLU B 694 -3.19 20.45 11.98
CA GLU B 694 -3.74 20.31 10.62
C GLU B 694 -4.56 19.02 10.46
N GLU B 695 -4.07 17.92 11.08
CA GLU B 695 -4.71 16.60 11.09
C GLU B 695 -6.09 16.68 11.77
N ARG B 696 -6.19 17.50 12.85
CA ARG B 696 -7.43 17.70 13.60
C ARG B 696 -8.44 18.52 12.84
N PHE B 697 -7.98 19.57 12.13
CA PHE B 697 -8.83 20.42 11.30
C PHE B 697 -9.38 19.63 10.12
N LYS B 698 -8.51 18.84 9.45
CA LYS B 698 -8.88 17.98 8.32
C LYS B 698 -9.89 16.88 8.68
N ALA B 699 -9.85 16.40 9.93
CA ALA B 699 -10.76 15.39 10.46
C ALA B 699 -12.17 15.97 10.67
N HIS B 700 -12.26 17.30 10.86
CA HIS B 700 -13.51 18.00 11.11
C HIS B 700 -13.95 18.88 9.92
N ILE B 701 -13.64 18.42 8.70
CA ILE B 701 -14.07 19.05 7.45
C ILE B 701 -15.57 18.72 7.31
N ALA B 702 -16.37 19.68 6.82
CA ALA B 702 -17.80 19.50 6.62
C ALA B 702 -18.23 20.17 5.30
N ARG B 703 -19.54 20.14 4.98
CA ARG B 703 -20.09 20.80 3.80
C ARG B 703 -20.49 22.20 4.25
N VAL B 704 -20.68 23.14 3.30
CA VAL B 704 -21.14 24.51 3.63
C VAL B 704 -22.55 24.39 4.26
N ARG B 705 -23.39 23.47 3.72
CA ARG B 705 -24.74 23.18 4.22
C ARG B 705 -24.73 22.80 5.70
N ASP B 706 -23.71 22.01 6.13
CA ASP B 706 -23.54 21.60 7.53
C ASP B 706 -23.32 22.82 8.44
N VAL B 707 -22.44 23.75 8.04
CA VAL B 707 -22.18 24.98 8.82
C VAL B 707 -23.44 25.88 8.80
N GLU B 708 -24.18 25.92 7.65
CA GLU B 708 -25.42 26.68 7.50
C GLU B 708 -26.50 26.25 8.50
N LEU B 709 -26.71 24.93 8.65
CA LEU B 709 -27.70 24.36 9.59
C LEU B 709 -27.28 24.62 11.04
N LEU B 710 -25.97 24.52 11.33
CA LEU B 710 -25.40 24.75 12.66
C LEU B 710 -25.33 26.22 13.08
N THR B 711 -25.51 27.17 12.15
CA THR B 711 -25.43 28.61 12.44
C THR B 711 -26.69 29.41 12.18
N GLY B 712 -27.51 28.95 11.25
CA GLY B 712 -28.71 29.65 10.82
C GLY B 712 -28.34 30.80 9.91
N LEU B 713 -27.24 30.60 9.15
CA LEU B 713 -26.70 31.54 8.18
C LEU B 713 -26.77 30.90 6.79
N ASP B 714 -26.89 31.72 5.74
CA ASP B 714 -26.93 31.24 4.36
C ASP B 714 -25.91 32.04 3.55
N PHE B 715 -24.98 31.33 2.89
CA PHE B 715 -23.87 31.94 2.16
C PHE B 715 -24.06 32.02 0.64
N TYR B 716 -23.18 32.81 -0.03
CA TYR B 716 -23.04 33.01 -1.48
C TYR B 716 -24.32 33.43 -2.24
N GLN B 717 -25.23 34.15 -1.56
CA GLN B 717 -26.48 34.61 -2.19
C GLN B 717 -26.29 35.73 -3.22
N GLU B 718 -25.09 36.36 -3.26
CA GLU B 718 -24.77 37.43 -4.22
C GLU B 718 -23.79 36.98 -5.33
N LYS B 719 -23.58 35.65 -5.47
CA LYS B 719 -22.72 35.09 -6.51
C LYS B 719 -23.55 34.89 -7.78
N THR B 720 -23.14 35.52 -8.91
CA THR B 720 -23.85 35.44 -10.19
C THR B 720 -23.68 34.03 -10.79
N GLN B 721 -24.54 33.10 -10.31
CA GLN B 721 -24.59 31.68 -10.68
C GLN B 721 -25.98 31.14 -10.31
N PRO B 722 -26.55 30.17 -11.07
CA PRO B 722 -27.87 29.62 -10.69
C PRO B 722 -27.83 28.92 -9.33
N VAL B 723 -28.94 28.99 -8.57
CA VAL B 723 -29.10 28.42 -7.22
C VAL B 723 -28.69 26.93 -7.19
N SER B 724 -29.10 26.14 -8.23
CA SER B 724 -28.79 24.72 -8.39
C SER B 724 -27.28 24.45 -8.39
N GLU B 725 -26.50 25.37 -9.01
CA GLU B 725 -25.03 25.29 -9.08
C GLU B 725 -24.41 25.66 -7.74
N ILE B 726 -24.99 26.64 -7.02
CA ILE B 726 -24.54 27.08 -5.70
C ILE B 726 -24.80 25.95 -4.67
N LEU B 727 -25.90 25.19 -4.86
CA LEU B 727 -26.25 24.04 -4.01
C LEU B 727 -25.23 22.90 -4.15
N GLN B 728 -24.63 22.73 -5.36
CA GLN B 728 -23.58 21.74 -5.64
C GLN B 728 -22.34 22.08 -4.81
N LEU B 729 -22.00 23.37 -4.73
CA LEU B 729 -20.87 23.91 -3.96
C LEU B 729 -21.13 23.76 -2.44
N LYS B 730 -22.39 23.99 -2.00
CA LYS B 730 -22.79 23.88 -0.59
C LYS B 730 -22.85 22.44 -0.08
N THR B 731 -23.10 21.47 -0.97
CA THR B 731 -23.19 20.04 -0.63
C THR B 731 -21.85 19.32 -0.84
N TYR B 732 -20.87 20.00 -1.46
CA TYR B 732 -19.53 19.48 -1.73
C TYR B 732 -18.76 19.19 -0.44
N LEU B 733 -18.13 18.01 -0.37
CA LEU B 733 -17.34 17.58 0.76
C LEU B 733 -15.88 17.43 0.31
N PRO B 734 -14.97 18.35 0.72
CA PRO B 734 -13.55 18.21 0.31
C PRO B 734 -12.92 16.96 0.92
N THR B 735 -12.31 16.13 0.06
CA THR B 735 -11.66 14.88 0.46
C THR B 735 -10.16 14.96 0.15
N PHE B 736 -9.32 14.41 1.06
CA PHE B 736 -7.87 14.35 0.91
C PHE B 736 -7.41 12.90 0.91
#